data_8HU2
# 
_entry.id   8HU2 
# 
_audit_conform.dict_name       mmcif_pdbx.dic 
_audit_conform.dict_version    5.383 
_audit_conform.dict_location   http://mmcif.pdb.org/dictionaries/ascii/mmcif_pdbx.dic 
# 
loop_
_database_2.database_id 
_database_2.database_code 
_database_2.pdbx_database_accession 
_database_2.pdbx_DOI 
PDB   8HU2         pdb_00008hu2 10.2210/pdb8hu2/pdb 
WWPDB D_1300034235 ?            ?                   
# 
_pdbx_audit_revision_history.ordinal             1 
_pdbx_audit_revision_history.data_content_type   'Structure model' 
_pdbx_audit_revision_history.major_revision      1 
_pdbx_audit_revision_history.minor_revision      0 
_pdbx_audit_revision_history.revision_date       2024-01-17 
# 
_pdbx_audit_revision_details.ordinal             1 
_pdbx_audit_revision_details.revision_ordinal    1 
_pdbx_audit_revision_details.data_content_type   'Structure model' 
_pdbx_audit_revision_details.provider            repository 
_pdbx_audit_revision_details.type                'Initial release' 
_pdbx_audit_revision_details.description         ? 
_pdbx_audit_revision_details.details             ? 
# 
_pdbx_database_status.status_code                     REL 
_pdbx_database_status.status_code_sf                  REL 
_pdbx_database_status.status_code_mr                  ? 
_pdbx_database_status.entry_id                        8HU2 
_pdbx_database_status.recvd_initial_deposition_date   2022-12-22 
_pdbx_database_status.SG_entry                        N 
_pdbx_database_status.deposit_site                    PDBJ 
_pdbx_database_status.process_site                    PDBJ 
_pdbx_database_status.status_code_cs                  ? 
_pdbx_database_status.status_code_nmr_data            ? 
_pdbx_database_status.methods_development_category    ? 
_pdbx_database_status.pdb_format_compatible           Y 
# 
_pdbx_contact_author.id                 2 
_pdbx_contact_author.email              wtlee@yonsei.ac.kr 
_pdbx_contact_author.name_first         Weontae 
_pdbx_contact_author.name_last          Lee 
_pdbx_contact_author.name_mi            ? 
_pdbx_contact_author.role               'principal investigator/group leader' 
_pdbx_contact_author.identifier_ORCID   0000-0003-2347-1262 
# 
loop_
_audit_author.name 
_audit_author.pdbx_ordinal 
_audit_author.identifier_ORCID 
'Heo, Y.'   1 0000-0002-2233-4306 
'Lee, J.'   2 0000-0001-8801-2011 
'Yun, J.H.' 3 0000-0001-7570-369X 
'Lee, W.'   4 0000-0003-2347-1262 
# 
_citation.abstract                  ? 
_citation.abstract_id_CAS           ? 
_citation.book_id_ISBN              ? 
_citation.book_publisher            ? 
_citation.book_publisher_city       ? 
_citation.book_title                ? 
_citation.coordinate_linkage        ? 
_citation.country                   ? 
_citation.database_id_Medline       ? 
_citation.details                   ? 
_citation.id                        primary 
_citation.journal_abbrev            'To Be Published' 
_citation.journal_id_ASTM           ? 
_citation.journal_id_CSD            0353 
_citation.journal_id_ISSN           ? 
_citation.journal_full              ? 
_citation.journal_issue             ? 
_citation.journal_volume            ? 
_citation.language                  ? 
_citation.page_first                ? 
_citation.page_last                 ? 
_citation.title                     'Crystal structure of STNPDZ with inhibitor at 1.60 Angstroms resolution.' 
_citation.year                      ? 
_citation.database_id_CSD           ? 
_citation.pdbx_database_id_DOI      ? 
_citation.pdbx_database_id_PubMed   ? 
_citation.pdbx_database_id_patent   ? 
_citation.unpublished_flag          ? 
# 
loop_
_citation_author.citation_id 
_citation_author.name 
_citation_author.ordinal 
_citation_author.identifier_ORCID 
primary 'Heo, Y.'   1 0000-0002-2233-4306 
primary 'Lee, J.'   2 0000-0001-8801-2011 
primary 'Yun, J.H.' 3 0000-0001-7570-369X 
primary 'Lee, W.'   4 0000-0003-2347-1262 
# 
loop_
_entity.id 
_entity.type 
_entity.src_method 
_entity.pdbx_description 
_entity.formula_weight 
_entity.pdbx_number_of_molecules 
_entity.pdbx_ec 
_entity.pdbx_mutation 
_entity.pdbx_fragment 
_entity.details 
1 polymer     man Syntenin-1                                                                                                  
17536.158 1   ? None 'PDZ domain' ? 
2 non-polymer syn '(2~{S})-2-(9~{H}-fluoren-9-ylmethoxycarbonylamino)-3-(4-oxidanylidene-5~{H}-pyrimidin-2-yl)propanoic acid' 
405.403   1   ? ?    ?            ? 
3 water       nat water                                                                                                       
18.015    178 ? ?    ?            ? 
# 
_entity_name_com.entity_id   1 
_entity_name_com.name        'Syndecan-binding protein 1' 
# 
_entity_poly.entity_id                      1 
_entity_poly.type                           'polypeptide(L)' 
_entity_poly.nstd_linkage                   no 
_entity_poly.nstd_monomer                   no 
_entity_poly.pdbx_seq_one_letter_code       
;GGIREVILCKDQDGKIGLRLKSVDNGIFVQLVQANSPASLVGLRFGDQVLQINGENCAGWSSDKAHKVLKQAFGEKITMT
IRDRPFERTVTMHKDSSGHVGFIFKSGKITSIVKDSSAARNGLLTDHHICEINGQNVIGLKDAQIADILSTAGTVVTITI
MPA
;
_entity_poly.pdbx_seq_one_letter_code_can   
;GGIREVILCKDQDGKIGLRLKSVDNGIFVQLVQANSPASLVGLRFGDQVLQINGENCAGWSSDKAHKVLKQAFGEKITMT
IRDRPFERTVTMHKDSSGHVGFIFKSGKITSIVKDSSAARNGLLTDHHICEINGQNVIGLKDAQIADILSTAGTVVTITI
MPA
;
_entity_poly.pdbx_strand_id                 A 
_entity_poly.pdbx_target_identifier         ? 
# 
loop_
_pdbx_entity_nonpoly.entity_id 
_pdbx_entity_nonpoly.name 
_pdbx_entity_nonpoly.comp_id 
2 '(2~{S})-2-(9~{H}-fluoren-9-ylmethoxycarbonylamino)-3-(4-oxidanylidene-5~{H}-pyrimidin-2-yl)propanoic acid' M8R 
3 water                                                                                                       HOH 
# 
loop_
_entity_poly_seq.entity_id 
_entity_poly_seq.num 
_entity_poly_seq.mon_id 
_entity_poly_seq.hetero 
1 1   GLY n 
1 2   GLY n 
1 3   ILE n 
1 4   ARG n 
1 5   GLU n 
1 6   VAL n 
1 7   ILE n 
1 8   LEU n 
1 9   CYS n 
1 10  LYS n 
1 11  ASP n 
1 12  GLN n 
1 13  ASP n 
1 14  GLY n 
1 15  LYS n 
1 16  ILE n 
1 17  GLY n 
1 18  LEU n 
1 19  ARG n 
1 20  LEU n 
1 21  LYS n 
1 22  SER n 
1 23  VAL n 
1 24  ASP n 
1 25  ASN n 
1 26  GLY n 
1 27  ILE n 
1 28  PHE n 
1 29  VAL n 
1 30  GLN n 
1 31  LEU n 
1 32  VAL n 
1 33  GLN n 
1 34  ALA n 
1 35  ASN n 
1 36  SER n 
1 37  PRO n 
1 38  ALA n 
1 39  SER n 
1 40  LEU n 
1 41  VAL n 
1 42  GLY n 
1 43  LEU n 
1 44  ARG n 
1 45  PHE n 
1 46  GLY n 
1 47  ASP n 
1 48  GLN n 
1 49  VAL n 
1 50  LEU n 
1 51  GLN n 
1 52  ILE n 
1 53  ASN n 
1 54  GLY n 
1 55  GLU n 
1 56  ASN n 
1 57  CYS n 
1 58  ALA n 
1 59  GLY n 
1 60  TRP n 
1 61  SER n 
1 62  SER n 
1 63  ASP n 
1 64  LYS n 
1 65  ALA n 
1 66  HIS n 
1 67  LYS n 
1 68  VAL n 
1 69  LEU n 
1 70  LYS n 
1 71  GLN n 
1 72  ALA n 
1 73  PHE n 
1 74  GLY n 
1 75  GLU n 
1 76  LYS n 
1 77  ILE n 
1 78  THR n 
1 79  MET n 
1 80  THR n 
1 81  ILE n 
1 82  ARG n 
1 83  ASP n 
1 84  ARG n 
1 85  PRO n 
1 86  PHE n 
1 87  GLU n 
1 88  ARG n 
1 89  THR n 
1 90  VAL n 
1 91  THR n 
1 92  MET n 
1 93  HIS n 
1 94  LYS n 
1 95  ASP n 
1 96  SER n 
1 97  SER n 
1 98  GLY n 
1 99  HIS n 
1 100 VAL n 
1 101 GLY n 
1 102 PHE n 
1 103 ILE n 
1 104 PHE n 
1 105 LYS n 
1 106 SER n 
1 107 GLY n 
1 108 LYS n 
1 109 ILE n 
1 110 THR n 
1 111 SER n 
1 112 ILE n 
1 113 VAL n 
1 114 LYS n 
1 115 ASP n 
1 116 SER n 
1 117 SER n 
1 118 ALA n 
1 119 ALA n 
1 120 ARG n 
1 121 ASN n 
1 122 GLY n 
1 123 LEU n 
1 124 LEU n 
1 125 THR n 
1 126 ASP n 
1 127 HIS n 
1 128 HIS n 
1 129 ILE n 
1 130 CYS n 
1 131 GLU n 
1 132 ILE n 
1 133 ASN n 
1 134 GLY n 
1 135 GLN n 
1 136 ASN n 
1 137 VAL n 
1 138 ILE n 
1 139 GLY n 
1 140 LEU n 
1 141 LYS n 
1 142 ASP n 
1 143 ALA n 
1 144 GLN n 
1 145 ILE n 
1 146 ALA n 
1 147 ASP n 
1 148 ILE n 
1 149 LEU n 
1 150 SER n 
1 151 THR n 
1 152 ALA n 
1 153 GLY n 
1 154 THR n 
1 155 VAL n 
1 156 VAL n 
1 157 THR n 
1 158 ILE n 
1 159 THR n 
1 160 ILE n 
1 161 MET n 
1 162 PRO n 
1 163 ALA n 
# 
_entity_src_gen.entity_id                          1 
_entity_src_gen.pdbx_src_id                        1 
_entity_src_gen.pdbx_alt_source_flag               sample 
_entity_src_gen.pdbx_seq_type                      'Biological sequence' 
_entity_src_gen.pdbx_beg_seq_num                   1 
_entity_src_gen.pdbx_end_seq_num                   163 
_entity_src_gen.gene_src_common_name               'Norway rat' 
_entity_src_gen.gene_src_genus                     ? 
_entity_src_gen.pdbx_gene_src_gene                 Sdcbp 
_entity_src_gen.gene_src_species                   ? 
_entity_src_gen.gene_src_strain                    ? 
_entity_src_gen.gene_src_tissue                    ? 
_entity_src_gen.gene_src_tissue_fraction           ? 
_entity_src_gen.gene_src_details                   ? 
_entity_src_gen.pdbx_gene_src_fragment             ? 
_entity_src_gen.pdbx_gene_src_scientific_name      'Rattus norvegicus' 
_entity_src_gen.pdbx_gene_src_ncbi_taxonomy_id     10116 
_entity_src_gen.pdbx_gene_src_variant              ? 
_entity_src_gen.pdbx_gene_src_cell_line            ? 
_entity_src_gen.pdbx_gene_src_atcc                 ? 
_entity_src_gen.pdbx_gene_src_organ                ? 
_entity_src_gen.pdbx_gene_src_organelle            ? 
_entity_src_gen.pdbx_gene_src_cell                 ? 
_entity_src_gen.pdbx_gene_src_cellular_location    ? 
_entity_src_gen.host_org_common_name               ? 
_entity_src_gen.pdbx_host_org_scientific_name      'Escherichia coli BL21(DE3)' 
_entity_src_gen.pdbx_host_org_ncbi_taxonomy_id     469008 
_entity_src_gen.host_org_genus                     ? 
_entity_src_gen.pdbx_host_org_gene                 ? 
_entity_src_gen.pdbx_host_org_organ                ? 
_entity_src_gen.host_org_species                   ? 
_entity_src_gen.pdbx_host_org_tissue               ? 
_entity_src_gen.pdbx_host_org_tissue_fraction      ? 
_entity_src_gen.pdbx_host_org_strain               ? 
_entity_src_gen.pdbx_host_org_variant              ? 
_entity_src_gen.pdbx_host_org_cell_line            ? 
_entity_src_gen.pdbx_host_org_atcc                 ? 
_entity_src_gen.pdbx_host_org_culture_collection   ? 
_entity_src_gen.pdbx_host_org_cell                 ? 
_entity_src_gen.pdbx_host_org_organelle            ? 
_entity_src_gen.pdbx_host_org_cellular_location    ? 
_entity_src_gen.pdbx_host_org_vector_type          ? 
_entity_src_gen.pdbx_host_org_vector               ? 
_entity_src_gen.host_org_details                   ? 
_entity_src_gen.expression_system_id               ? 
_entity_src_gen.plasmid_name                       ? 
_entity_src_gen.plasmid_details                    ? 
_entity_src_gen.pdbx_description                   ? 
# 
loop_
_chem_comp.id 
_chem_comp.type 
_chem_comp.mon_nstd_flag 
_chem_comp.name 
_chem_comp.pdbx_synonyms 
_chem_comp.formula 
_chem_comp.formula_weight 
ALA 'L-peptide linking' y ALANINE ? 'C3 H7 N O2'     89.093  
ARG 'L-peptide linking' y ARGININE ? 'C6 H15 N4 O2 1' 175.209 
ASN 'L-peptide linking' y ASPARAGINE ? 'C4 H8 N2 O3'    132.118 
ASP 'L-peptide linking' y 'ASPARTIC ACID' ? 'C4 H7 N O4'     133.103 
CYS 'L-peptide linking' y CYSTEINE ? 'C3 H7 N O2 S'   121.158 
GLN 'L-peptide linking' y GLUTAMINE ? 'C5 H10 N2 O3'   146.144 
GLU 'L-peptide linking' y 'GLUTAMIC ACID' ? 'C5 H9 N O4'     147.129 
GLY 'peptide linking'   y GLYCINE ? 'C2 H5 N O2'     75.067  
HIS 'L-peptide linking' y HISTIDINE ? 'C6 H10 N3 O2 1' 156.162 
HOH non-polymer         . WATER ? 'H2 O'           18.015  
ILE 'L-peptide linking' y ISOLEUCINE ? 'C6 H13 N O2'    131.173 
LEU 'L-peptide linking' y LEUCINE ? 'C6 H13 N O2'    131.173 
LYS 'L-peptide linking' y LYSINE ? 'C6 H15 N2 O2 1' 147.195 
M8R non-polymer         . 
'(2~{S})-2-(9~{H}-fluoren-9-ylmethoxycarbonylamino)-3-(4-oxidanylidene-5~{H}-pyrimidin-2-yl)propanoic acid' ? 'C22 H19 N3 O5'  
405.403 
MET 'L-peptide linking' y METHIONINE ? 'C5 H11 N O2 S'  149.211 
PHE 'L-peptide linking' y PHENYLALANINE ? 'C9 H11 N O2'    165.189 
PRO 'L-peptide linking' y PROLINE ? 'C5 H9 N O2'     115.130 
SER 'L-peptide linking' y SERINE ? 'C3 H7 N O3'     105.093 
THR 'L-peptide linking' y THREONINE ? 'C4 H9 N O3'     119.119 
TRP 'L-peptide linking' y TRYPTOPHAN ? 'C11 H12 N2 O2'  204.225 
VAL 'L-peptide linking' y VALINE ? 'C5 H11 N O2'    117.146 
# 
loop_
_pdbx_poly_seq_scheme.asym_id 
_pdbx_poly_seq_scheme.entity_id 
_pdbx_poly_seq_scheme.seq_id 
_pdbx_poly_seq_scheme.mon_id 
_pdbx_poly_seq_scheme.ndb_seq_num 
_pdbx_poly_seq_scheme.pdb_seq_num 
_pdbx_poly_seq_scheme.auth_seq_num 
_pdbx_poly_seq_scheme.pdb_mon_id 
_pdbx_poly_seq_scheme.auth_mon_id 
_pdbx_poly_seq_scheme.pdb_strand_id 
_pdbx_poly_seq_scheme.pdb_ins_code 
_pdbx_poly_seq_scheme.hetero 
A 1 1   GLY 1   112 ?   ?   ?   A . n 
A 1 2   GLY 2   113 113 GLY GLY A . n 
A 1 3   ILE 3   114 114 ILE ILE A . n 
A 1 4   ARG 4   115 115 ARG ARG A . n 
A 1 5   GLU 5   116 116 GLU GLU A . n 
A 1 6   VAL 6   117 117 VAL VAL A . n 
A 1 7   ILE 7   118 118 ILE ILE A . n 
A 1 8   LEU 8   119 119 LEU LEU A . n 
A 1 9   CYS 9   120 120 CYS CYS A . n 
A 1 10  LYS 10  121 121 LYS LYS A . n 
A 1 11  ASP 11  122 122 ASP ASP A . n 
A 1 12  GLN 12  123 123 GLN GLN A . n 
A 1 13  ASP 13  124 124 ASP ASP A . n 
A 1 14  GLY 14  125 125 GLY GLY A . n 
A 1 15  LYS 15  126 126 LYS LYS A . n 
A 1 16  ILE 16  127 127 ILE ILE A . n 
A 1 17  GLY 17  128 128 GLY GLY A . n 
A 1 18  LEU 18  129 129 LEU LEU A . n 
A 1 19  ARG 19  130 130 ARG ARG A . n 
A 1 20  LEU 20  131 131 LEU LEU A . n 
A 1 21  LYS 21  132 132 LYS LYS A . n 
A 1 22  SER 22  133 133 SER SER A . n 
A 1 23  VAL 23  134 134 VAL VAL A . n 
A 1 24  ASP 24  135 135 ASP ASP A . n 
A 1 25  ASN 25  136 136 ASN ASN A . n 
A 1 26  GLY 26  137 137 GLY GLY A . n 
A 1 27  ILE 27  138 138 ILE ILE A . n 
A 1 28  PHE 28  139 139 PHE PHE A . n 
A 1 29  VAL 29  140 140 VAL VAL A . n 
A 1 30  GLN 30  141 141 GLN GLN A . n 
A 1 31  LEU 31  142 142 LEU LEU A . n 
A 1 32  VAL 32  143 143 VAL VAL A . n 
A 1 33  GLN 33  144 144 GLN GLN A . n 
A 1 34  ALA 34  145 145 ALA ALA A . n 
A 1 35  ASN 35  146 146 ASN ASN A . n 
A 1 36  SER 36  147 147 SER SER A . n 
A 1 37  PRO 37  148 148 PRO PRO A . n 
A 1 38  ALA 38  149 149 ALA ALA A . n 
A 1 39  SER 39  150 150 SER SER A . n 
A 1 40  LEU 40  151 151 LEU LEU A . n 
A 1 41  VAL 41  152 152 VAL VAL A . n 
A 1 42  GLY 42  153 153 GLY GLY A . n 
A 1 43  LEU 43  154 154 LEU LEU A . n 
A 1 44  ARG 44  155 155 ARG ARG A . n 
A 1 45  PHE 45  156 156 PHE PHE A . n 
A 1 46  GLY 46  157 157 GLY GLY A . n 
A 1 47  ASP 47  158 158 ASP ASP A . n 
A 1 48  GLN 48  159 159 GLN GLN A . n 
A 1 49  VAL 49  160 160 VAL VAL A . n 
A 1 50  LEU 50  161 161 LEU LEU A . n 
A 1 51  GLN 51  162 162 GLN GLN A . n 
A 1 52  ILE 52  163 163 ILE ILE A . n 
A 1 53  ASN 53  164 164 ASN ASN A . n 
A 1 54  GLY 54  165 165 GLY GLY A . n 
A 1 55  GLU 55  166 166 GLU GLU A . n 
A 1 56  ASN 56  167 167 ASN ASN A . n 
A 1 57  CYS 57  168 168 CYS CYS A . n 
A 1 58  ALA 58  169 169 ALA ALA A . n 
A 1 59  GLY 59  170 170 GLY GLY A . n 
A 1 60  TRP 60  171 171 TRP TRP A . n 
A 1 61  SER 61  172 172 SER SER A . n 
A 1 62  SER 62  173 173 SER SER A . n 
A 1 63  ASP 63  174 174 ASP ASP A . n 
A 1 64  LYS 64  175 175 LYS LYS A . n 
A 1 65  ALA 65  176 176 ALA ALA A . n 
A 1 66  HIS 66  177 177 HIS HIS A . n 
A 1 67  LYS 67  178 178 LYS LYS A . n 
A 1 68  VAL 68  179 179 VAL VAL A . n 
A 1 69  LEU 69  180 180 LEU LEU A . n 
A 1 70  LYS 70  181 181 LYS LYS A . n 
A 1 71  GLN 71  182 182 GLN GLN A . n 
A 1 72  ALA 72  183 183 ALA ALA A . n 
A 1 73  PHE 73  184 184 PHE PHE A . n 
A 1 74  GLY 74  185 185 GLY GLY A . n 
A 1 75  GLU 75  186 186 GLU GLU A . n 
A 1 76  LYS 76  187 187 LYS LYS A . n 
A 1 77  ILE 77  188 188 ILE ILE A . n 
A 1 78  THR 78  189 189 THR THR A . n 
A 1 79  MET 79  190 190 MET MET A . n 
A 1 80  THR 80  191 191 THR THR A . n 
A 1 81  ILE 81  192 192 ILE ILE A . n 
A 1 82  ARG 82  193 193 ARG ARG A . n 
A 1 83  ASP 83  194 194 ASP ASP A . n 
A 1 84  ARG 84  195 195 ARG ARG A . n 
A 1 85  PRO 85  196 196 PRO PRO A . n 
A 1 86  PHE 86  197 197 PHE PHE A . n 
A 1 87  GLU 87  198 198 GLU GLU A . n 
A 1 88  ARG 88  199 199 ARG ARG A . n 
A 1 89  THR 89  200 200 THR THR A . n 
A 1 90  VAL 90  201 201 VAL VAL A . n 
A 1 91  THR 91  202 202 THR THR A . n 
A 1 92  MET 92  203 203 MET MET A . n 
A 1 93  HIS 93  204 204 HIS HIS A . n 
A 1 94  LYS 94  205 205 LYS LYS A . n 
A 1 95  ASP 95  206 206 ASP ASP A . n 
A 1 96  SER 96  207 207 SER SER A . n 
A 1 97  SER 97  208 208 SER SER A . n 
A 1 98  GLY 98  209 209 GLY GLY A . n 
A 1 99  HIS 99  210 210 HIS HIS A . n 
A 1 100 VAL 100 211 211 VAL VAL A . n 
A 1 101 GLY 101 212 212 GLY GLY A . n 
A 1 102 PHE 102 213 213 PHE PHE A . n 
A 1 103 ILE 103 214 214 ILE ILE A . n 
A 1 104 PHE 104 215 215 PHE PHE A . n 
A 1 105 LYS 105 216 216 LYS LYS A . n 
A 1 106 SER 106 217 217 SER SER A . n 
A 1 107 GLY 107 218 218 GLY GLY A . n 
A 1 108 LYS 108 219 219 LYS LYS A . n 
A 1 109 ILE 109 220 220 ILE ILE A . n 
A 1 110 THR 110 221 221 THR THR A . n 
A 1 111 SER 111 222 222 SER SER A . n 
A 1 112 ILE 112 223 223 ILE ILE A . n 
A 1 113 VAL 113 224 224 VAL VAL A . n 
A 1 114 LYS 114 225 225 LYS LYS A . n 
A 1 115 ASP 115 226 226 ASP ASP A . n 
A 1 116 SER 116 227 227 SER SER A . n 
A 1 117 SER 117 228 228 SER SER A . n 
A 1 118 ALA 118 229 229 ALA ALA A . n 
A 1 119 ALA 119 230 230 ALA ALA A . n 
A 1 120 ARG 120 231 231 ARG ARG A . n 
A 1 121 ASN 121 232 232 ASN ASN A . n 
A 1 122 GLY 122 233 233 GLY GLY A . n 
A 1 123 LEU 123 234 234 LEU LEU A . n 
A 1 124 LEU 124 235 235 LEU LEU A . n 
A 1 125 THR 125 236 236 THR THR A . n 
A 1 126 ASP 126 237 237 ASP ASP A . n 
A 1 127 HIS 127 238 238 HIS HIS A . n 
A 1 128 HIS 128 239 239 HIS HIS A . n 
A 1 129 ILE 129 240 240 ILE ILE A . n 
A 1 130 CYS 130 241 241 CYS CYS A . n 
A 1 131 GLU 131 242 242 GLU GLU A . n 
A 1 132 ILE 132 243 243 ILE ILE A . n 
A 1 133 ASN 133 244 244 ASN ASN A . n 
A 1 134 GLY 134 245 245 GLY GLY A . n 
A 1 135 GLN 135 246 246 GLN GLN A . n 
A 1 136 ASN 136 247 247 ASN ASN A . n 
A 1 137 VAL 137 248 248 VAL VAL A . n 
A 1 138 ILE 138 249 249 ILE ILE A . n 
A 1 139 GLY 139 250 250 GLY GLY A . n 
A 1 140 LEU 140 251 251 LEU LEU A . n 
A 1 141 LYS 141 252 252 LYS LYS A . n 
A 1 142 ASP 142 253 253 ASP ASP A . n 
A 1 143 ALA 143 254 254 ALA ALA A . n 
A 1 144 GLN 144 255 255 GLN GLN A . n 
A 1 145 ILE 145 256 256 ILE ILE A . n 
A 1 146 ALA 146 257 257 ALA ALA A . n 
A 1 147 ASP 147 258 258 ASP ASP A . n 
A 1 148 ILE 148 259 259 ILE ILE A . n 
A 1 149 LEU 149 260 260 LEU LEU A . n 
A 1 150 SER 150 261 261 SER SER A . n 
A 1 151 THR 151 262 262 THR THR A . n 
A 1 152 ALA 152 263 263 ALA ALA A . n 
A 1 153 GLY 153 264 264 GLY GLY A . n 
A 1 154 THR 154 265 265 THR THR A . n 
A 1 155 VAL 155 266 266 VAL VAL A . n 
A 1 156 VAL 156 267 267 VAL VAL A . n 
A 1 157 THR 157 268 268 THR THR A . n 
A 1 158 ILE 158 269 269 ILE ILE A . n 
A 1 159 THR 159 270 270 THR THR A . n 
A 1 160 ILE 160 271 271 ILE ILE A . n 
A 1 161 MET 161 272 272 MET MET A . n 
A 1 162 PRO 162 273 273 PRO PRO A . n 
A 1 163 ALA 163 274 274 ALA ALA A . n 
# 
loop_
_pdbx_nonpoly_scheme.asym_id 
_pdbx_nonpoly_scheme.entity_id 
_pdbx_nonpoly_scheme.mon_id 
_pdbx_nonpoly_scheme.ndb_seq_num 
_pdbx_nonpoly_scheme.pdb_seq_num 
_pdbx_nonpoly_scheme.auth_seq_num 
_pdbx_nonpoly_scheme.pdb_mon_id 
_pdbx_nonpoly_scheme.auth_mon_id 
_pdbx_nonpoly_scheme.pdb_strand_id 
_pdbx_nonpoly_scheme.pdb_ins_code 
B 2 M8R 1   301 301 M8R LIG A . 
C 3 HOH 1   401 169 HOH HOH A . 
C 3 HOH 2   402 134 HOH HOH A . 
C 3 HOH 3   403 91  HOH HOH A . 
C 3 HOH 4   404 25  HOH HOH A . 
C 3 HOH 5   405 98  HOH HOH A . 
C 3 HOH 6   406 95  HOH HOH A . 
C 3 HOH 7   407 129 HOH HOH A . 
C 3 HOH 8   408 69  HOH HOH A . 
C 3 HOH 9   409 167 HOH HOH A . 
C 3 HOH 10  410 56  HOH HOH A . 
C 3 HOH 11  411 119 HOH HOH A . 
C 3 HOH 12  412 7   HOH HOH A . 
C 3 HOH 13  413 30  HOH HOH A . 
C 3 HOH 14  414 15  HOH HOH A . 
C 3 HOH 15  415 92  HOH HOH A . 
C 3 HOH 16  416 31  HOH HOH A . 
C 3 HOH 17  417 19  HOH HOH A . 
C 3 HOH 18  418 18  HOH HOH A . 
C 3 HOH 19  419 86  HOH HOH A . 
C 3 HOH 20  420 88  HOH HOH A . 
C 3 HOH 21  421 43  HOH HOH A . 
C 3 HOH 22  422 101 HOH HOH A . 
C 3 HOH 23  423 65  HOH HOH A . 
C 3 HOH 24  424 133 HOH HOH A . 
C 3 HOH 25  425 89  HOH HOH A . 
C 3 HOH 26  426 113 HOH HOH A . 
C 3 HOH 27  427 155 HOH HOH A . 
C 3 HOH 28  428 139 HOH HOH A . 
C 3 HOH 29  429 66  HOH HOH A . 
C 3 HOH 30  430 2   HOH HOH A . 
C 3 HOH 31  431 84  HOH HOH A . 
C 3 HOH 32  432 122 HOH HOH A . 
C 3 HOH 33  433 70  HOH HOH A . 
C 3 HOH 34  434 17  HOH HOH A . 
C 3 HOH 35  435 24  HOH HOH A . 
C 3 HOH 36  436 67  HOH HOH A . 
C 3 HOH 37  437 87  HOH HOH A . 
C 3 HOH 38  438 74  HOH HOH A . 
C 3 HOH 39  439 34  HOH HOH A . 
C 3 HOH 40  440 149 HOH HOH A . 
C 3 HOH 41  441 109 HOH HOH A . 
C 3 HOH 42  442 16  HOH HOH A . 
C 3 HOH 43  443 90  HOH HOH A . 
C 3 HOH 44  444 61  HOH HOH A . 
C 3 HOH 45  445 36  HOH HOH A . 
C 3 HOH 46  446 42  HOH HOH A . 
C 3 HOH 47  447 33  HOH HOH A . 
C 3 HOH 48  448 82  HOH HOH A . 
C 3 HOH 49  449 45  HOH HOH A . 
C 3 HOH 50  450 157 HOH HOH A . 
C 3 HOH 51  451 6   HOH HOH A . 
C 3 HOH 52  452 117 HOH HOH A . 
C 3 HOH 53  453 140 HOH HOH A . 
C 3 HOH 54  454 159 HOH HOH A . 
C 3 HOH 55  455 1   HOH HOH A . 
C 3 HOH 56  456 27  HOH HOH A . 
C 3 HOH 57  457 8   HOH HOH A . 
C 3 HOH 58  458 161 HOH HOH A . 
C 3 HOH 59  459 47  HOH HOH A . 
C 3 HOH 60  460 80  HOH HOH A . 
C 3 HOH 61  461 102 HOH HOH A . 
C 3 HOH 62  462 57  HOH HOH A . 
C 3 HOH 63  463 51  HOH HOH A . 
C 3 HOH 64  464 50  HOH HOH A . 
C 3 HOH 65  465 59  HOH HOH A . 
C 3 HOH 66  466 68  HOH HOH A . 
C 3 HOH 67  467 23  HOH HOH A . 
C 3 HOH 68  468 9   HOH HOH A . 
C 3 HOH 69  469 64  HOH HOH A . 
C 3 HOH 70  470 124 HOH HOH A . 
C 3 HOH 71  471 175 HOH HOH A . 
C 3 HOH 72  472 103 HOH HOH A . 
C 3 HOH 73  473 63  HOH HOH A . 
C 3 HOH 74  474 158 HOH HOH A . 
C 3 HOH 75  475 60  HOH HOH A . 
C 3 HOH 76  476 152 HOH HOH A . 
C 3 HOH 77  477 55  HOH HOH A . 
C 3 HOH 78  478 118 HOH HOH A . 
C 3 HOH 79  479 172 HOH HOH A . 
C 3 HOH 80  480 14  HOH HOH A . 
C 3 HOH 81  481 20  HOH HOH A . 
C 3 HOH 82  482 81  HOH HOH A . 
C 3 HOH 83  483 46  HOH HOH A . 
C 3 HOH 84  484 22  HOH HOH A . 
C 3 HOH 85  485 105 HOH HOH A . 
C 3 HOH 86  486 162 HOH HOH A . 
C 3 HOH 87  487 145 HOH HOH A . 
C 3 HOH 88  488 128 HOH HOH A . 
C 3 HOH 89  489 4   HOH HOH A . 
C 3 HOH 90  490 29  HOH HOH A . 
C 3 HOH 91  491 3   HOH HOH A . 
C 3 HOH 92  492 37  HOH HOH A . 
C 3 HOH 93  493 26  HOH HOH A . 
C 3 HOH 94  494 44  HOH HOH A . 
C 3 HOH 95  495 163 HOH HOH A . 
C 3 HOH 96  496 100 HOH HOH A . 
C 3 HOH 97  497 53  HOH HOH A . 
C 3 HOH 98  498 40  HOH HOH A . 
C 3 HOH 99  499 12  HOH HOH A . 
C 3 HOH 100 500 11  HOH HOH A . 
C 3 HOH 101 501 28  HOH HOH A . 
C 3 HOH 102 502 76  HOH HOH A . 
C 3 HOH 103 503 178 HOH HOH A . 
C 3 HOH 104 504 121 HOH HOH A . 
C 3 HOH 105 505 147 HOH HOH A . 
C 3 HOH 106 506 32  HOH HOH A . 
C 3 HOH 107 507 97  HOH HOH A . 
C 3 HOH 108 508 54  HOH HOH A . 
C 3 HOH 109 509 143 HOH HOH A . 
C 3 HOH 110 510 116 HOH HOH A . 
C 3 HOH 111 511 48  HOH HOH A . 
C 3 HOH 112 512 99  HOH HOH A . 
C 3 HOH 113 513 176 HOH HOH A . 
C 3 HOH 114 514 141 HOH HOH A . 
C 3 HOH 115 515 137 HOH HOH A . 
C 3 HOH 116 516 75  HOH HOH A . 
C 3 HOH 117 517 154 HOH HOH A . 
C 3 HOH 118 518 38  HOH HOH A . 
C 3 HOH 119 519 39  HOH HOH A . 
C 3 HOH 120 520 131 HOH HOH A . 
C 3 HOH 121 521 94  HOH HOH A . 
C 3 HOH 122 522 78  HOH HOH A . 
C 3 HOH 123 523 171 HOH HOH A . 
C 3 HOH 124 524 10  HOH HOH A . 
C 3 HOH 125 525 108 HOH HOH A . 
C 3 HOH 126 526 58  HOH HOH A . 
C 3 HOH 127 527 49  HOH HOH A . 
C 3 HOH 128 528 166 HOH HOH A . 
C 3 HOH 129 529 72  HOH HOH A . 
C 3 HOH 130 530 71  HOH HOH A . 
C 3 HOH 131 531 168 HOH HOH A . 
C 3 HOH 132 532 115 HOH HOH A . 
C 3 HOH 133 533 52  HOH HOH A . 
C 3 HOH 134 534 120 HOH HOH A . 
C 3 HOH 135 535 112 HOH HOH A . 
C 3 HOH 136 536 107 HOH HOH A . 
C 3 HOH 137 537 83  HOH HOH A . 
C 3 HOH 138 538 110 HOH HOH A . 
C 3 HOH 139 539 77  HOH HOH A . 
C 3 HOH 140 540 146 HOH HOH A . 
C 3 HOH 141 541 144 HOH HOH A . 
C 3 HOH 142 542 132 HOH HOH A . 
C 3 HOH 143 543 13  HOH HOH A . 
C 3 HOH 144 544 111 HOH HOH A . 
C 3 HOH 145 545 164 HOH HOH A . 
C 3 HOH 146 546 148 HOH HOH A . 
C 3 HOH 147 547 62  HOH HOH A . 
C 3 HOH 148 548 160 HOH HOH A . 
C 3 HOH 149 549 104 HOH HOH A . 
C 3 HOH 150 550 5   HOH HOH A . 
C 3 HOH 151 551 153 HOH HOH A . 
C 3 HOH 152 552 114 HOH HOH A . 
C 3 HOH 153 553 73  HOH HOH A . 
C 3 HOH 154 554 85  HOH HOH A . 
C 3 HOH 155 555 156 HOH HOH A . 
C 3 HOH 156 556 125 HOH HOH A . 
C 3 HOH 157 557 174 HOH HOH A . 
C 3 HOH 158 558 136 HOH HOH A . 
C 3 HOH 159 559 126 HOH HOH A . 
C 3 HOH 160 560 130 HOH HOH A . 
C 3 HOH 161 561 142 HOH HOH A . 
C 3 HOH 162 562 135 HOH HOH A . 
C 3 HOH 163 563 173 HOH HOH A . 
C 3 HOH 164 564 151 HOH HOH A . 
C 3 HOH 165 565 170 HOH HOH A . 
C 3 HOH 166 566 177 HOH HOH A . 
C 3 HOH 167 567 41  HOH HOH A . 
C 3 HOH 168 568 79  HOH HOH A . 
C 3 HOH 169 569 127 HOH HOH A . 
C 3 HOH 170 570 35  HOH HOH A . 
C 3 HOH 171 571 93  HOH HOH A . 
C 3 HOH 172 572 106 HOH HOH A . 
C 3 HOH 173 573 96  HOH HOH A . 
C 3 HOH 174 574 123 HOH HOH A . 
C 3 HOH 175 575 165 HOH HOH A . 
C 3 HOH 176 576 150 HOH HOH A . 
C 3 HOH 177 577 21  HOH HOH A . 
C 3 HOH 178 578 138 HOH HOH A . 
# 
loop_
_pdbx_unobs_or_zero_occ_atoms.id 
_pdbx_unobs_or_zero_occ_atoms.PDB_model_num 
_pdbx_unobs_or_zero_occ_atoms.polymer_flag 
_pdbx_unobs_or_zero_occ_atoms.occupancy_flag 
_pdbx_unobs_or_zero_occ_atoms.auth_asym_id 
_pdbx_unobs_or_zero_occ_atoms.auth_comp_id 
_pdbx_unobs_or_zero_occ_atoms.auth_seq_id 
_pdbx_unobs_or_zero_occ_atoms.PDB_ins_code 
_pdbx_unobs_or_zero_occ_atoms.auth_atom_id 
_pdbx_unobs_or_zero_occ_atoms.label_alt_id 
_pdbx_unobs_or_zero_occ_atoms.label_asym_id 
_pdbx_unobs_or_zero_occ_atoms.label_comp_id 
_pdbx_unobs_or_zero_occ_atoms.label_seq_id 
_pdbx_unobs_or_zero_occ_atoms.label_atom_id 
1  1 Y 0 A GLN 123 ? CG  ? A GLN 12  CG  
2  1 Y 0 A GLN 123 ? CD  ? A GLN 12  CD  
3  1 Y 0 A GLN 123 ? OE1 ? A GLN 12  OE1 
4  1 Y 0 A GLN 123 ? NE2 ? A GLN 12  NE2 
5  1 Y 0 A LYS 126 ? CD  ? A LYS 15  CD  
6  1 Y 0 A LYS 126 ? CE  ? A LYS 15  CE  
7  1 Y 0 A LYS 126 ? NZ  ? A LYS 15  NZ  
8  1 Y 0 A ARG 130 ? CG  ? A ARG 19  CG  
9  1 Y 0 A ARG 130 ? CD  ? A ARG 19  CD  
10 1 Y 0 A ARG 130 ? NE  ? A ARG 19  NE  
11 1 Y 0 A ARG 130 ? CZ  ? A ARG 19  CZ  
12 1 Y 0 A ARG 130 ? NH1 ? A ARG 19  NH1 
13 1 Y 0 A ARG 130 ? NH2 ? A ARG 19  NH2 
14 1 Y 0 A LYS 178 ? CB  ? A LYS 67  CB  
15 1 Y 0 A LYS 178 ? CG  ? A LYS 67  CG  
16 1 Y 0 A LYS 178 ? CD  ? A LYS 67  CD  
17 1 Y 0 A LYS 178 ? CE  ? A LYS 67  CE  
18 1 Y 0 A LYS 178 ? NZ  ? A LYS 67  NZ  
19 1 Y 0 A PHE 184 ? CG  ? A PHE 73  CG  
20 1 Y 0 A PHE 184 ? CD1 ? A PHE 73  CD1 
21 1 Y 0 A PHE 184 ? CD2 ? A PHE 73  CD2 
22 1 Y 0 A PHE 184 ? CE1 ? A PHE 73  CE1 
23 1 Y 0 A PHE 184 ? CE2 ? A PHE 73  CE2 
24 1 Y 0 A PHE 184 ? CZ  ? A PHE 73  CZ  
25 1 Y 0 A LYS 219 ? CE  ? A LYS 108 CE  
26 1 Y 0 A LYS 219 ? NZ  ? A LYS 108 NZ  
# 
loop_
_software.citation_id 
_software.classification 
_software.compiler_name 
_software.compiler_version 
_software.contact_author 
_software.contact_author_email 
_software.date 
_software.description 
_software.dependencies 
_software.hardware 
_software.language 
_software.location 
_software.mods 
_software.name 
_software.os 
_software.os_version 
_software.type 
_software.version 
_software.pdbx_ordinal 
? refinement       ? ? ? ? ? ? ? ? ? ? ? PHENIX   ? ? ? 1.14_3260 1 
? 'data scaling'   ? ? ? ? ? ? ? ? ? ? ? HKL-2000 ? ? ? .         2 
? 'model building' ? ? ? ? ? ? ? ? ? ? ? PHENIX   ? ? ? 1.14_3260 3 
? 'data reduction' ? ? ? ? ? ? ? ? ? ? ? HKL-2000 ? ? ? .         4 
? phasing          ? ? ? ? ? ? ? ? ? ? ? PHENIX   ? ? ? .         5 
# 
_cell.angle_alpha                  90.000 
_cell.angle_alpha_esd              ? 
_cell.angle_beta                   90.000 
_cell.angle_beta_esd               ? 
_cell.angle_gamma                  120.000 
_cell.angle_gamma_esd              ? 
_cell.entry_id                     8HU2 
_cell.details                      ? 
_cell.formula_units_Z              ? 
_cell.length_a                     71.098 
_cell.length_a_esd                 ? 
_cell.length_b                     71.098 
_cell.length_b_esd                 ? 
_cell.length_c                     73.072 
_cell.length_c_esd                 ? 
_cell.volume                       319886.855 
_cell.volume_esd                   ? 
_cell.Z_PDB                        6 
_cell.reciprocal_angle_alpha       ? 
_cell.reciprocal_angle_beta        ? 
_cell.reciprocal_angle_gamma       ? 
_cell.reciprocal_angle_alpha_esd   ? 
_cell.reciprocal_angle_beta_esd    ? 
_cell.reciprocal_angle_gamma_esd   ? 
_cell.reciprocal_length_a          ? 
_cell.reciprocal_length_b          ? 
_cell.reciprocal_length_c          ? 
_cell.reciprocal_length_a_esd      ? 
_cell.reciprocal_length_b_esd      ? 
_cell.reciprocal_length_c_esd      ? 
_cell.pdbx_unique_axis             ? 
_cell.pdbx_esd_method              ? 
# 
_symmetry.entry_id                         8HU2 
_symmetry.cell_setting                     ? 
_symmetry.Int_Tables_number                152 
_symmetry.space_group_name_Hall            
;P 31 2"
;
_symmetry.space_group_name_H-M             'P 31 2 1' 
_symmetry.pdbx_full_space_group_name_H-M   ? 
# 
_exptl.absorpt_coefficient_mu     ? 
_exptl.absorpt_correction_T_max   ? 
_exptl.absorpt_correction_T_min   ? 
_exptl.absorpt_correction_type    ? 
_exptl.absorpt_process_details    ? 
_exptl.entry_id                   8HU2 
_exptl.crystals_number            1 
_exptl.details                    ? 
_exptl.method                     'X-RAY DIFFRACTION' 
_exptl.method_details             ? 
# 
_exptl_crystal.colour                       ? 
_exptl_crystal.density_diffrn               ? 
_exptl_crystal.density_Matthews             3.04 
_exptl_crystal.density_method               ? 
_exptl_crystal.density_percent_sol          59.54 
_exptl_crystal.description                  ? 
_exptl_crystal.F_000                        ? 
_exptl_crystal.id                           1 
_exptl_crystal.preparation                  ? 
_exptl_crystal.size_max                     ? 
_exptl_crystal.size_mid                     ? 
_exptl_crystal.size_min                     ? 
_exptl_crystal.size_rad                     ? 
_exptl_crystal.colour_lustre                ? 
_exptl_crystal.colour_modifier              ? 
_exptl_crystal.colour_primary               ? 
_exptl_crystal.density_meas                 ? 
_exptl_crystal.density_meas_esd             ? 
_exptl_crystal.density_meas_gt              ? 
_exptl_crystal.density_meas_lt              ? 
_exptl_crystal.density_meas_temp            ? 
_exptl_crystal.density_meas_temp_esd        ? 
_exptl_crystal.density_meas_temp_gt         ? 
_exptl_crystal.density_meas_temp_lt         ? 
_exptl_crystal.pdbx_crystal_image_url       ? 
_exptl_crystal.pdbx_crystal_image_format    ? 
_exptl_crystal.pdbx_mosaicity               ? 
_exptl_crystal.pdbx_mosaicity_esd           ? 
_exptl_crystal.pdbx_mosaic_method           ? 
_exptl_crystal.pdbx_mosaic_block_size       ? 
_exptl_crystal.pdbx_mosaic_block_size_esd   ? 
# 
_exptl_crystal_grow.apparatus       ? 
_exptl_crystal_grow.atmosphere      ? 
_exptl_crystal_grow.crystal_id      1 
_exptl_crystal_grow.details         ? 
_exptl_crystal_grow.method          'VAPOR DIFFUSION, SITTING DROP' 
_exptl_crystal_grow.method_ref      ? 
_exptl_crystal_grow.pH              7.5 
_exptl_crystal_grow.pressure        ? 
_exptl_crystal_grow.pressure_esd    ? 
_exptl_crystal_grow.seeding         ? 
_exptl_crystal_grow.seeding_ref     ? 
_exptl_crystal_grow.temp_details    ? 
_exptl_crystal_grow.temp_esd        ? 
_exptl_crystal_grow.time            ? 
_exptl_crystal_grow.pdbx_details    
'1.2 M sodium phosphate monobasic, 0.8 M potassium phosphate dibasic, 0.1 M CAPS/sodium hydroxide (pH 10.5), 0.2 M lithium sulfate' 
_exptl_crystal_grow.pdbx_pH_range   ? 
_exptl_crystal_grow.temp            289 
# 
_diffrn.ambient_environment              ? 
_diffrn.ambient_temp                     100 
_diffrn.ambient_temp_details             ? 
_diffrn.ambient_temp_esd                 ? 
_diffrn.crystal_id                       1 
_diffrn.crystal_support                  ? 
_diffrn.crystal_treatment                ? 
_diffrn.details                          ? 
_diffrn.id                               1 
_diffrn.ambient_pressure                 ? 
_diffrn.ambient_pressure_esd             ? 
_diffrn.ambient_pressure_gt              ? 
_diffrn.ambient_pressure_lt              ? 
_diffrn.ambient_temp_gt                  ? 
_diffrn.ambient_temp_lt                  ? 
_diffrn.pdbx_serial_crystal_experiment   N 
# 
_diffrn_detector.details                      ? 
_diffrn_detector.detector                     CCD 
_diffrn_detector.diffrn_id                    1 
_diffrn_detector.type                         'ADSC QUANTUM 315r' 
_diffrn_detector.area_resol_mean              ? 
_diffrn_detector.dtime                        ? 
_diffrn_detector.pdbx_frames_total            ? 
_diffrn_detector.pdbx_collection_time_total   ? 
_diffrn_detector.pdbx_collection_date         2022-04-29 
_diffrn_detector.pdbx_frequency               ? 
# 
_diffrn_radiation.collimation                      ? 
_diffrn_radiation.diffrn_id                        1 
_diffrn_radiation.filter_edge                      ? 
_diffrn_radiation.inhomogeneity                    ? 
_diffrn_radiation.monochromator                    ? 
_diffrn_radiation.polarisn_norm                    ? 
_diffrn_radiation.polarisn_ratio                   ? 
_diffrn_radiation.probe                            ? 
_diffrn_radiation.type                             ? 
_diffrn_radiation.xray_symbol                      ? 
_diffrn_radiation.wavelength_id                    1 
_diffrn_radiation.pdbx_monochromatic_or_laue_m_l   M 
_diffrn_radiation.pdbx_wavelength_list             ? 
_diffrn_radiation.pdbx_wavelength                  ? 
_diffrn_radiation.pdbx_diffrn_protocol             'SINGLE WAVELENGTH' 
_diffrn_radiation.pdbx_analyzer                    ? 
_diffrn_radiation.pdbx_scattering_type             x-ray 
# 
_diffrn_radiation_wavelength.id           1 
_diffrn_radiation_wavelength.wavelength   0.9794 
_diffrn_radiation_wavelength.wt           1.0 
# 
_diffrn_source.current                     ? 
_diffrn_source.details                     ? 
_diffrn_source.diffrn_id                   1 
_diffrn_source.power                       ? 
_diffrn_source.size                        ? 
_diffrn_source.source                      SYNCHROTRON 
_diffrn_source.target                      ? 
_diffrn_source.type                        'PAL/PLS BEAMLINE 5C (4A)' 
_diffrn_source.voltage                     ? 
_diffrn_source.take-off_angle              ? 
_diffrn_source.pdbx_wavelength_list        0.9794 
_diffrn_source.pdbx_wavelength             ? 
_diffrn_source.pdbx_synchrotron_beamline   '5C (4A)' 
_diffrn_source.pdbx_synchrotron_site       PAL/PLS 
# 
_reflns.B_iso_Wilson_estimate                          20.75 
_reflns.entry_id                                       8HU2 
_reflns.data_reduction_details                         ? 
_reflns.data_reduction_method                          ? 
_reflns.d_resolution_high                              1.6 
_reflns.d_resolution_low                               47.09 
_reflns.details                                        ? 
_reflns.limit_h_max                                    ? 
_reflns.limit_h_min                                    ? 
_reflns.limit_k_max                                    ? 
_reflns.limit_k_min                                    ? 
_reflns.limit_l_max                                    ? 
_reflns.limit_l_min                                    ? 
_reflns.number_all                                     ? 
_reflns.number_obs                                     28703 
_reflns.observed_criterion                             ? 
_reflns.observed_criterion_F_max                       ? 
_reflns.observed_criterion_F_min                       ? 
_reflns.observed_criterion_I_max                       ? 
_reflns.observed_criterion_I_min                       ? 
_reflns.observed_criterion_sigma_F                     ? 
_reflns.observed_criterion_sigma_I                     ? 
_reflns.percent_possible_obs                           99.81 
_reflns.R_free_details                                 ? 
_reflns.Rmerge_F_all                                   ? 
_reflns.Rmerge_F_obs                                   ? 
_reflns.Friedel_coverage                               ? 
_reflns.number_gt                                      ? 
_reflns.threshold_expression                           ? 
_reflns.pdbx_redundancy                                14.6 
_reflns.pdbx_netI_over_av_sigmaI                       ? 
_reflns.pdbx_netI_over_sigmaI                          34.2 
_reflns.pdbx_res_netI_over_av_sigmaI_2                 ? 
_reflns.pdbx_res_netI_over_sigmaI_2                    ? 
_reflns.pdbx_chi_squared                               ? 
_reflns.pdbx_scaling_rejects                           ? 
_reflns.pdbx_d_res_high_opt                            ? 
_reflns.pdbx_d_res_low_opt                             ? 
_reflns.pdbx_d_res_opt_method                          ? 
_reflns.phase_calculation_details                      ? 
_reflns.pdbx_Rrim_I_all                                ? 
_reflns.pdbx_Rpim_I_all                                ? 
_reflns.pdbx_d_opt                                     ? 
_reflns.pdbx_number_measured_all                       ? 
_reflns.pdbx_diffrn_id                                 1 
_reflns.pdbx_ordinal                                   1 
_reflns.pdbx_CC_half                                   0.998 
_reflns.pdbx_CC_star                                   ? 
_reflns.pdbx_R_split                                   ? 
_reflns.pdbx_Rmerge_I_obs                              0.081 
_reflns.pdbx_Rmerge_I_all                              ? 
_reflns.pdbx_Rsym_value                                ? 
_reflns.pdbx_CC_split_method                           ? 
_reflns.pdbx_aniso_diffraction_limit_axis_1_ortho[1]   ? 
_reflns.pdbx_aniso_diffraction_limit_axis_1_ortho[2]   ? 
_reflns.pdbx_aniso_diffraction_limit_axis_1_ortho[3]   ? 
_reflns.pdbx_aniso_diffraction_limit_axis_2_ortho[1]   ? 
_reflns.pdbx_aniso_diffraction_limit_axis_2_ortho[2]   ? 
_reflns.pdbx_aniso_diffraction_limit_axis_2_ortho[3]   ? 
_reflns.pdbx_aniso_diffraction_limit_axis_3_ortho[1]   ? 
_reflns.pdbx_aniso_diffraction_limit_axis_3_ortho[2]   ? 
_reflns.pdbx_aniso_diffraction_limit_axis_3_ortho[3]   ? 
_reflns.pdbx_aniso_diffraction_limit_1                 ? 
_reflns.pdbx_aniso_diffraction_limit_2                 ? 
_reflns.pdbx_aniso_diffraction_limit_3                 ? 
_reflns.pdbx_aniso_B_tensor_eigenvector_1_ortho[1]     ? 
_reflns.pdbx_aniso_B_tensor_eigenvector_1_ortho[2]     ? 
_reflns.pdbx_aniso_B_tensor_eigenvector_1_ortho[3]     ? 
_reflns.pdbx_aniso_B_tensor_eigenvector_2_ortho[1]     ? 
_reflns.pdbx_aniso_B_tensor_eigenvector_2_ortho[2]     ? 
_reflns.pdbx_aniso_B_tensor_eigenvector_2_ortho[3]     ? 
_reflns.pdbx_aniso_B_tensor_eigenvector_3_ortho[1]     ? 
_reflns.pdbx_aniso_B_tensor_eigenvector_3_ortho[2]     ? 
_reflns.pdbx_aniso_B_tensor_eigenvector_3_ortho[3]     ? 
_reflns.pdbx_aniso_B_tensor_eigenvalue_1               ? 
_reflns.pdbx_aniso_B_tensor_eigenvalue_2               ? 
_reflns.pdbx_aniso_B_tensor_eigenvalue_3               ? 
_reflns.pdbx_orthogonalization_convention              ? 
_reflns.pdbx_percent_possible_ellipsoidal              ? 
_reflns.pdbx_percent_possible_spherical                ? 
_reflns.pdbx_percent_possible_ellipsoidal_anomalous    ? 
_reflns.pdbx_percent_possible_spherical_anomalous      ? 
_reflns.pdbx_redundancy_anomalous                      ? 
_reflns.pdbx_CC_half_anomalous                         ? 
_reflns.pdbx_absDiff_over_sigma_anomalous              ? 
_reflns.pdbx_percent_possible_anomalous                ? 
_reflns.pdbx_observed_signal_threshold                 ? 
_reflns.pdbx_signal_type                               ? 
_reflns.pdbx_signal_details                            ? 
_reflns.pdbx_signal_software_id                        ? 
# 
_reflns_shell.d_res_high                                    1.60 
_reflns_shell.d_res_low                                     1.657 
_reflns_shell.meanI_over_sigI_all                           ? 
_reflns_shell.meanI_over_sigI_obs                           4.93 
_reflns_shell.number_measured_all                           ? 
_reflns_shell.number_measured_obs                           ? 
_reflns_shell.number_possible                               ? 
_reflns_shell.number_unique_all                             ? 
_reflns_shell.number_unique_obs                             1867 
_reflns_shell.percent_possible_obs                          ? 
_reflns_shell.Rmerge_F_all                                  ? 
_reflns_shell.Rmerge_F_obs                                  ? 
_reflns_shell.meanI_over_sigI_gt                            ? 
_reflns_shell.meanI_over_uI_all                             ? 
_reflns_shell.meanI_over_uI_gt                              ? 
_reflns_shell.number_measured_gt                            ? 
_reflns_shell.number_unique_gt                              ? 
_reflns_shell.percent_possible_gt                           ? 
_reflns_shell.Rmerge_F_gt                                   ? 
_reflns_shell.Rmerge_I_gt                                   ? 
_reflns_shell.pdbx_redundancy                               ? 
_reflns_shell.pdbx_chi_squared                              ? 
_reflns_shell.pdbx_netI_over_sigmaI_all                     ? 
_reflns_shell.pdbx_netI_over_sigmaI_obs                     ? 
_reflns_shell.pdbx_Rrim_I_all                               ? 
_reflns_shell.pdbx_Rpim_I_all                               ? 
_reflns_shell.pdbx_rejects                                  ? 
_reflns_shell.pdbx_ordinal                                  1 
_reflns_shell.pdbx_diffrn_id                                1 
_reflns_shell.pdbx_CC_half                                  0.9943 
_reflns_shell.pdbx_CC_star                                  ? 
_reflns_shell.pdbx_R_split                                  ? 
_reflns_shell.percent_possible_all                          ? 
_reflns_shell.Rmerge_I_all                                  ? 
_reflns_shell.Rmerge_I_obs                                  0.449 
_reflns_shell.pdbx_Rsym_value                               ? 
_reflns_shell.pdbx_percent_possible_ellipsoidal             ? 
_reflns_shell.pdbx_percent_possible_spherical               ? 
_reflns_shell.pdbx_percent_possible_ellipsoidal_anomalous   ? 
_reflns_shell.pdbx_percent_possible_spherical_anomalous     ? 
_reflns_shell.pdbx_redundancy_anomalous                     ? 
_reflns_shell.pdbx_CC_half_anomalous                        ? 
_reflns_shell.pdbx_absDiff_over_sigma_anomalous             ? 
_reflns_shell.pdbx_percent_possible_anomalous               ? 
# 
_refine.aniso_B[1][1]                            ? 
_refine.aniso_B[1][2]                            ? 
_refine.aniso_B[1][3]                            ? 
_refine.aniso_B[2][2]                            ? 
_refine.aniso_B[2][3]                            ? 
_refine.aniso_B[3][3]                            ? 
_refine.B_iso_max                                ? 
_refine.B_iso_mean                               25.01 
_refine.B_iso_min                                ? 
_refine.correlation_coeff_Fo_to_Fc               ? 
_refine.correlation_coeff_Fo_to_Fc_free          ? 
_refine.details                                  ? 
_refine.diff_density_max                         ? 
_refine.diff_density_max_esd                     ? 
_refine.diff_density_min                         ? 
_refine.diff_density_min_esd                     ? 
_refine.diff_density_rms                         ? 
_refine.diff_density_rms_esd                     ? 
_refine.entry_id                                 8HU2 
_refine.pdbx_refine_id                           'X-RAY DIFFRACTION' 
_refine.ls_abs_structure_details                 ? 
_refine.ls_abs_structure_Flack                   ? 
_refine.ls_abs_structure_Flack_esd               ? 
_refine.ls_abs_structure_Rogers                  ? 
_refine.ls_abs_structure_Rogers_esd              ? 
_refine.ls_d_res_high                            1.60 
_refine.ls_d_res_low                             47.09 
_refine.ls_extinction_coef                       ? 
_refine.ls_extinction_coef_esd                   ? 
_refine.ls_extinction_expression                 ? 
_refine.ls_extinction_method                     ? 
_refine.ls_goodness_of_fit_all                   ? 
_refine.ls_goodness_of_fit_all_esd               ? 
_refine.ls_goodness_of_fit_obs                   ? 
_refine.ls_goodness_of_fit_obs_esd               ? 
_refine.ls_hydrogen_treatment                    ? 
_refine.ls_matrix_type                           ? 
_refine.ls_number_constraints                    ? 
_refine.ls_number_parameters                     ? 
_refine.ls_number_reflns_all                     ? 
_refine.ls_number_reflns_obs                     28703 
_refine.ls_number_reflns_R_free                  2018 
_refine.ls_number_reflns_R_work                  26685 
_refine.ls_number_restraints                     ? 
_refine.ls_percent_reflns_obs                    99.79 
_refine.ls_percent_reflns_R_free                 7.03 
_refine.ls_R_factor_all                          ? 
_refine.ls_R_factor_obs                          0.2025 
_refine.ls_R_factor_R_free                       0.2336 
_refine.ls_R_factor_R_free_error                 ? 
_refine.ls_R_factor_R_free_error_details         ? 
_refine.ls_R_factor_R_work                       0.2002 
_refine.ls_R_Fsqd_factor_obs                     ? 
_refine.ls_R_I_factor_obs                        ? 
_refine.ls_redundancy_reflns_all                 ? 
_refine.ls_redundancy_reflns_obs                 ? 
_refine.ls_restrained_S_all                      ? 
_refine.ls_restrained_S_obs                      ? 
_refine.ls_shift_over_esd_max                    ? 
_refine.ls_shift_over_esd_mean                   ? 
_refine.ls_structure_factor_coef                 ? 
_refine.ls_weighting_details                     ? 
_refine.ls_weighting_scheme                      ? 
_refine.ls_wR_factor_all                         ? 
_refine.ls_wR_factor_obs                         ? 
_refine.ls_wR_factor_R_free                      ? 
_refine.ls_wR_factor_R_work                      ? 
_refine.occupancy_max                            ? 
_refine.occupancy_min                            ? 
_refine.solvent_model_details                    'FLAT BULK SOLVENT MODEL' 
_refine.solvent_model_param_bsol                 ? 
_refine.solvent_model_param_ksol                 ? 
_refine.pdbx_R_complete                          ? 
_refine.ls_R_factor_gt                           ? 
_refine.ls_goodness_of_fit_gt                    ? 
_refine.ls_goodness_of_fit_ref                   ? 
_refine.ls_shift_over_su_max                     ? 
_refine.ls_shift_over_su_max_lt                  ? 
_refine.ls_shift_over_su_mean                    ? 
_refine.ls_shift_over_su_mean_lt                 ? 
_refine.pdbx_ls_sigma_I                          ? 
_refine.pdbx_ls_sigma_F                          1.47 
_refine.pdbx_ls_sigma_Fsqd                       ? 
_refine.pdbx_data_cutoff_high_absF               ? 
_refine.pdbx_data_cutoff_high_rms_absF           ? 
_refine.pdbx_data_cutoff_low_absF                ? 
_refine.pdbx_isotropic_thermal_model             ? 
_refine.pdbx_ls_cross_valid_method               'FREE R-VALUE' 
_refine.pdbx_method_to_determine_struct          'MOLECULAR REPLACEMENT' 
_refine.pdbx_starting_model                      5G1E 
_refine.pdbx_stereochemistry_target_values       'CDL v1.2' 
_refine.pdbx_R_Free_selection_details            ? 
_refine.pdbx_stereochem_target_val_spec_case     ? 
_refine.pdbx_overall_ESU_R                       ? 
_refine.pdbx_overall_ESU_R_Free                  ? 
_refine.pdbx_solvent_vdw_probe_radii             1.1100 
_refine.pdbx_solvent_ion_probe_radii             ? 
_refine.pdbx_solvent_shrinkage_radii             0.9000 
_refine.pdbx_real_space_R                        ? 
_refine.pdbx_density_correlation                 ? 
_refine.pdbx_pd_number_of_powder_patterns        ? 
_refine.pdbx_pd_number_of_points                 ? 
_refine.pdbx_pd_meas_number_of_points            ? 
_refine.pdbx_pd_proc_ls_prof_R_factor            ? 
_refine.pdbx_pd_proc_ls_prof_wR_factor           ? 
_refine.pdbx_pd_Marquardt_correlation_coeff      ? 
_refine.pdbx_pd_Fsqrd_R_factor                   ? 
_refine.pdbx_pd_ls_matrix_band_width             ? 
_refine.pdbx_overall_phase_error                 21.3885 
_refine.pdbx_overall_SU_R_free_Cruickshank_DPI   ? 
_refine.pdbx_overall_SU_R_free_Blow_DPI          ? 
_refine.pdbx_overall_SU_R_Blow_DPI               ? 
_refine.pdbx_TLS_residual_ADP_flag               ? 
_refine.pdbx_diffrn_id                           1 
_refine.overall_SU_B                             ? 
_refine.overall_SU_ML                            0.1816 
_refine.overall_SU_R_Cruickshank_DPI             ? 
_refine.overall_SU_R_free                        ? 
_refine.overall_FOM_free_R_set                   ? 
_refine.overall_FOM_work_R_set                   ? 
_refine.pdbx_average_fsc_overall                 ? 
_refine.pdbx_average_fsc_work                    ? 
_refine.pdbx_average_fsc_free                    ? 
# 
_refine_hist.pdbx_refine_id                   'X-RAY DIFFRACTION' 
_refine_hist.cycle_id                         LAST 
_refine_hist.details                          ? 
_refine_hist.d_res_high                       1.60 
_refine_hist.d_res_low                        47.09 
_refine_hist.number_atoms_solvent             178 
_refine_hist.number_atoms_total               1431 
_refine_hist.number_reflns_all                ? 
_refine_hist.number_reflns_obs                ? 
_refine_hist.number_reflns_R_free             ? 
_refine_hist.number_reflns_R_work             ? 
_refine_hist.R_factor_all                     ? 
_refine_hist.R_factor_obs                     ? 
_refine_hist.R_factor_R_free                  ? 
_refine_hist.R_factor_R_work                  ? 
_refine_hist.pdbx_number_residues_total       ? 
_refine_hist.pdbx_B_iso_mean_ligand           ? 
_refine_hist.pdbx_B_iso_mean_solvent          ? 
_refine_hist.pdbx_number_atoms_protein        1223 
_refine_hist.pdbx_number_atoms_nucleic_acid   0 
_refine_hist.pdbx_number_atoms_ligand         30 
_refine_hist.pdbx_number_atoms_lipid          ? 
_refine_hist.pdbx_number_atoms_carb           ? 
_refine_hist.pdbx_pseudo_atom_details         ? 
# 
loop_
_refine_ls_restr.pdbx_refine_id 
_refine_ls_restr.criterion 
_refine_ls_restr.dev_ideal 
_refine_ls_restr.dev_ideal_target 
_refine_ls_restr.number 
_refine_ls_restr.rejects 
_refine_ls_restr.type 
_refine_ls_restr.weight 
_refine_ls_restr.pdbx_restraint_function 
'X-RAY DIFFRACTION' ? 0.0052 ? 1271 ? f_bond_d           ? ? 
'X-RAY DIFFRACTION' ? 0.7723 ? 1713 ? f_angle_d          ? ? 
'X-RAY DIFFRACTION' ? 0.0588 ? 200  ? f_chiral_restr     ? ? 
'X-RAY DIFFRACTION' ? 0.0044 ? 218  ? f_plane_restr      ? ? 
'X-RAY DIFFRACTION' ? 7.6036 ? 755  ? f_dihedral_angle_d ? ? 
# 
loop_
_refine_ls_shell.pdbx_refine_id 
_refine_ls_shell.d_res_high 
_refine_ls_shell.d_res_low 
_refine_ls_shell.number_reflns_all 
_refine_ls_shell.number_reflns_obs 
_refine_ls_shell.number_reflns_R_free 
_refine_ls_shell.number_reflns_R_work 
_refine_ls_shell.percent_reflns_obs 
_refine_ls_shell.percent_reflns_R_free 
_refine_ls_shell.R_factor_all 
_refine_ls_shell.R_factor_obs 
_refine_ls_shell.R_factor_R_free_error 
_refine_ls_shell.R_factor_R_work 
_refine_ls_shell.redundancy_reflns_all 
_refine_ls_shell.redundancy_reflns_obs 
_refine_ls_shell.wR_factor_all 
_refine_ls_shell.wR_factor_obs 
_refine_ls_shell.wR_factor_R_free 
_refine_ls_shell.wR_factor_R_work 
_refine_ls_shell.pdbx_R_complete 
_refine_ls_shell.pdbx_total_number_of_bins_used 
_refine_ls_shell.pdbx_phase_error 
_refine_ls_shell.pdbx_fsc_work 
_refine_ls_shell.pdbx_fsc_free 
_refine_ls_shell.R_factor_R_free 
'X-RAY DIFFRACTION' 1.60 1.64  . . 141 1854 98.96  . . . . 0.2910 . . . . . . . . . . . 0.3029 
'X-RAY DIFFRACTION' 1.64 1.68  . . 144 1891 99.95  . . . . 0.2681 . . . . . . . . . . . 0.2708 
'X-RAY DIFFRACTION' 1.68 1.73  . . 143 1889 99.90  . . . . 0.2298 . . . . . . . . . . . 0.2651 
'X-RAY DIFFRACTION' 1.73 1.79  . . 139 1898 99.90  . . . . 0.2121 . . . . . . . . . . . 0.2253 
'X-RAY DIFFRACTION' 1.79 1.85  . . 142 1881 99.95  . . . . 0.2055 . . . . . . . . . . . 0.2478 
'X-RAY DIFFRACTION' 1.85 1.93  . . 141 1901 99.90  . . . . 0.1956 . . . . . . . . . . . 0.2299 
'X-RAY DIFFRACTION' 1.93 2.01  . . 142 1857 100.00 . . . . 0.1852 . . . . . . . . . . . 0.2273 
'X-RAY DIFFRACTION' 2.01 2.12  . . 144 1899 99.80  . . . . 0.1789 . . . . . . . . . . . 0.2290 
'X-RAY DIFFRACTION' 2.12 2.25  . . 145 1892 99.76  . . . . 0.1908 . . . . . . . . . . . 0.2270 
'X-RAY DIFFRACTION' 2.25 2.43  . . 147 1932 100.00 . . . . 0.1984 . . . . . . . . . . . 0.2360 
'X-RAY DIFFRACTION' 2.43 2.67  . . 143 1902 99.95  . . . . 0.1999 . . . . . . . . . . . 0.2176 
'X-RAY DIFFRACTION' 2.67 3.06  . . 149 1925 99.95  . . . . 0.2063 . . . . . . . . . . . 0.2438 
'X-RAY DIFFRACTION' 3.06 3.85  . . 143 1941 99.86  . . . . 0.1881 . . . . . . . . . . . 0.2213 
'X-RAY DIFFRACTION' 3.85 47.09 . . 155 2023 99.27  . . . . 0.1987 . . . . . . . . . . . 0.2338 
# 
_struct.entry_id                     8HU2 
_struct.title                        'Rattus Syntenin-1 PDZ domain with inhibitor' 
_struct.pdbx_model_details           ? 
_struct.pdbx_formula_weight          ? 
_struct.pdbx_formula_weight_method   ? 
_struct.pdbx_model_type_details      ? 
_struct.pdbx_CASP_flag               N 
# 
_struct_keywords.entry_id        8HU2 
_struct_keywords.text            'Inhibitor, Complex, SIGNALING PROTEIN-INHIBITOR complex' 
_struct_keywords.pdbx_keywords   'SIGNALING PROTEIN/INHIBITOR' 
# 
loop_
_struct_asym.id 
_struct_asym.pdbx_blank_PDB_chainid_flag 
_struct_asym.pdbx_modified 
_struct_asym.entity_id 
_struct_asym.details 
A N N 1 ? 
B N N 2 ? 
C N N 3 ? 
# 
_struct_ref.id                         1 
_struct_ref.db_name                    UNP 
_struct_ref.db_code                    SDCB1_RAT 
_struct_ref.pdbx_db_accession          Q9JI92 
_struct_ref.pdbx_db_isoform            ? 
_struct_ref.entity_id                  1 
_struct_ref.pdbx_seq_one_letter_code   
;GIREVILCKDQDGKIGLRLKSVDNGIFVQLVQANSPASLVGLRFGDQVLQINGENCAGWSSDKAHKVLKQAFGEKITMTI
RDRPFERTVTMHKDSSGHVGFIFKSGKITSIVKDSSAARNGLLTDHHICEINGQNVIGLKDAQIADILSTAGTVVTITIM
PA
;
_struct_ref.pdbx_align_begin           113 
# 
_struct_ref_seq.align_id                      1 
_struct_ref_seq.ref_id                        1 
_struct_ref_seq.pdbx_PDB_id_code              8HU2 
_struct_ref_seq.pdbx_strand_id                A 
_struct_ref_seq.seq_align_beg                 2 
_struct_ref_seq.pdbx_seq_align_beg_ins_code   ? 
_struct_ref_seq.seq_align_end                 163 
_struct_ref_seq.pdbx_seq_align_end_ins_code   ? 
_struct_ref_seq.pdbx_db_accession             Q9JI92 
_struct_ref_seq.db_align_beg                  113 
_struct_ref_seq.pdbx_db_align_beg_ins_code    ? 
_struct_ref_seq.db_align_end                  274 
_struct_ref_seq.pdbx_db_align_end_ins_code    ? 
_struct_ref_seq.pdbx_auth_seq_align_beg       113 
_struct_ref_seq.pdbx_auth_seq_align_end       274 
# 
_struct_ref_seq_dif.align_id                     1 
_struct_ref_seq_dif.pdbx_pdb_id_code             8HU2 
_struct_ref_seq_dif.mon_id                       GLY 
_struct_ref_seq_dif.pdbx_pdb_strand_id           A 
_struct_ref_seq_dif.seq_num                      1 
_struct_ref_seq_dif.pdbx_pdb_ins_code            ? 
_struct_ref_seq_dif.pdbx_seq_db_name             UNP 
_struct_ref_seq_dif.pdbx_seq_db_accession_code   Q9JI92 
_struct_ref_seq_dif.db_mon_id                    ? 
_struct_ref_seq_dif.pdbx_seq_db_seq_num          ? 
_struct_ref_seq_dif.details                      'expression tag' 
_struct_ref_seq_dif.pdbx_auth_seq_num            112 
_struct_ref_seq_dif.pdbx_ordinal                 1 
# 
_pdbx_struct_assembly.id                   1 
_pdbx_struct_assembly.details              author_defined_assembly 
_pdbx_struct_assembly.method_details       ? 
_pdbx_struct_assembly.oligomeric_details   monomeric 
_pdbx_struct_assembly.oligomeric_count     1 
# 
_pdbx_struct_assembly_gen.assembly_id       1 
_pdbx_struct_assembly_gen.oper_expression   1 
_pdbx_struct_assembly_gen.asym_id_list      A,B,C 
# 
_pdbx_struct_assembly_auth_evidence.id                     1 
_pdbx_struct_assembly_auth_evidence.assembly_id            1 
_pdbx_struct_assembly_auth_evidence.experimental_support   'gel filtration' 
_pdbx_struct_assembly_auth_evidence.details                
;The calculated molecular weight of the syntenin-1 PDZ domain by gel filtration is almost similar to the molecular weight of the syntenin-1 PDZ domain monomer.
;
# 
_pdbx_struct_oper_list.id                   1 
_pdbx_struct_oper_list.type                 'identity operation' 
_pdbx_struct_oper_list.name                 1_555 
_pdbx_struct_oper_list.symmetry_operation   x,y,z 
_pdbx_struct_oper_list.matrix[1][1]         1.0000000000 
_pdbx_struct_oper_list.matrix[1][2]         0.0000000000 
_pdbx_struct_oper_list.matrix[1][3]         0.0000000000 
_pdbx_struct_oper_list.vector[1]            0.0000000000 
_pdbx_struct_oper_list.matrix[2][1]         0.0000000000 
_pdbx_struct_oper_list.matrix[2][2]         1.0000000000 
_pdbx_struct_oper_list.matrix[2][3]         0.0000000000 
_pdbx_struct_oper_list.vector[2]            0.0000000000 
_pdbx_struct_oper_list.matrix[3][1]         0.0000000000 
_pdbx_struct_oper_list.matrix[3][2]         0.0000000000 
_pdbx_struct_oper_list.matrix[3][3]         1.0000000000 
_pdbx_struct_oper_list.vector[3]            0.0000000000 
# 
loop_
_struct_conf.conf_type_id 
_struct_conf.id 
_struct_conf.pdbx_PDB_helix_id 
_struct_conf.beg_label_comp_id 
_struct_conf.beg_label_asym_id 
_struct_conf.beg_label_seq_id 
_struct_conf.pdbx_beg_PDB_ins_code 
_struct_conf.end_label_comp_id 
_struct_conf.end_label_asym_id 
_struct_conf.end_label_seq_id 
_struct_conf.pdbx_end_PDB_ins_code 
_struct_conf.beg_auth_comp_id 
_struct_conf.beg_auth_asym_id 
_struct_conf.beg_auth_seq_id 
_struct_conf.end_auth_comp_id 
_struct_conf.end_auth_asym_id 
_struct_conf.end_auth_seq_id 
_struct_conf.pdbx_PDB_helix_class 
_struct_conf.details 
_struct_conf.pdbx_PDB_helix_length 
HELX_P HELX_P1 AA1 SER A 36  ? VAL A 41  ? SER A 147 VAL A 152 1 ? 6  
HELX_P HELX_P2 AA2 SER A 61  ? ALA A 72  ? SER A 172 ALA A 183 1 ? 12 
HELX_P HELX_P3 AA3 SER A 116 ? ASN A 121 ? SER A 227 ASN A 232 1 ? 6  
HELX_P HELX_P4 AA4 LYS A 141 ? ALA A 152 ? LYS A 252 ALA A 263 1 ? 12 
# 
_struct_conf_type.id          HELX_P 
_struct_conf_type.criteria    ? 
_struct_conf_type.reference   ? 
# 
loop_
_struct_sheet.id 
_struct_sheet.type 
_struct_sheet.number_strands 
_struct_sheet.details 
AA1 ? 4 ? 
AA2 ? 2 ? 
AA3 ? 5 ? 
AA4 ? 4 ? 
# 
loop_
_struct_sheet_order.sheet_id 
_struct_sheet_order.range_id_1 
_struct_sheet_order.range_id_2 
_struct_sheet_order.offset 
_struct_sheet_order.sense 
AA1 1 2 ? anti-parallel 
AA1 2 3 ? anti-parallel 
AA1 3 4 ? anti-parallel 
AA2 1 2 ? anti-parallel 
AA3 1 2 ? anti-parallel 
AA3 2 3 ? anti-parallel 
AA3 3 4 ? anti-parallel 
AA3 4 5 ? anti-parallel 
AA4 1 2 ? anti-parallel 
AA4 2 3 ? anti-parallel 
AA4 3 4 ? anti-parallel 
# 
loop_
_struct_sheet_range.sheet_id 
_struct_sheet_range.id 
_struct_sheet_range.beg_label_comp_id 
_struct_sheet_range.beg_label_asym_id 
_struct_sheet_range.beg_label_seq_id 
_struct_sheet_range.pdbx_beg_PDB_ins_code 
_struct_sheet_range.end_label_comp_id 
_struct_sheet_range.end_label_asym_id 
_struct_sheet_range.end_label_seq_id 
_struct_sheet_range.pdbx_end_PDB_ins_code 
_struct_sheet_range.beg_auth_comp_id 
_struct_sheet_range.beg_auth_asym_id 
_struct_sheet_range.beg_auth_seq_id 
_struct_sheet_range.end_auth_comp_id 
_struct_sheet_range.end_auth_asym_id 
_struct_sheet_range.end_auth_seq_id 
AA1 1 ILE A 3   ? CYS A 9   ? ILE A 114 CYS A 120 
AA1 2 LYS A 76  ? ARG A 82  ? LYS A 187 ARG A 193 
AA1 3 GLN A 48  ? ILE A 52  ? GLN A 159 ILE A 163 
AA1 4 GLU A 55  ? ASN A 56  ? GLU A 166 ASN A 167 
AA2 1 LEU A 18  ? VAL A 23  ? LEU A 129 VAL A 134 
AA2 2 GLY A 26  ? VAL A 32  ? GLY A 137 VAL A 143 
AA3 1 ARG A 88  ? HIS A 93  ? ARG A 199 HIS A 204 
AA3 2 VAL A 155 ? PRO A 162 ? VAL A 266 PRO A 273 
AA3 3 HIS A 127 ? ILE A 132 ? HIS A 238 ILE A 243 
AA3 4 LYS A 108 ? ILE A 112 ? LYS A 219 ILE A 223 
AA3 5 PHE A 102 ? LYS A 105 ? PHE A 213 LYS A 216 
AA4 1 ARG A 88  ? HIS A 93  ? ARG A 199 HIS A 204 
AA4 2 VAL A 155 ? PRO A 162 ? VAL A 266 PRO A 273 
AA4 3 HIS A 127 ? ILE A 132 ? HIS A 238 ILE A 243 
AA4 4 GLN A 135 ? ASN A 136 ? GLN A 246 ASN A 247 
# 
loop_
_pdbx_struct_sheet_hbond.sheet_id 
_pdbx_struct_sheet_hbond.range_id_1 
_pdbx_struct_sheet_hbond.range_id_2 
_pdbx_struct_sheet_hbond.range_1_label_atom_id 
_pdbx_struct_sheet_hbond.range_1_label_comp_id 
_pdbx_struct_sheet_hbond.range_1_label_asym_id 
_pdbx_struct_sheet_hbond.range_1_label_seq_id 
_pdbx_struct_sheet_hbond.range_1_PDB_ins_code 
_pdbx_struct_sheet_hbond.range_1_auth_atom_id 
_pdbx_struct_sheet_hbond.range_1_auth_comp_id 
_pdbx_struct_sheet_hbond.range_1_auth_asym_id 
_pdbx_struct_sheet_hbond.range_1_auth_seq_id 
_pdbx_struct_sheet_hbond.range_2_label_atom_id 
_pdbx_struct_sheet_hbond.range_2_label_comp_id 
_pdbx_struct_sheet_hbond.range_2_label_asym_id 
_pdbx_struct_sheet_hbond.range_2_label_seq_id 
_pdbx_struct_sheet_hbond.range_2_PDB_ins_code 
_pdbx_struct_sheet_hbond.range_2_auth_atom_id 
_pdbx_struct_sheet_hbond.range_2_auth_comp_id 
_pdbx_struct_sheet_hbond.range_2_auth_asym_id 
_pdbx_struct_sheet_hbond.range_2_auth_seq_id 
AA1 1 2 N ARG A 4   ? N ARG A 115 O ILE A 81  ? O ILE A 192 
AA1 2 3 O ARG A 82  ? O ARG A 193 N GLN A 48  ? N GLN A 159 
AA1 3 4 N ILE A 52  ? N ILE A 163 O GLU A 55  ? O GLU A 166 
AA2 1 2 N ARG A 19  ? N ARG A 130 O GLN A 30  ? O GLN A 141 
AA3 1 2 N ARG A 88  ? N ARG A 199 O ILE A 160 ? O ILE A 271 
AA3 2 3 O MET A 161 ? O MET A 272 N HIS A 128 ? N HIS A 239 
AA3 3 4 O HIS A 127 ? O HIS A 238 N ILE A 109 ? N ILE A 220 
AA3 4 5 O THR A 110 ? O THR A 221 N ILE A 103 ? N ILE A 214 
AA4 1 2 N ARG A 88  ? N ARG A 199 O ILE A 160 ? O ILE A 271 
AA4 2 3 O MET A 161 ? O MET A 272 N HIS A 128 ? N HIS A 239 
AA4 3 4 N ILE A 132 ? N ILE A 243 O GLN A 135 ? O GLN A 246 
# 
loop_
_pdbx_validate_close_contact.id 
_pdbx_validate_close_contact.PDB_model_num 
_pdbx_validate_close_contact.auth_atom_id_1 
_pdbx_validate_close_contact.auth_asym_id_1 
_pdbx_validate_close_contact.auth_comp_id_1 
_pdbx_validate_close_contact.auth_seq_id_1 
_pdbx_validate_close_contact.PDB_ins_code_1 
_pdbx_validate_close_contact.label_alt_id_1 
_pdbx_validate_close_contact.auth_atom_id_2 
_pdbx_validate_close_contact.auth_asym_id_2 
_pdbx_validate_close_contact.auth_comp_id_2 
_pdbx_validate_close_contact.auth_seq_id_2 
_pdbx_validate_close_contact.PDB_ins_code_2 
_pdbx_validate_close_contact.label_alt_id_2 
_pdbx_validate_close_contact.dist 
1 1 O A HOH 509 ? ? O A HOH 515 ? ? 2.17 
2 1 O A HOH 402 ? ? O A HOH 558 ? ? 2.17 
# 
_pdbx_validate_torsion.id              1 
_pdbx_validate_torsion.PDB_model_num   1 
_pdbx_validate_torsion.auth_comp_id    ARG 
_pdbx_validate_torsion.auth_asym_id    A 
_pdbx_validate_torsion.auth_seq_id     195 
_pdbx_validate_torsion.PDB_ins_code    ? 
_pdbx_validate_torsion.label_alt_id    ? 
_pdbx_validate_torsion.phi             9.69 
_pdbx_validate_torsion.psi             77.77 
# 
_pdbx_struct_special_symmetry.id              1 
_pdbx_struct_special_symmetry.PDB_model_num   1 
_pdbx_struct_special_symmetry.auth_asym_id    A 
_pdbx_struct_special_symmetry.auth_comp_id    HOH 
_pdbx_struct_special_symmetry.auth_seq_id     571 
_pdbx_struct_special_symmetry.PDB_ins_code    ? 
_pdbx_struct_special_symmetry.label_asym_id   C 
_pdbx_struct_special_symmetry.label_comp_id   HOH 
_pdbx_struct_special_symmetry.label_seq_id    . 
# 
loop_
_space_group_symop.id 
_space_group_symop.operation_xyz 
1 x,y,z          
2 -y,x-y,z+1/3   
3 -x+y,-x,z+2/3  
4 x-y,-y,-z+2/3  
5 -x,-x+y,-z+1/3 
6 y,x,-z         
# 
_pdbx_entry_details.entry_id                 8HU2 
_pdbx_entry_details.has_ligand_of_interest   Y 
_pdbx_entry_details.compound_details         ? 
_pdbx_entry_details.source_details           ? 
_pdbx_entry_details.nonpolymer_details       ? 
_pdbx_entry_details.sequence_details         ? 
# 
_pdbx_unobs_or_zero_occ_residues.id               1 
_pdbx_unobs_or_zero_occ_residues.PDB_model_num    1 
_pdbx_unobs_or_zero_occ_residues.polymer_flag     Y 
_pdbx_unobs_or_zero_occ_residues.occupancy_flag   1 
_pdbx_unobs_or_zero_occ_residues.auth_asym_id     A 
_pdbx_unobs_or_zero_occ_residues.auth_comp_id     GLY 
_pdbx_unobs_or_zero_occ_residues.auth_seq_id      112 
_pdbx_unobs_or_zero_occ_residues.PDB_ins_code     ? 
_pdbx_unobs_or_zero_occ_residues.label_asym_id    A 
_pdbx_unobs_or_zero_occ_residues.label_comp_id    GLY 
_pdbx_unobs_or_zero_occ_residues.label_seq_id     1 
# 
loop_
_chem_comp_atom.comp_id 
_chem_comp_atom.atom_id 
_chem_comp_atom.type_symbol 
_chem_comp_atom.pdbx_aromatic_flag 
_chem_comp_atom.pdbx_stereo_config 
_chem_comp_atom.pdbx_ordinal 
ALA N    N N N 1   
ALA CA   C N S 2   
ALA C    C N N 3   
ALA O    O N N 4   
ALA CB   C N N 5   
ALA OXT  O N N 6   
ALA H    H N N 7   
ALA H2   H N N 8   
ALA HA   H N N 9   
ALA HB1  H N N 10  
ALA HB2  H N N 11  
ALA HB3  H N N 12  
ALA HXT  H N N 13  
ARG N    N N N 14  
ARG CA   C N S 15  
ARG C    C N N 16  
ARG O    O N N 17  
ARG CB   C N N 18  
ARG CG   C N N 19  
ARG CD   C N N 20  
ARG NE   N N N 21  
ARG CZ   C N N 22  
ARG NH1  N N N 23  
ARG NH2  N N N 24  
ARG OXT  O N N 25  
ARG H    H N N 26  
ARG H2   H N N 27  
ARG HA   H N N 28  
ARG HB2  H N N 29  
ARG HB3  H N N 30  
ARG HG2  H N N 31  
ARG HG3  H N N 32  
ARG HD2  H N N 33  
ARG HD3  H N N 34  
ARG HE   H N N 35  
ARG HH11 H N N 36  
ARG HH12 H N N 37  
ARG HH21 H N N 38  
ARG HH22 H N N 39  
ARG HXT  H N N 40  
ASN N    N N N 41  
ASN CA   C N S 42  
ASN C    C N N 43  
ASN O    O N N 44  
ASN CB   C N N 45  
ASN CG   C N N 46  
ASN OD1  O N N 47  
ASN ND2  N N N 48  
ASN OXT  O N N 49  
ASN H    H N N 50  
ASN H2   H N N 51  
ASN HA   H N N 52  
ASN HB2  H N N 53  
ASN HB3  H N N 54  
ASN HD21 H N N 55  
ASN HD22 H N N 56  
ASN HXT  H N N 57  
ASP N    N N N 58  
ASP CA   C N S 59  
ASP C    C N N 60  
ASP O    O N N 61  
ASP CB   C N N 62  
ASP CG   C N N 63  
ASP OD1  O N N 64  
ASP OD2  O N N 65  
ASP OXT  O N N 66  
ASP H    H N N 67  
ASP H2   H N N 68  
ASP HA   H N N 69  
ASP HB2  H N N 70  
ASP HB3  H N N 71  
ASP HD2  H N N 72  
ASP HXT  H N N 73  
CYS N    N N N 74  
CYS CA   C N R 75  
CYS C    C N N 76  
CYS O    O N N 77  
CYS CB   C N N 78  
CYS SG   S N N 79  
CYS OXT  O N N 80  
CYS H    H N N 81  
CYS H2   H N N 82  
CYS HA   H N N 83  
CYS HB2  H N N 84  
CYS HB3  H N N 85  
CYS HG   H N N 86  
CYS HXT  H N N 87  
GLN N    N N N 88  
GLN CA   C N S 89  
GLN C    C N N 90  
GLN O    O N N 91  
GLN CB   C N N 92  
GLN CG   C N N 93  
GLN CD   C N N 94  
GLN OE1  O N N 95  
GLN NE2  N N N 96  
GLN OXT  O N N 97  
GLN H    H N N 98  
GLN H2   H N N 99  
GLN HA   H N N 100 
GLN HB2  H N N 101 
GLN HB3  H N N 102 
GLN HG2  H N N 103 
GLN HG3  H N N 104 
GLN HE21 H N N 105 
GLN HE22 H N N 106 
GLN HXT  H N N 107 
GLU N    N N N 108 
GLU CA   C N S 109 
GLU C    C N N 110 
GLU O    O N N 111 
GLU CB   C N N 112 
GLU CG   C N N 113 
GLU CD   C N N 114 
GLU OE1  O N N 115 
GLU OE2  O N N 116 
GLU OXT  O N N 117 
GLU H    H N N 118 
GLU H2   H N N 119 
GLU HA   H N N 120 
GLU HB2  H N N 121 
GLU HB3  H N N 122 
GLU HG2  H N N 123 
GLU HG3  H N N 124 
GLU HE2  H N N 125 
GLU HXT  H N N 126 
GLY N    N N N 127 
GLY CA   C N N 128 
GLY C    C N N 129 
GLY O    O N N 130 
GLY OXT  O N N 131 
GLY H    H N N 132 
GLY H2   H N N 133 
GLY HA2  H N N 134 
GLY HA3  H N N 135 
GLY HXT  H N N 136 
HIS N    N N N 137 
HIS CA   C N S 138 
HIS C    C N N 139 
HIS O    O N N 140 
HIS CB   C N N 141 
HIS CG   C Y N 142 
HIS ND1  N Y N 143 
HIS CD2  C Y N 144 
HIS CE1  C Y N 145 
HIS NE2  N Y N 146 
HIS OXT  O N N 147 
HIS H    H N N 148 
HIS H2   H N N 149 
HIS HA   H N N 150 
HIS HB2  H N N 151 
HIS HB3  H N N 152 
HIS HD1  H N N 153 
HIS HD2  H N N 154 
HIS HE1  H N N 155 
HIS HE2  H N N 156 
HIS HXT  H N N 157 
HOH O    O N N 158 
HOH H1   H N N 159 
HOH H2   H N N 160 
ILE N    N N N 161 
ILE CA   C N S 162 
ILE C    C N N 163 
ILE O    O N N 164 
ILE CB   C N S 165 
ILE CG1  C N N 166 
ILE CG2  C N N 167 
ILE CD1  C N N 168 
ILE OXT  O N N 169 
ILE H    H N N 170 
ILE H2   H N N 171 
ILE HA   H N N 172 
ILE HB   H N N 173 
ILE HG12 H N N 174 
ILE HG13 H N N 175 
ILE HG21 H N N 176 
ILE HG22 H N N 177 
ILE HG23 H N N 178 
ILE HD11 H N N 179 
ILE HD12 H N N 180 
ILE HD13 H N N 181 
ILE HXT  H N N 182 
LEU N    N N N 183 
LEU CA   C N S 184 
LEU C    C N N 185 
LEU O    O N N 186 
LEU CB   C N N 187 
LEU CG   C N N 188 
LEU CD1  C N N 189 
LEU CD2  C N N 190 
LEU OXT  O N N 191 
LEU H    H N N 192 
LEU H2   H N N 193 
LEU HA   H N N 194 
LEU HB2  H N N 195 
LEU HB3  H N N 196 
LEU HG   H N N 197 
LEU HD11 H N N 198 
LEU HD12 H N N 199 
LEU HD13 H N N 200 
LEU HD21 H N N 201 
LEU HD22 H N N 202 
LEU HD23 H N N 203 
LEU HXT  H N N 204 
LYS N    N N N 205 
LYS CA   C N S 206 
LYS C    C N N 207 
LYS O    O N N 208 
LYS CB   C N N 209 
LYS CG   C N N 210 
LYS CD   C N N 211 
LYS CE   C N N 212 
LYS NZ   N N N 213 
LYS OXT  O N N 214 
LYS H    H N N 215 
LYS H2   H N N 216 
LYS HA   H N N 217 
LYS HB2  H N N 218 
LYS HB3  H N N 219 
LYS HG2  H N N 220 
LYS HG3  H N N 221 
LYS HD2  H N N 222 
LYS HD3  H N N 223 
LYS HE2  H N N 224 
LYS HE3  H N N 225 
LYS HZ1  H N N 226 
LYS HZ2  H N N 227 
LYS HZ3  H N N 228 
LYS HXT  H N N 229 
M8R C10  C N N 230 
M8R C17  C N N 231 
M8R C20  C Y N 232 
M8R C21  C Y N 233 
M8R C22  C Y N 234 
M8R C24  C Y N 235 
M8R C26  C Y N 236 
M8R C28  C Y N 237 
M8R C02  C N N 238 
M8R C04  C N N 239 
M8R C05  C N N 240 
M8R C07  C N N 241 
M8R C08  C N N 242 
M8R C09  C N S 243 
M8R C14  C N N 244 
M8R C18  C N N 245 
M8R C19  C Y N 246 
M8R C23  C Y N 247 
M8R C25  C Y N 248 
M8R C27  C Y N 249 
M8R C29  C Y N 250 
M8R C30  C Y N 251 
M8R N01  N N N 252 
M8R N06  N N N 253 
M8R N13  N N N 254 
M8R O03  O N N 255 
M8R O11  O N N 256 
M8R O12  O N N 257 
M8R O15  O N N 258 
M8R O16  O N N 259 
M8R H1   H N N 260 
M8R H2   H N N 261 
M8R H3   H N N 262 
M8R H4   H N N 263 
M8R H5   H N N 264 
M8R H6   H N N 265 
M8R H7   H N N 266 
M8R H8   H N N 267 
M8R H9   H N N 268 
M8R H10  H N N 269 
M8R H11  H N N 270 
M8R H12  H N N 271 
M8R H13  H N N 272 
M8R H14  H N N 273 
M8R H15  H N N 274 
M8R H16  H N N 275 
M8R H17  H N N 276 
M8R H18  H N N 277 
M8R H19  H N N 278 
MET N    N N N 279 
MET CA   C N S 280 
MET C    C N N 281 
MET O    O N N 282 
MET CB   C N N 283 
MET CG   C N N 284 
MET SD   S N N 285 
MET CE   C N N 286 
MET OXT  O N N 287 
MET H    H N N 288 
MET H2   H N N 289 
MET HA   H N N 290 
MET HB2  H N N 291 
MET HB3  H N N 292 
MET HG2  H N N 293 
MET HG3  H N N 294 
MET HE1  H N N 295 
MET HE2  H N N 296 
MET HE3  H N N 297 
MET HXT  H N N 298 
PHE N    N N N 299 
PHE CA   C N S 300 
PHE C    C N N 301 
PHE O    O N N 302 
PHE CB   C N N 303 
PHE CG   C Y N 304 
PHE CD1  C Y N 305 
PHE CD2  C Y N 306 
PHE CE1  C Y N 307 
PHE CE2  C Y N 308 
PHE CZ   C Y N 309 
PHE OXT  O N N 310 
PHE H    H N N 311 
PHE H2   H N N 312 
PHE HA   H N N 313 
PHE HB2  H N N 314 
PHE HB3  H N N 315 
PHE HD1  H N N 316 
PHE HD2  H N N 317 
PHE HE1  H N N 318 
PHE HE2  H N N 319 
PHE HZ   H N N 320 
PHE HXT  H N N 321 
PRO N    N N N 322 
PRO CA   C N S 323 
PRO C    C N N 324 
PRO O    O N N 325 
PRO CB   C N N 326 
PRO CG   C N N 327 
PRO CD   C N N 328 
PRO OXT  O N N 329 
PRO H    H N N 330 
PRO HA   H N N 331 
PRO HB2  H N N 332 
PRO HB3  H N N 333 
PRO HG2  H N N 334 
PRO HG3  H N N 335 
PRO HD2  H N N 336 
PRO HD3  H N N 337 
PRO HXT  H N N 338 
SER N    N N N 339 
SER CA   C N S 340 
SER C    C N N 341 
SER O    O N N 342 
SER CB   C N N 343 
SER OG   O N N 344 
SER OXT  O N N 345 
SER H    H N N 346 
SER H2   H N N 347 
SER HA   H N N 348 
SER HB2  H N N 349 
SER HB3  H N N 350 
SER HG   H N N 351 
SER HXT  H N N 352 
THR N    N N N 353 
THR CA   C N S 354 
THR C    C N N 355 
THR O    O N N 356 
THR CB   C N R 357 
THR OG1  O N N 358 
THR CG2  C N N 359 
THR OXT  O N N 360 
THR H    H N N 361 
THR H2   H N N 362 
THR HA   H N N 363 
THR HB   H N N 364 
THR HG1  H N N 365 
THR HG21 H N N 366 
THR HG22 H N N 367 
THR HG23 H N N 368 
THR HXT  H N N 369 
TRP N    N N N 370 
TRP CA   C N S 371 
TRP C    C N N 372 
TRP O    O N N 373 
TRP CB   C N N 374 
TRP CG   C Y N 375 
TRP CD1  C Y N 376 
TRP CD2  C Y N 377 
TRP NE1  N Y N 378 
TRP CE2  C Y N 379 
TRP CE3  C Y N 380 
TRP CZ2  C Y N 381 
TRP CZ3  C Y N 382 
TRP CH2  C Y N 383 
TRP OXT  O N N 384 
TRP H    H N N 385 
TRP H2   H N N 386 
TRP HA   H N N 387 
TRP HB2  H N N 388 
TRP HB3  H N N 389 
TRP HD1  H N N 390 
TRP HE1  H N N 391 
TRP HE3  H N N 392 
TRP HZ2  H N N 393 
TRP HZ3  H N N 394 
TRP HH2  H N N 395 
TRP HXT  H N N 396 
VAL N    N N N 397 
VAL CA   C N S 398 
VAL C    C N N 399 
VAL O    O N N 400 
VAL CB   C N N 401 
VAL CG1  C N N 402 
VAL CG2  C N N 403 
VAL OXT  O N N 404 
VAL H    H N N 405 
VAL H2   H N N 406 
VAL HA   H N N 407 
VAL HB   H N N 408 
VAL HG11 H N N 409 
VAL HG12 H N N 410 
VAL HG13 H N N 411 
VAL HG21 H N N 412 
VAL HG22 H N N 413 
VAL HG23 H N N 414 
VAL HXT  H N N 415 
# 
loop_
_chem_comp_bond.comp_id 
_chem_comp_bond.atom_id_1 
_chem_comp_bond.atom_id_2 
_chem_comp_bond.value_order 
_chem_comp_bond.pdbx_aromatic_flag 
_chem_comp_bond.pdbx_stereo_config 
_chem_comp_bond.pdbx_ordinal 
ALA N   CA   sing N N 1   
ALA N   H    sing N N 2   
ALA N   H2   sing N N 3   
ALA CA  C    sing N N 4   
ALA CA  CB   sing N N 5   
ALA CA  HA   sing N N 6   
ALA C   O    doub N N 7   
ALA C   OXT  sing N N 8   
ALA CB  HB1  sing N N 9   
ALA CB  HB2  sing N N 10  
ALA CB  HB3  sing N N 11  
ALA OXT HXT  sing N N 12  
ARG N   CA   sing N N 13  
ARG N   H    sing N N 14  
ARG N   H2   sing N N 15  
ARG CA  C    sing N N 16  
ARG CA  CB   sing N N 17  
ARG CA  HA   sing N N 18  
ARG C   O    doub N N 19  
ARG C   OXT  sing N N 20  
ARG CB  CG   sing N N 21  
ARG CB  HB2  sing N N 22  
ARG CB  HB3  sing N N 23  
ARG CG  CD   sing N N 24  
ARG CG  HG2  sing N N 25  
ARG CG  HG3  sing N N 26  
ARG CD  NE   sing N N 27  
ARG CD  HD2  sing N N 28  
ARG CD  HD3  sing N N 29  
ARG NE  CZ   sing N N 30  
ARG NE  HE   sing N N 31  
ARG CZ  NH1  sing N N 32  
ARG CZ  NH2  doub N N 33  
ARG NH1 HH11 sing N N 34  
ARG NH1 HH12 sing N N 35  
ARG NH2 HH21 sing N N 36  
ARG NH2 HH22 sing N N 37  
ARG OXT HXT  sing N N 38  
ASN N   CA   sing N N 39  
ASN N   H    sing N N 40  
ASN N   H2   sing N N 41  
ASN CA  C    sing N N 42  
ASN CA  CB   sing N N 43  
ASN CA  HA   sing N N 44  
ASN C   O    doub N N 45  
ASN C   OXT  sing N N 46  
ASN CB  CG   sing N N 47  
ASN CB  HB2  sing N N 48  
ASN CB  HB3  sing N N 49  
ASN CG  OD1  doub N N 50  
ASN CG  ND2  sing N N 51  
ASN ND2 HD21 sing N N 52  
ASN ND2 HD22 sing N N 53  
ASN OXT HXT  sing N N 54  
ASP N   CA   sing N N 55  
ASP N   H    sing N N 56  
ASP N   H2   sing N N 57  
ASP CA  C    sing N N 58  
ASP CA  CB   sing N N 59  
ASP CA  HA   sing N N 60  
ASP C   O    doub N N 61  
ASP C   OXT  sing N N 62  
ASP CB  CG   sing N N 63  
ASP CB  HB2  sing N N 64  
ASP CB  HB3  sing N N 65  
ASP CG  OD1  doub N N 66  
ASP CG  OD2  sing N N 67  
ASP OD2 HD2  sing N N 68  
ASP OXT HXT  sing N N 69  
CYS N   CA   sing N N 70  
CYS N   H    sing N N 71  
CYS N   H2   sing N N 72  
CYS CA  C    sing N N 73  
CYS CA  CB   sing N N 74  
CYS CA  HA   sing N N 75  
CYS C   O    doub N N 76  
CYS C   OXT  sing N N 77  
CYS CB  SG   sing N N 78  
CYS CB  HB2  sing N N 79  
CYS CB  HB3  sing N N 80  
CYS SG  HG   sing N N 81  
CYS OXT HXT  sing N N 82  
GLN N   CA   sing N N 83  
GLN N   H    sing N N 84  
GLN N   H2   sing N N 85  
GLN CA  C    sing N N 86  
GLN CA  CB   sing N N 87  
GLN CA  HA   sing N N 88  
GLN C   O    doub N N 89  
GLN C   OXT  sing N N 90  
GLN CB  CG   sing N N 91  
GLN CB  HB2  sing N N 92  
GLN CB  HB3  sing N N 93  
GLN CG  CD   sing N N 94  
GLN CG  HG2  sing N N 95  
GLN CG  HG3  sing N N 96  
GLN CD  OE1  doub N N 97  
GLN CD  NE2  sing N N 98  
GLN NE2 HE21 sing N N 99  
GLN NE2 HE22 sing N N 100 
GLN OXT HXT  sing N N 101 
GLU N   CA   sing N N 102 
GLU N   H    sing N N 103 
GLU N   H2   sing N N 104 
GLU CA  C    sing N N 105 
GLU CA  CB   sing N N 106 
GLU CA  HA   sing N N 107 
GLU C   O    doub N N 108 
GLU C   OXT  sing N N 109 
GLU CB  CG   sing N N 110 
GLU CB  HB2  sing N N 111 
GLU CB  HB3  sing N N 112 
GLU CG  CD   sing N N 113 
GLU CG  HG2  sing N N 114 
GLU CG  HG3  sing N N 115 
GLU CD  OE1  doub N N 116 
GLU CD  OE2  sing N N 117 
GLU OE2 HE2  sing N N 118 
GLU OXT HXT  sing N N 119 
GLY N   CA   sing N N 120 
GLY N   H    sing N N 121 
GLY N   H2   sing N N 122 
GLY CA  C    sing N N 123 
GLY CA  HA2  sing N N 124 
GLY CA  HA3  sing N N 125 
GLY C   O    doub N N 126 
GLY C   OXT  sing N N 127 
GLY OXT HXT  sing N N 128 
HIS N   CA   sing N N 129 
HIS N   H    sing N N 130 
HIS N   H2   sing N N 131 
HIS CA  C    sing N N 132 
HIS CA  CB   sing N N 133 
HIS CA  HA   sing N N 134 
HIS C   O    doub N N 135 
HIS C   OXT  sing N N 136 
HIS CB  CG   sing N N 137 
HIS CB  HB2  sing N N 138 
HIS CB  HB3  sing N N 139 
HIS CG  ND1  sing Y N 140 
HIS CG  CD2  doub Y N 141 
HIS ND1 CE1  doub Y N 142 
HIS ND1 HD1  sing N N 143 
HIS CD2 NE2  sing Y N 144 
HIS CD2 HD2  sing N N 145 
HIS CE1 NE2  sing Y N 146 
HIS CE1 HE1  sing N N 147 
HIS NE2 HE2  sing N N 148 
HIS OXT HXT  sing N N 149 
HOH O   H1   sing N N 150 
HOH O   H2   sing N N 151 
ILE N   CA   sing N N 152 
ILE N   H    sing N N 153 
ILE N   H2   sing N N 154 
ILE CA  C    sing N N 155 
ILE CA  CB   sing N N 156 
ILE CA  HA   sing N N 157 
ILE C   O    doub N N 158 
ILE C   OXT  sing N N 159 
ILE CB  CG1  sing N N 160 
ILE CB  CG2  sing N N 161 
ILE CB  HB   sing N N 162 
ILE CG1 CD1  sing N N 163 
ILE CG1 HG12 sing N N 164 
ILE CG1 HG13 sing N N 165 
ILE CG2 HG21 sing N N 166 
ILE CG2 HG22 sing N N 167 
ILE CG2 HG23 sing N N 168 
ILE CD1 HD11 sing N N 169 
ILE CD1 HD12 sing N N 170 
ILE CD1 HD13 sing N N 171 
ILE OXT HXT  sing N N 172 
LEU N   CA   sing N N 173 
LEU N   H    sing N N 174 
LEU N   H2   sing N N 175 
LEU CA  C    sing N N 176 
LEU CA  CB   sing N N 177 
LEU CA  HA   sing N N 178 
LEU C   O    doub N N 179 
LEU C   OXT  sing N N 180 
LEU CB  CG   sing N N 181 
LEU CB  HB2  sing N N 182 
LEU CB  HB3  sing N N 183 
LEU CG  CD1  sing N N 184 
LEU CG  CD2  sing N N 185 
LEU CG  HG   sing N N 186 
LEU CD1 HD11 sing N N 187 
LEU CD1 HD12 sing N N 188 
LEU CD1 HD13 sing N N 189 
LEU CD2 HD21 sing N N 190 
LEU CD2 HD22 sing N N 191 
LEU CD2 HD23 sing N N 192 
LEU OXT HXT  sing N N 193 
LYS N   CA   sing N N 194 
LYS N   H    sing N N 195 
LYS N   H2   sing N N 196 
LYS CA  C    sing N N 197 
LYS CA  CB   sing N N 198 
LYS CA  HA   sing N N 199 
LYS C   O    doub N N 200 
LYS C   OXT  sing N N 201 
LYS CB  CG   sing N N 202 
LYS CB  HB2  sing N N 203 
LYS CB  HB3  sing N N 204 
LYS CG  CD   sing N N 205 
LYS CG  HG2  sing N N 206 
LYS CG  HG3  sing N N 207 
LYS CD  CE   sing N N 208 
LYS CD  HD2  sing N N 209 
LYS CD  HD3  sing N N 210 
LYS CE  NZ   sing N N 211 
LYS CE  HE2  sing N N 212 
LYS CE  HE3  sing N N 213 
LYS NZ  HZ1  sing N N 214 
LYS NZ  HZ2  sing N N 215 
LYS NZ  HZ3  sing N N 216 
LYS OXT HXT  sing N N 217 
M8R C05 C04  sing N N 218 
M8R C05 N06  doub N N 219 
M8R C04 C02  sing N N 220 
M8R N06 C07  sing N N 221 
M8R C02 O03  doub N N 222 
M8R C02 N01  sing N N 223 
M8R C07 N01  doub N N 224 
M8R C07 C08  sing N N 225 
M8R C08 C09  sing N N 226 
M8R O15 C14  doub N N 227 
M8R C09 N13  sing N N 228 
M8R C09 C10  sing N N 229 
M8R C14 N13  sing N N 230 
M8R C14 O16  sing N N 231 
M8R C27 C28  doub Y N 232 
M8R C27 C24  sing Y N 233 
M8R O12 C10  doub N N 234 
M8R C28 C29  sing Y N 235 
M8R C17 O16  sing N N 236 
M8R C17 C18  sing N N 237 
M8R C10 O11  sing N N 238 
M8R C24 C18  sing N N 239 
M8R C24 C25  doub Y N 240 
M8R C18 C19  sing N N 241 
M8R C29 C30  doub Y N 242 
M8R C25 C30  sing Y N 243 
M8R C25 C26  sing N N 244 
M8R C19 C20  sing Y N 245 
M8R C19 C26  doub Y N 246 
M8R C20 C21  doub Y N 247 
M8R C26 C23  sing Y N 248 
M8R C21 C22  sing Y N 249 
M8R C23 C22  doub Y N 250 
M8R C17 H1   sing N N 251 
M8R C17 H2   sing N N 252 
M8R C20 H3   sing N N 253 
M8R C21 H4   sing N N 254 
M8R C22 H5   sing N N 255 
M8R C28 H6   sing N N 256 
M8R C04 H7   sing N N 257 
M8R C04 H8   sing N N 258 
M8R C05 H9   sing N N 259 
M8R C08 H10  sing N N 260 
M8R C08 H11  sing N N 261 
M8R C09 H12  sing N N 262 
M8R C18 H13  sing N N 263 
M8R C23 H14  sing N N 264 
M8R C27 H15  sing N N 265 
M8R C29 H16  sing N N 266 
M8R C30 H17  sing N N 267 
M8R N13 H18  sing N N 268 
M8R O11 H19  sing N N 269 
MET N   CA   sing N N 270 
MET N   H    sing N N 271 
MET N   H2   sing N N 272 
MET CA  C    sing N N 273 
MET CA  CB   sing N N 274 
MET CA  HA   sing N N 275 
MET C   O    doub N N 276 
MET C   OXT  sing N N 277 
MET CB  CG   sing N N 278 
MET CB  HB2  sing N N 279 
MET CB  HB3  sing N N 280 
MET CG  SD   sing N N 281 
MET CG  HG2  sing N N 282 
MET CG  HG3  sing N N 283 
MET SD  CE   sing N N 284 
MET CE  HE1  sing N N 285 
MET CE  HE2  sing N N 286 
MET CE  HE3  sing N N 287 
MET OXT HXT  sing N N 288 
PHE N   CA   sing N N 289 
PHE N   H    sing N N 290 
PHE N   H2   sing N N 291 
PHE CA  C    sing N N 292 
PHE CA  CB   sing N N 293 
PHE CA  HA   sing N N 294 
PHE C   O    doub N N 295 
PHE C   OXT  sing N N 296 
PHE CB  CG   sing N N 297 
PHE CB  HB2  sing N N 298 
PHE CB  HB3  sing N N 299 
PHE CG  CD1  doub Y N 300 
PHE CG  CD2  sing Y N 301 
PHE CD1 CE1  sing Y N 302 
PHE CD1 HD1  sing N N 303 
PHE CD2 CE2  doub Y N 304 
PHE CD2 HD2  sing N N 305 
PHE CE1 CZ   doub Y N 306 
PHE CE1 HE1  sing N N 307 
PHE CE2 CZ   sing Y N 308 
PHE CE2 HE2  sing N N 309 
PHE CZ  HZ   sing N N 310 
PHE OXT HXT  sing N N 311 
PRO N   CA   sing N N 312 
PRO N   CD   sing N N 313 
PRO N   H    sing N N 314 
PRO CA  C    sing N N 315 
PRO CA  CB   sing N N 316 
PRO CA  HA   sing N N 317 
PRO C   O    doub N N 318 
PRO C   OXT  sing N N 319 
PRO CB  CG   sing N N 320 
PRO CB  HB2  sing N N 321 
PRO CB  HB3  sing N N 322 
PRO CG  CD   sing N N 323 
PRO CG  HG2  sing N N 324 
PRO CG  HG3  sing N N 325 
PRO CD  HD2  sing N N 326 
PRO CD  HD3  sing N N 327 
PRO OXT HXT  sing N N 328 
SER N   CA   sing N N 329 
SER N   H    sing N N 330 
SER N   H2   sing N N 331 
SER CA  C    sing N N 332 
SER CA  CB   sing N N 333 
SER CA  HA   sing N N 334 
SER C   O    doub N N 335 
SER C   OXT  sing N N 336 
SER CB  OG   sing N N 337 
SER CB  HB2  sing N N 338 
SER CB  HB3  sing N N 339 
SER OG  HG   sing N N 340 
SER OXT HXT  sing N N 341 
THR N   CA   sing N N 342 
THR N   H    sing N N 343 
THR N   H2   sing N N 344 
THR CA  C    sing N N 345 
THR CA  CB   sing N N 346 
THR CA  HA   sing N N 347 
THR C   O    doub N N 348 
THR C   OXT  sing N N 349 
THR CB  OG1  sing N N 350 
THR CB  CG2  sing N N 351 
THR CB  HB   sing N N 352 
THR OG1 HG1  sing N N 353 
THR CG2 HG21 sing N N 354 
THR CG2 HG22 sing N N 355 
THR CG2 HG23 sing N N 356 
THR OXT HXT  sing N N 357 
TRP N   CA   sing N N 358 
TRP N   H    sing N N 359 
TRP N   H2   sing N N 360 
TRP CA  C    sing N N 361 
TRP CA  CB   sing N N 362 
TRP CA  HA   sing N N 363 
TRP C   O    doub N N 364 
TRP C   OXT  sing N N 365 
TRP CB  CG   sing N N 366 
TRP CB  HB2  sing N N 367 
TRP CB  HB3  sing N N 368 
TRP CG  CD1  doub Y N 369 
TRP CG  CD2  sing Y N 370 
TRP CD1 NE1  sing Y N 371 
TRP CD1 HD1  sing N N 372 
TRP CD2 CE2  doub Y N 373 
TRP CD2 CE3  sing Y N 374 
TRP NE1 CE2  sing Y N 375 
TRP NE1 HE1  sing N N 376 
TRP CE2 CZ2  sing Y N 377 
TRP CE3 CZ3  doub Y N 378 
TRP CE3 HE3  sing N N 379 
TRP CZ2 CH2  doub Y N 380 
TRP CZ2 HZ2  sing N N 381 
TRP CZ3 CH2  sing Y N 382 
TRP CZ3 HZ3  sing N N 383 
TRP CH2 HH2  sing N N 384 
TRP OXT HXT  sing N N 385 
VAL N   CA   sing N N 386 
VAL N   H    sing N N 387 
VAL N   H2   sing N N 388 
VAL CA  C    sing N N 389 
VAL CA  CB   sing N N 390 
VAL CA  HA   sing N N 391 
VAL C   O    doub N N 392 
VAL C   OXT  sing N N 393 
VAL CB  CG1  sing N N 394 
VAL CB  CG2  sing N N 395 
VAL CB  HB   sing N N 396 
VAL CG1 HG11 sing N N 397 
VAL CG1 HG12 sing N N 398 
VAL CG1 HG13 sing N N 399 
VAL CG2 HG21 sing N N 400 
VAL CG2 HG22 sing N N 401 
VAL CG2 HG23 sing N N 402 
VAL OXT HXT  sing N N 403 
# 
_pdbx_audit_support.funding_organization   'Not funded' 
_pdbx_audit_support.country                ? 
_pdbx_audit_support.grant_number           ? 
_pdbx_audit_support.ordinal                1 
# 
_pdbx_entity_instance_feature.ordinal        1 
_pdbx_entity_instance_feature.comp_id        M8R 
_pdbx_entity_instance_feature.asym_id        ? 
_pdbx_entity_instance_feature.seq_num        ? 
_pdbx_entity_instance_feature.auth_comp_id   M8R 
_pdbx_entity_instance_feature.auth_asym_id   ? 
_pdbx_entity_instance_feature.auth_seq_num   ? 
_pdbx_entity_instance_feature.feature_type   'SUBJECT OF INVESTIGATION' 
_pdbx_entity_instance_feature.details        ? 
# 
_pdbx_initial_refinement_model.id               1 
_pdbx_initial_refinement_model.entity_id_list   ? 
_pdbx_initial_refinement_model.type             'experimental model' 
_pdbx_initial_refinement_model.source_name      PDB 
_pdbx_initial_refinement_model.accession_code   5G1E 
_pdbx_initial_refinement_model.details          ? 
# 
_space_group.name_H-M_alt     'P 31 2 1' 
_space_group.name_Hall        
;P 31 2"
;
_space_group.IT_number        152 
_space_group.crystal_system   trigonal 
_space_group.id               1 
# 
_atom_sites.entry_id                    8HU2 
_atom_sites.Cartn_transf_matrix[1][1]   ? 
_atom_sites.Cartn_transf_matrix[1][2]   ? 
_atom_sites.Cartn_transf_matrix[1][3]   ? 
_atom_sites.Cartn_transf_matrix[2][1]   ? 
_atom_sites.Cartn_transf_matrix[2][2]   ? 
_atom_sites.Cartn_transf_matrix[2][3]   ? 
_atom_sites.Cartn_transf_matrix[3][1]   ? 
_atom_sites.Cartn_transf_matrix[3][2]   ? 
_atom_sites.Cartn_transf_matrix[3][3]   ? 
_atom_sites.Cartn_transf_vector[1]      ? 
_atom_sites.Cartn_transf_vector[2]      ? 
_atom_sites.Cartn_transf_vector[3]      ? 
_atom_sites.fract_transf_matrix[1][1]   -0.00427098 
_atom_sites.fract_transf_matrix[1][2]   0.00901563 
_atom_sites.fract_transf_matrix[1][3]   0.01281545 
_atom_sites.fract_transf_matrix[2][1]   0.01038148 
_atom_sites.fract_transf_matrix[2][2]   0.00202714 
_atom_sites.fract_transf_matrix[2][3]   0.01232419 
_atom_sites.fract_transf_matrix[3][1]   0.00510015 
_atom_sites.fract_transf_matrix[3][2]   0.01112389 
_atom_sites.fract_transf_matrix[3][3]   -0.00612591 
_atom_sites.fract_transf_vector[1]      -0.060294 
_atom_sites.fract_transf_vector[2]      -0.396856 
_atom_sites.fract_transf_vector[3]      0.000153 
_atom_sites.solution_primary            ? 
_atom_sites.solution_secondary          ? 
_atom_sites.solution_hydrogens          ? 
_atom_sites.special_details             ? 
# 
loop_
_atom_type.symbol 
_atom_type.scat_dispersion_real 
_atom_type.scat_dispersion_imag 
_atom_type.scat_Cromer_Mann_a1 
_atom_type.scat_Cromer_Mann_a2 
_atom_type.scat_Cromer_Mann_a3 
_atom_type.scat_Cromer_Mann_a4 
_atom_type.scat_Cromer_Mann_b1 
_atom_type.scat_Cromer_Mann_b2 
_atom_type.scat_Cromer_Mann_b3 
_atom_type.scat_Cromer_Mann_b4 
_atom_type.scat_Cromer_Mann_c 
_atom_type.scat_source 
_atom_type.scat_dispersion_source 
C   ? ? 3.54356 2.42580 ? ? 25.62398 1.50364  ? ? 0.0 
;2-Gaussian fit: Grosse-Kunstleve RW, Sauter NK, Adams PD: Newsletter of the IUCr Commission on Crystallographic Computing 2004, 3, 22-31.
;
? 
N   ? ? 4.01032 2.96436 ? ? 19.97189 1.75589  ? ? 0.0 
;2-Gaussian fit: Grosse-Kunstleve RW, Sauter NK, Adams PD: Newsletter of the IUCr Commission on Crystallographic Computing 2004, 3, 22-31.
;
? 
O   ? ? 4.49882 3.47563 ? ? 15.80542 1.70748  ? ? 0.0 
;2-Gaussian fit: Grosse-Kunstleve RW, Sauter NK, Adams PD: Newsletter of the IUCr Commission on Crystallographic Computing 2004, 3, 22-31.
;
? 
O1- ? ? 5.12366 3.84317 ? ? 3.49406  27.47979 ? ? 0.0 
;2-Gaussian fit: Grosse-Kunstleve RW, Sauter NK, Adams PD: Newsletter of the IUCr Commission on Crystallographic Computing 2004, 3, 22-31.
;
? 
S   ? ? 9.55732 6.39887 ? ? 1.23737  29.19336 ? ? 0.0 
;2-Gaussian fit: Grosse-Kunstleve RW, Sauter NK, Adams PD: Newsletter of the IUCr Commission on Crystallographic Computing 2004, 3, 22-31.
;
? 
# 
loop_
_atom_site.group_PDB 
_atom_site.id 
_atom_site.type_symbol 
_atom_site.label_atom_id 
_atom_site.label_alt_id 
_atom_site.label_comp_id 
_atom_site.label_asym_id 
_atom_site.label_entity_id 
_atom_site.label_seq_id 
_atom_site.pdbx_PDB_ins_code 
_atom_site.Cartn_x 
_atom_site.Cartn_y 
_atom_site.Cartn_z 
_atom_site.occupancy 
_atom_site.B_iso_or_equiv 
_atom_site.pdbx_formal_charge 
_atom_site.auth_seq_id 
_atom_site.auth_comp_id 
_atom_site.auth_asym_id 
_atom_site.auth_atom_id 
_atom_site.pdbx_PDB_model_num 
ATOM   1    N N   . GLY A 1 2   ? -10.06714 10.59310  0.31766   1.000 46.92564 ?  113 GLY A N   1 
ATOM   2    C CA  . GLY A 1 2   ? -10.60740 11.33341  1.44303   1.000 40.28911 ?  113 GLY A CA  1 
ATOM   3    C C   . GLY A 1 2   ? -10.42371 10.59846  2.75796   1.000 40.45489 ?  113 GLY A C   1 
ATOM   4    O O   . GLY A 1 2   ? -9.62776  9.65755   2.83023   1.000 37.65352 ?  113 GLY A O   1 
ATOM   5    N N   . ILE A 1 3   ? -11.15217 11.01367  3.79764   1.000 36.36503 ?  114 ILE A N   1 
ATOM   6    C CA  . ILE A 1 3   ? -11.05072 10.37549  5.10520   1.000 28.32501 ?  114 ILE A CA  1 
ATOM   7    C C   . ILE A 1 3   ? -12.33865 9.61414   5.39594   1.000 27.38454 ?  114 ILE A C   1 
ATOM   8    O O   . ILE A 1 3   ? -13.43857 10.01185  4.99244   1.000 27.17832 ?  114 ILE A O   1 
ATOM   9    C CB  . ILE A 1 3   ? -10.73243 11.37661  6.24014   1.000 26.62972 ?  114 ILE A CB  1 
ATOM   10   C CG1 . ILE A 1 3   ? -11.90012 12.33200  6.47874   1.000 36.60886 ?  114 ILE A CG1 1 
ATOM   11   C CG2 . ILE A 1 3   ? -9.42345  12.13062  5.95194   1.000 30.07268 ?  114 ILE A CG2 1 
ATOM   12   C CD1 . ILE A 1 3   ? -11.87370 12.99074  7.83942   1.000 39.78195 ?  114 ILE A CD1 1 
ATOM   13   N N   . ARG A 1 4   ? -12.19566 8.49850   6.10564   1.000 22.88360 ?  115 ARG A N   1 
ATOM   14   C CA  . ARG A 1 4   ? -13.33774 7.64449   6.37876   1.000 18.50655 ?  115 ARG A CA  1 
ATOM   15   C C   . ARG A 1 4   ? -13.10819 6.93356   7.70102   1.000 21.43372 ?  115 ARG A C   1 
ATOM   16   O O   . ARG A 1 4   ? -11.98251 6.85325   8.19589   1.000 20.05723 ?  115 ARG A O   1 
ATOM   17   C CB  . ARG A 1 4   ? -13.56356 6.61960   5.26015   1.000 23.64163 ?  115 ARG A CB  1 
ATOM   18   C CG  . ARG A 1 4   ? -12.53405 5.49780   5.23054   1.000 28.22894 ?  115 ARG A CG  1 
ATOM   19   C CD  . ARG A 1 4   ? -12.66439 4.65389   3.96937   1.000 30.43076 ?  115 ARG A CD  1 
ATOM   20   N NE  . ARG A 1 4   ? -11.55972 3.71392   3.81962   1.000 30.37049 ?  115 ARG A NE  1 
ATOM   21   C CZ  . ARG A 1 4   ? -11.67658 2.40361   4.01288   1.000 32.70341 ?  115 ARG A CZ  1 
ATOM   22   N NH1 . ARG A 1 4   ? -12.84923 1.88534   4.35656   1.000 35.36779 ?  115 ARG A NH1 1 
ATOM   23   N NH2 . ARG A 1 4   ? -10.62639 1.61124   3.85674   1.000 29.59188 ?  115 ARG A NH2 1 
ATOM   24   N N   . GLU A 1 5   ? -14.18993 6.40953   8.26565   1.000 20.25692 ?  116 GLU A N   1 
ATOM   25   C CA  . GLU A 1 5   ? -14.11315 5.60591   9.47621   1.000 19.57587 ?  116 GLU A CA  1 
ATOM   26   C C   . GLU A 1 5   ? -14.30817 4.13585   9.14262   1.000 22.31156 ?  116 GLU A C   1 
ATOM   27   O O   . GLU A 1 5   ? -15.17646 3.77968   8.33804   1.000 21.86779 ?  116 GLU A O   1 
ATOM   28   C CB  . GLU A 1 5   ? -15.16376 6.04136   10.49836  1.000 20.17551 ?  116 GLU A CB  1 
ATOM   29   C CG  . GLU A 1 5   ? -15.10483 5.26577   11.80323  1.000 22.23484 ?  116 GLU A CG  1 
ATOM   30   C CD  . GLU A 1 5   ? -16.09682 5.78279   12.81877  1.000 24.50833 ?  116 GLU A CD  1 
ATOM   31   O OE1 . GLU A 1 5   ? -17.26031 5.31726   12.80508  1.000 25.39615 ?  116 GLU A OE1 1 
ATOM   32   O OE2 . GLU A 1 5   ? -15.71011 6.65709   13.62251  1.000 21.76525 ?  116 GLU A OE2 1 
ATOM   33   N N   . VAL A 1 6   ? -13.49203 3.28421   9.75582   1.000 18.65521 ?  117 VAL A N   1 
ATOM   34   C CA  . VAL A 1 6   ? -13.66566 1.84340   9.65238   1.000 19.73378 ?  117 VAL A CA  1 
ATOM   35   C C   . VAL A 1 6   ? -13.90345 1.29586   11.05269  1.000 20.73746 ?  117 VAL A C   1 
ATOM   36   O O   . VAL A 1 6   ? -13.41156 1.84524   12.04127  1.000 18.98951 ?  117 VAL A O   1 
ATOM   37   C CB  . VAL A 1 6   ? -12.45064 1.16729   8.98001   1.000 22.98131 ?  117 VAL A CB  1 
ATOM   38   C CG1 . VAL A 1 6   ? -12.30854 1.65040   7.53950   1.000 25.03014 ?  117 VAL A CG1 1 
ATOM   39   C CG2 . VAL A 1 6   ? -11.17299 1.45609   9.76182   1.000 21.55116 ?  117 VAL A CG2 1 
ATOM   40   N N   . ILE A 1 7   ? -14.69613 0.22877   11.14456  1.000 20.37966 ?  118 ILE A N   1 
ATOM   41   C CA  . ILE A 1 7   ? -14.96139 -0.42947  12.41913  1.000 23.11615 ?  118 ILE A CA  1 
ATOM   42   C C   . ILE A 1 7   ? -14.58919 -1.89358  12.25606  1.000 21.91194 ?  118 ILE A C   1 
ATOM   43   O O   . ILE A 1 7   ? -15.18209 -2.59928  11.43083  1.000 25.70514 ?  118 ILE A O   1 
ATOM   44   C CB  . ILE A 1 7   ? -16.42593 -0.27412  12.86475  1.000 23.06285 ?  118 ILE A CB  1 
ATOM   45   C CG1 . ILE A 1 7   ? -16.77826 1.21462   12.95849  1.000 24.08902 ?  118 ILE A CG1 1 
ATOM   46   C CG2 . ILE A 1 7   ? -16.65283 -0.97021  14.20982  1.000 23.01304 ?  118 ILE A CG2 1 
ATOM   47   C CD1 . ILE A 1 7   ? -18.24925 1.51086   13.16120  1.000 27.36490 ?  118 ILE A CD1 1 
ATOM   48   N N   . LEU A 1 8   ? -13.57891 -2.33296  12.99662  1.000 20.83140 ?  119 LEU A N   1 
ATOM   49   C CA  . LEU A 1 8   ? -13.03073 -3.67472  12.86698  1.000 25.30680 ?  119 LEU A CA  1 
ATOM   50   C C   . LEU A 1 8   ? -13.46878 -4.52753  14.04645  1.000 26.76378 ?  119 LEU A C   1 
ATOM   51   O O   . LEU A 1 8   ? -13.51029 -4.05292  15.18532  1.000 23.59977 ?  119 LEU A O   1 
ATOM   52   C CB  . LEU A 1 8   ? -11.50176 -3.65119  12.80158  1.000 25.58327 ?  119 LEU A CB  1 
ATOM   53   C CG  . LEU A 1 8   ? -10.83792 -2.93008  11.63211  1.000 25.07919 ?  119 LEU A CG  1 
ATOM   54   C CD1 . LEU A 1 8   ? -10.80656 -1.43011  11.87449  1.000 26.90555 ?  119 LEU A CD1 1 
ATOM   55   C CD2 . LEU A 1 8   ? -9.43288  -3.45784  11.39283  1.000 25.57252 ?  119 LEU A CD2 1 
ATOM   56   N N   . CYS A 1 9   ? -13.78104 -5.79214  13.77186  1.000 27.96298 ?  120 CYS A N   1 
ATOM   57   C CA  . CYS A 1 9   ? -14.08865 -6.76588  14.81407  1.000 29.67049 ?  120 CYS A CA  1 
ATOM   58   C C   . CYS A 1 9   ? -12.88666 -7.68226  15.01016  1.000 26.16715 ?  120 CYS A C   1 
ATOM   59   O O   . CYS A 1 9   ? -12.45211 -8.35216  14.06652  1.000 30.46268 ?  120 CYS A O   1 
ATOM   60   C CB  . CYS A 1 9   ? -15.33065 -7.58489  14.46411  1.000 34.59321 ?  120 CYS A CB  1 
ATOM   61   S SG  . CYS A 1 9   ? -16.84511 -6.62815  14.25636  1.000 44.96578 ?  120 CYS A SG  1 
ATOM   62   N N   . LYS A 1 10  ? -12.36108 -7.71556  16.23183  1.000 24.68253 ?  121 LYS A N   1 
ATOM   63   C CA  . LYS A 1 10  ? -11.22262 -8.57043  16.53894  1.000 30.36405 ?  121 LYS A CA  1 
ATOM   64   C C   . LYS A 1 10  ? -11.55680 -10.03313 16.26639  1.000 32.42223 ?  121 LYS A C   1 
ATOM   65   O O   . LYS A 1 10  ? -12.71480 -10.45518 16.34560  1.000 34.33051 ?  121 LYS A O   1 
ATOM   66   C CB  . LYS A 1 10  ? -10.80652 -8.39751  17.99766  1.000 31.69733 ?  121 LYS A CB  1 
ATOM   67   C CG  . LYS A 1 10  ? -10.54097 -6.96597  18.41101  1.000 32.36471 ?  121 LYS A CG  1 
ATOM   68   C CD  . LYS A 1 10  ? -10.30265 -6.90125  19.90024  1.000 35.12062 ?  121 LYS A CD  1 
ATOM   69   C CE  . LYS A 1 10  ? -9.79949  -5.54342  20.33470  1.000 38.08559 ?  121 LYS A CE  1 
ATOM   70   N NZ  . LYS A 1 10  ? -9.46911  -5.57626  21.78391  1.000 42.51660 ?  121 LYS A NZ  1 
ATOM   71   N N   . ASP A 1 11  ? -10.52497 -10.80927 15.94852  1.000 31.35686 ?  122 ASP A N   1 
ATOM   72   C CA  . ASP A 1 11  ? -10.70483 -12.19888 15.55769  1.000 38.03545 ?  122 ASP A CA  1 
ATOM   73   C C   . ASP A 1 11  ? -10.67578 -13.10331 16.78630  1.000 41.99579 ?  122 ASP A C   1 
ATOM   74   O O   . ASP A 1 11  ? -10.77109 -12.64868 17.92685  1.000 39.78934 ?  122 ASP A O   1 
ATOM   75   C CB  . ASP A 1 11  ? -9.64419  -12.60509 14.53210  1.000 38.95824 ?  122 ASP A CB  1 
ATOM   76   C CG  . ASP A 1 11  ? -8.24476  -12.74871 15.13285  1.000 38.29214 ?  122 ASP A CG  1 
ATOM   77   O OD1 . ASP A 1 11  ? -8.03393  -12.46307 16.32988  1.000 41.47376 ?  122 ASP A OD1 1 
ATOM   78   O OD2 . ASP A 1 11  ? -7.33835  -13.16357 14.38374  1.000 43.74161 ?  122 ASP A OD2 1 
ATOM   79   N N   . GLN A 1 12  ? -10.54125 -14.40853 16.53214  1.000 43.11365 ?  123 GLN A N   1 
ATOM   80   C CA  . GLN A 1 12  ? -10.39310 -15.42841 17.57186  1.000 46.51529 ?  123 GLN A CA  1 
ATOM   81   C C   . GLN A 1 12  ? -9.50646  -14.96773 18.71933  1.000 47.03980 ?  123 GLN A C   1 
ATOM   82   O O   . GLN A 1 12  ? -9.89108  -15.07415 19.89144  1.000 47.19335 ?  123 GLN A O   1 
ATOM   83   C CB  . GLN A 1 12  ? -9.79565  -16.70148 16.95716  1.000 43.97336 ?  123 GLN A CB  1 
ATOM   84   C CG  . GLN A 1 12  ? -10.72939 -17.86189 16.70982  0.000 43.60399 ?  123 GLN A CG  1 
ATOM   85   C CD  . GLN A 1 12  ? -10.11280 -18.87774 15.77161  0.000 43.23637 ?  123 GLN A CD  1 
ATOM   86   O OE1 . GLN A 1 12  ? -9.03607  -19.41350 16.03965  0.000 43.25797 ?  123 GLN A OE1 1 
ATOM   87   N NE2 . GLN A 1 12  ? -10.77920 -19.13048 14.65324  0.000 42.73974 ?  123 GLN A NE2 1 
ATOM   88   N N   . ASP A 1 13  ? -8.31950  -14.44627 18.39944  1.000 44.37128 ?  124 ASP A N   1 
ATOM   89   C CA  . ASP A 1 13  ? -7.32043  -14.10960 19.40115  1.000 44.03893 ?  124 ASP A CA  1 
ATOM   90   C C   . ASP A 1 13  ? -7.26944  -12.61949 19.71093  1.000 42.41162 ?  124 ASP A C   1 
ATOM   91   O O   . ASP A 1 13  ? -6.25364  -12.13714 20.22003  1.000 45.79829 ?  124 ASP A O   1 
ATOM   92   C CB  . ASP A 1 13  ? -5.94604  -14.59797 18.94711  1.000 44.05959 ?  124 ASP A CB  1 
ATOM   93   C CG  . ASP A 1 13  ? -6.00665  -15.94615 18.26305  1.000 51.71060 ?  124 ASP A CG  1 
ATOM   94   O OD1 . ASP A 1 13  ? -6.63481  -16.02949 17.19011  1.000 50.42858 ?  124 ASP A OD1 1 
ATOM   95   O OD2 . ASP A 1 13  ? -5.43973  -16.92255 18.80340  1.000 59.85328 ?  124 ASP A OD2 1 
ATOM   96   N N   . GLY A 1 14  ? -8.34100  -11.88336 19.42923  1.000 38.81809 ?  125 GLY A N   1 
ATOM   97   C CA  . GLY A 1 14  ? -8.32381  -10.46132 19.69906  1.000 39.20363 ?  125 GLY A CA  1 
ATOM   98   C C   . GLY A 1 14  ? -7.40647  -9.66669  18.79995  1.000 32.98445 ?  125 GLY A C   1 
ATOM   99   O O   . GLY A 1 14  ? -7.00929  -8.55455  19.16153  1.000 34.42596 ?  125 GLY A O   1 
ATOM   100  N N   . LYS A 1 15  ? -7.05563  -10.20795 17.63975  1.000 34.83686 ?  126 LYS A N   1 
ATOM   101  C CA  . LYS A 1 15  ? -6.20956  -9.53412  16.66549  1.000 30.94473 ?  126 LYS A CA  1 
ATOM   102  C C   . LYS A 1 15  ? -7.04140  -9.03765  15.48842  1.000 30.49093 ?  126 LYS A C   1 
ATOM   103  O O   . LYS A 1 15  ? -8.15602  -9.50446  15.23764  1.000 28.76089 ?  126 LYS A O   1 
ATOM   104  C CB  . LYS A 1 15  ? -5.10896  -10.47202 16.16042  1.000 31.37985 ?  126 LYS A CB  1 
ATOM   105  C CG  . LYS A 1 15  ? -4.55156  -11.42748 17.20859  1.000 37.88415 ?  126 LYS A CG  1 
ATOM   106  C CD  . LYS A 1 15  ? -3.39335  -10.80896 17.97374  0.000 36.58115 ?  126 LYS A CD  1 
ATOM   107  C CE  . LYS A 1 15  ? -2.66157  -11.85264 18.80468  0.000 36.87176 ?  126 LYS A CE  1 
ATOM   108  N NZ  . LYS A 1 15  ? -1.66135  -12.60773 17.99839  0.000 36.41750 ?  126 LYS A NZ  1 
ATOM   109  N N   . ILE A 1 16  ? -6.47947  -8.07356  14.75901  1.000 27.45827 ?  127 ILE A N   1 
ATOM   110  C CA  . ILE A 1 16  ? -7.09585  -7.57331  13.53881  1.000 24.48870 ?  127 ILE A CA  1 
ATOM   111  C C   . ILE A 1 16  ? -6.23444  -7.79372  12.30306  1.000 22.63428 ?  127 ILE A C   1 
ATOM   112  O O   . ILE A 1 16  ? -6.68504  -7.47653  11.19321  1.000 25.94239 ?  127 ILE A O   1 
ATOM   113  C CB  . ILE A 1 16  ? -7.46271  -6.07822  13.66166  1.000 28.00336 ?  127 ILE A CB  1 
ATOM   114  C CG1 . ILE A 1 16  ? -6.22353  -5.26047  14.03261  1.000 26.87227 ?  127 ILE A CG1 1 
ATOM   115  C CG2 . ILE A 1 16  ? -8.57898  -5.87986  14.67983  1.000 28.44090 ?  127 ILE A CG2 1 
ATOM   116  C CD1 . ILE A 1 16  ? -6.41579  -3.77041  13.88988  1.000 24.33058 ?  127 ILE A CD1 1 
ATOM   117  N N   . GLY A 1 17  ? -5.01934  -8.31266  12.44852  1.000 21.84899 ?  128 GLY A N   1 
ATOM   118  C CA  . GLY A 1 17  ? -4.17076  -8.58645  11.30284  1.000 22.55749 ?  128 GLY A CA  1 
ATOM   119  C C   . GLY A 1 17  ? -3.49872  -7.36275  10.72020  1.000 24.43090 ?  128 GLY A C   1 
ATOM   120  O O   . GLY A 1 17  ? -3.43735  -7.21679  9.49407   1.000 23.37221 ?  128 GLY A O   1 
ATOM   121  N N   . LEU A 1 18  ? -2.97203  -6.48523  11.56549  1.000 22.50616 ?  129 LEU A N   1 
ATOM   122  C CA  . LEU A 1 18  ? -2.49416  -5.18437  11.11253  1.000 20.61879 ?  129 LEU A CA  1 
ATOM   123  C C   . LEU A 1 18  ? -1.18575  -4.82519  11.80181  1.000 22.49306 ?  129 LEU A C   1 
ATOM   124  O O   . LEU A 1 18  ? -1.05606  -4.97292  13.02030  1.000 23.44982 ?  129 LEU A O   1 
ATOM   125  C CB  . LEU A 1 18  ? -3.54874  -4.11227  11.40396  1.000 21.66890 ?  129 LEU A CB  1 
ATOM   126  C CG  . LEU A 1 18  ? -3.32488  -2.69651  10.89063  1.000 25.19894 ?  129 LEU A CG  1 
ATOM   127  C CD1 . LEU A 1 18  ? -3.22392  -2.70663  9.37492   1.000 24.16198 ?  129 LEU A CD1 1 
ATOM   128  C CD2 . LEU A 1 18  ? -4.46894  -1.81040  11.36442  1.000 24.97218 ?  129 LEU A CD2 1 
ATOM   129  N N   . ARG A 1 19  ? -0.22037  -4.33679  11.02720  1.000 21.96267 ?  130 ARG A N   1 
ATOM   130  C CA  . ARG A 1 19  ? 0.99019   -3.74975  11.58874  1.000 21.16659 ?  130 ARG A CA  1 
ATOM   131  C C   . ARG A 1 19  ? 1.10333   -2.29945  11.14015  1.000 22.92881 ?  130 ARG A C   1 
ATOM   132  O O   . ARG A 1 19  ? 0.91475   -1.99677  9.95891   1.000 23.07590 ?  130 ARG A O   1 
ATOM   133  C CB  . ARG A 1 19  ? 2.24500   -4.52106  11.18460  1.000 23.53797 ?  130 ARG A CB  1 
ATOM   134  C CG  . ARG A 1 19  ? 3.48058   -4.14541  12.00854  0.000 24.77043 ?  130 ARG A CG  1 
ATOM   135  C CD  . ARG A 1 19  ? 3.24815   -4.29385  13.51806  0.000 25.40470 ?  130 ARG A CD  1 
ATOM   136  N NE  . ARG A 1 19  ? 2.71570   -3.07838  14.13350  0.000 25.28831 ?  130 ARG A NE  1 
ATOM   137  C CZ  . ARG A 1 19  ? 1.58877   -3.02816  14.83847  0.000 25.65320 ?  130 ARG A CZ  1 
ATOM   138  N NH1 . ARG A 1 19  ? 0.87062   -4.12739  15.02640  0.000 26.58934 ?  130 ARG A NH1 1 
ATOM   139  N NH2 . ARG A 1 19  ? 1.17629   -1.87755  15.35112  0.000 24.99724 ?  130 ARG A NH2 1 
ATOM   140  N N   . LEU A 1 20  ? 1.40912   -1.41432  12.08356  1.000 21.47030 ?  131 LEU A N   1 
ATOM   141  C CA  . LEU A 1 20  ? 1.51186   0.01701   11.82922  1.000 21.27204 ?  131 LEU A CA  1 
ATOM   142  C C   . LEU A 1 20  ? 2.95121   0.49364   11.96789  1.000 21.41182 ?  131 LEU A C   1 
ATOM   143  O O   . LEU A 1 20  ? 3.77797   -0.13488  12.63550  1.000 25.23842 ?  131 LEU A O   1 
ATOM   144  C CB  . LEU A 1 20  ? 0.61213   0.79788   12.79305  1.000 19.94078 ?  131 LEU A CB  1 
ATOM   145  C CG  . LEU A 1 20  ? -0.85644  0.37289   12.76601  1.000 20.33994 ?  131 LEU A CG  1 
ATOM   146  C CD1 . LEU A 1 20  ? -1.66083  1.09900   13.83581  1.000 22.68288 ?  131 LEU A CD1 1 
ATOM   147  C CD2 . LEU A 1 20  ? -1.46065  0.57392   11.38414  1.000 20.05203 ?  131 LEU A CD2 1 
ATOM   148  N N   . LYS A 1 21  ? 3.23355   1.64543   11.35059  1.000 19.54070 ?  132 LYS A N   1 
ATOM   149  C CA  . LYS A 1 21  ? 4.58019   2.19952   11.31483  1.000 21.90302 ?  132 LYS A CA  1 
ATOM   150  C C   . LYS A 1 21  ? 4.51343   3.71798   11.40377  1.000 20.50981 ?  132 LYS A C   1 
ATOM   151  O O   . LYS A 1 21  ? 3.66794   4.34213   10.76651  1.000 20.61452 ?  132 LYS A O   1 
ATOM   152  C CB  . LYS A 1 21  ? 5.29679   1.75822   10.03290  1.000 23.44896 ?  132 LYS A CB  1 
ATOM   153  C CG  . LYS A 1 21  ? 6.67646   2.35564   9.82501   1.000 28.76960 ?  132 LYS A CG  1 
ATOM   154  C CD  . LYS A 1 21  ? 7.06154   2.28740   8.36054   1.000 37.75097 ?  132 LYS A CD  1 
ATOM   155  C CE  . LYS A 1 21  ? 8.35368   1.50904   8.14897   1.000 44.84819 ?  132 LYS A CE  1 
ATOM   156  N NZ  . LYS A 1 21  ? 8.50005   1.05895   6.72810   1.000 48.08412 ?  132 LYS A NZ  1 
ATOM   157  N N   . SER A 1 22  ? 5.39458   4.30080   12.21358  1.000 19.97878 ?  133 SER A N   1 
ATOM   158  C CA  . SER A 1 22  ? 5.47610   5.74962   12.34848  1.000 19.57919 ?  133 SER A CA  1 
ATOM   159  C C   . SER A 1 22  ? 6.26548   6.34112   11.18302  1.000 22.39191 ?  133 SER A C   1 
ATOM   160  O O   . SER A 1 22  ? 7.34955   5.85249   10.84528  1.000 22.68991 ?  133 SER A O   1 
ATOM   161  C CB  . SER A 1 22  ? 6.14083   6.10401   13.67954  1.000 24.49888 ?  133 SER A CB  1 
ATOM   162  O OG  . SER A 1 22  ? 6.34243   7.49971   13.81183  1.000 26.42177 ?  133 SER A OG  1 
ATOM   163  N N   . VAL A 1 23  ? 5.71928   7.38956   10.56186  1.000 16.52098 ?  134 VAL A N   1 
ATOM   164  C CA  . VAL A 1 23  ? 6.39209   8.11446   9.48229   1.000 19.37570 ?  134 VAL A CA  1 
ATOM   165  C C   . VAL A 1 23  ? 6.07451   9.59140   9.66736   1.000 20.22369 ?  134 VAL A C   1 
ATOM   166  O O   . VAL A 1 23  ? 4.90209   9.97540   9.64899   1.000 17.94579 ?  134 VAL A O   1 
ATOM   167  C CB  . VAL A 1 23  ? 5.94166   7.66965   8.07547   1.000 20.41404 ?  134 VAL A CB  1 
ATOM   168  C CG1 . VAL A 1 23  ? 6.76638   8.39222   7.01307   1.000 20.70441 ?  134 VAL A CG1 1 
ATOM   169  C CG2 . VAL A 1 23  ? 6.02732   6.14933   7.89380   1.000 25.62775 ?  134 VAL A CG2 1 
ATOM   170  N N   . ASP A 1 24  ? 7.10552   10.41794  9.84520   1.000 18.86225 ?  135 ASP A N   1 
ATOM   171  C CA  . ASP A 1 24  ? 6.93327   11.87592  9.87397   1.000 18.68906 ?  135 ASP A CA  1 
ATOM   172  C C   . ASP A 1 24  ? 5.85462   12.30606  10.87120  1.000 16.77446 ?  135 ASP A C   1 
ATOM   173  O O   . ASP A 1 24  ? 5.03668   13.18357  10.59067  1.000 15.41419 ?  135 ASP A O   1 
ATOM   174  C CB  . ASP A 1 24  ? 6.60830   12.41182  8.47440   1.000 18.84560 ?  135 ASP A CB  1 
ATOM   175  C CG  . ASP A 1 24  ? 7.78569   12.31691  7.51955   1.000 24.92287 ?  135 ASP A CG  1 
ATOM   176  O OD1 . ASP A 1 24  ? 8.94695   12.27479  7.99078   1.000 24.57691 ?  135 ASP A OD1 1 
ATOM   177  O OD2 . ASP A 1 24  ? 7.54086   12.30045  6.29257   1.000 25.88487 ?  135 ASP A OD2 1 
ATOM   178  N N   . ASN A 1 25  ? 5.84929   11.66569  12.04514  1.000 18.53822 ?  136 ASN A N   1 
ATOM   179  C CA  . ASN A 1 25  ? 4.91432   11.93253  13.13833  1.000 18.81682 ?  136 ASN A CA  1 
ATOM   180  C C   . ASN A 1 25  ? 3.46899   11.61312  12.77452  1.000 16.23794 ?  136 ASN A C   1 
ATOM   181  O O   . ASN A 1 25  ? 2.53427   12.09914  13.42868  1.000 17.61536 ?  136 ASN A O   1 
ATOM   182  C CB  . ASN A 1 25  ? 5.04051   13.36825  13.64722  1.000 18.05921 ?  136 ASN A CB  1 
ATOM   183  C CG  . ASN A 1 25  ? 6.20279   13.51596  14.59388  1.000 22.76788 ?  136 ASN A CG  1 
ATOM   184  O OD1 . ASN A 1 25  ? 6.22382   12.91160  15.66872  1.000 23.54844 ?  136 ASN A OD1 1 
ATOM   185  N ND2 . ASN A 1 25  ? 7.20784   14.26464  14.17655  1.000 22.92545 ?  136 ASN A ND2 1 
ATOM   186  N N   . GLY A 1 26  ? 3.27908   10.80415  11.73489  1.000 15.10301 ?  137 GLY A N   1 
ATOM   187  C CA  . GLY A 1 26  ? 2.01929   10.15011  11.46997  1.000 16.35326 ?  137 GLY A CA  1 
ATOM   188  C C   . GLY A 1 26  ? 2.16462   8.65121   11.67788  1.000 17.29311 ?  137 GLY A C   1 
ATOM   189  O O   . GLY A 1 26  ? 3.24129   8.13719   11.96287  1.000 18.93547 ?  137 GLY A O   1 
ATOM   190  N N   . ILE A 1 27  ? 1.04194   7.94881   11.53027  1.000 15.74826 ?  138 ILE A N   1 
ATOM   191  C CA  . ILE A 1 27  ? 0.99891   6.49726   11.66192  1.000 19.02857 ?  138 ILE A CA  1 
ATOM   192  C C   . ILE A 1 27  ? 0.40564   5.94342   10.37812  1.000 15.85059 ?  138 ILE A C   1 
ATOM   193  O O   . ILE A 1 27  ? -0.61277  6.45396   9.88950   1.000 16.20972 ?  138 ILE A O   1 
ATOM   194  C CB  . ILE A 1 27  ? 0.17934   6.04961   12.88989  1.000 15.04770 ?  138 ILE A CB  1 
ATOM   195  C CG1 . ILE A 1 27  ? 0.94305   6.32659   14.19262  1.000 18.61606 ?  138 ILE A CG1 1 
ATOM   196  C CG2 . ILE A 1 27  ? -0.21275  4.55767   12.78457  1.000 18.76026 ?  138 ILE A CG2 1 
ATOM   197  C CD1 . ILE A 1 27  ? 2.20073   5.49849   14.38557  1.000 17.61381 ?  138 ILE A CD1 1 
ATOM   198  N N   . PHE A 1 28  ? 1.04812   4.91610   9.83229   1.000 17.24017 ?  139 PHE A N   1 
ATOM   199  C CA  . PHE A 1 28  ? 0.68826   4.36355   8.53810   1.000 16.18171 ?  139 PHE A CA  1 
ATOM   200  C C   . PHE A 1 28  ? 0.60780   2.84519   8.60246   1.000 16.34330 ?  139 PHE A C   1 
ATOM   201  O O   . PHE A 1 28  ? 1.27855   2.19476   9.41161   1.000 18.27070 ?  139 PHE A O   1 
ATOM   202  C CB  . PHE A 1 28  ? 1.69616   4.79346   7.46482   1.000 17.33515 ?  139 PHE A CB  1 
ATOM   203  C CG  . PHE A 1 28  ? 1.66468   6.26575   7.18111   1.000 16.69608 ?  139 PHE A CG  1 
ATOM   204  C CD1 . PHE A 1 28  ? 2.33004   7.15283   8.00575   1.000 18.41250 ?  139 PHE A CD1 1 
ATOM   205  C CD2 . PHE A 1 28  ? 0.92501   6.76374   6.11690   1.000 18.66116 ?  139 PHE A CD2 1 
ATOM   206  C CE1 . PHE A 1 28  ? 2.28878   8.51998   7.75404   1.000 18.93284 ?  139 PHE A CE1 1 
ATOM   207  C CE2 . PHE A 1 28  ? 0.87318   8.13560   5.85827   1.000 18.98935 ?  139 PHE A CE2 1 
ATOM   208  C CZ  . PHE A 1 28  ? 1.54965   9.00758   6.68217   1.000 19.67033 ?  139 PHE A CZ  1 
ATOM   209  N N   . VAL A 1 29  ? -0.22867  2.29731   7.72557   1.000 19.23877 ?  140 VAL A N   1 
ATOM   210  C CA  . VAL A 1 29  ? -0.39833  0.85616   7.60061   1.000 15.96807 ?  140 VAL A CA  1 
ATOM   211  C C   . VAL A 1 29  ? 0.82168   0.26590   6.90349   1.000 21.39115 ?  140 VAL A C   1 
ATOM   212  O O   . VAL A 1 29  ? 1.15197   0.63866   5.77029   1.000 20.99143 ?  140 VAL A O   1 
ATOM   213  C CB  . VAL A 1 29  ? -1.68858  0.53307   6.83571   1.000 19.29694 ?  140 VAL A CB  1 
ATOM   214  C CG1 . VAL A 1 29  ? -1.77806  -0.95986  6.56078   1.000 20.66390 ?  140 VAL A CG1 1 
ATOM   215  C CG2 . VAL A 1 29  ? -2.91718  1.01904   7.60984   1.000 19.44985 ?  140 VAL A CG2 1 
ATOM   216  N N   . GLN A 1 30  ? 1.49353   -0.66449  7.57675   1.000 21.93300 ?  141 GLN A N   1 
ATOM   217  C CA  . GLN A 1 30  ? 2.67934   -1.31660  7.03792   1.000 24.44057 ?  141 GLN A CA  1 
ATOM   218  C C   . GLN A 1 30  ? 2.40881   -2.72341  6.52413   1.000 24.95866 ?  141 GLN A C   1 
ATOM   219  O O   . GLN A 1 30  ? 3.04047   -3.14654  5.54889   1.000 27.26163 ?  141 GLN A O   1 
ATOM   220  C CB  . GLN A 1 30  ? 3.77995   -1.37768  8.10499   1.000 27.93040 ?  141 GLN A CB  1 
ATOM   221  C CG  . GLN A 1 30  ? 4.99941   -2.20139  7.69085   1.000 31.82707 ?  141 GLN A CG  1 
ATOM   222  C CD  . GLN A 1 30  ? 6.25631   -1.82003  8.43629   1.000 38.33341 ?  141 GLN A CD  1 
ATOM   223  O OE1 . GLN A 1 30  ? 7.26003   -1.44967  7.82626   1.000 47.37088 ?  141 GLN A OE1 1 
ATOM   224  N NE2 . GLN A 1 30  ? 6.21580   -1.91287  9.76212   1.000 38.11403 ?  141 GLN A NE2 1 
ATOM   225  N N   . LEU A 1 31  ? 1.49156   -3.45729  7.15158   1.000 23.88334 ?  142 LEU A N   1 
ATOM   226  C CA  . LEU A 1 31  ? 1.19374   -4.82172  6.73392   1.000 24.48274 ?  142 LEU A CA  1 
ATOM   227  C C   . LEU A 1 31  ? -0.26179  -5.13962  7.05044   1.000 25.66244 ?  142 LEU A C   1 
ATOM   228  O O   . LEU A 1 31  ? -0.73248  -4.86072  8.15930   1.000 25.80285 ?  142 LEU A O   1 
ATOM   229  C CB  . LEU A 1 31  ? 2.12552   -5.81910  7.43430   1.000 26.45714 ?  142 LEU A CB  1 
ATOM   230  C CG  . LEU A 1 31  ? 2.05448   -7.27236  6.96414   1.000 33.59916 ?  142 LEU A CG  1 
ATOM   231  C CD1 . LEU A 1 31  ? 2.63462   -7.40779  5.56681   1.000 29.80395 ?  142 LEU A CD1 1 
ATOM   232  C CD2 . LEU A 1 31  ? 2.78545   -8.18063  7.94043   1.000 36.51617 ?  142 LEU A CD2 1 
ATOM   233  N N   . VAL A 1 32  ? -0.96802  -5.71264  6.07829   1.000 22.18214 ?  143 VAL A N   1 
ATOM   234  C CA  . VAL A 1 32  ? -2.34704  -6.16152  6.25625   1.000 20.94266 ?  143 VAL A CA  1 
ATOM   235  C C   . VAL A 1 32  ? -2.37785  -7.66355  6.01032   1.000 28.76084 ?  143 VAL A C   1 
ATOM   236  O O   . VAL A 1 32  ? -1.94503  -8.13285  4.95108   1.000 28.09537 ?  143 VAL A O   1 
ATOM   237  C CB  . VAL A 1 32  ? -3.32088  -5.43608  5.31541   1.000 22.30822 ?  143 VAL A CB  1 
ATOM   238  C CG1 . VAL A 1 32  ? -4.74905  -5.93065  5.53923   1.000 24.35253 ?  143 VAL A CG1 1 
ATOM   239  C CG2 . VAL A 1 32  ? -3.23926  -3.92593  5.50874   1.000 24.73508 ?  143 VAL A CG2 1 
ATOM   240  N N   . GLN A 1 33  ? -2.88309  -8.41101  6.98281   1.000 28.39058 ?  144 GLN A N   1 
ATOM   241  C CA  . GLN A 1 33  ? -2.94251  -9.85945  6.85319   1.000 29.79753 ?  144 GLN A CA  1 
ATOM   242  C C   . GLN A 1 33  ? -4.07422  -10.26498 5.91682   1.000 27.62796 ?  144 GLN A C   1 
ATOM   243  O O   . GLN A 1 33  ? -5.14867  -9.66034  5.91119   1.000 26.82661 ?  144 GLN A O   1 
ATOM   244  C CB  . GLN A 1 33  ? -3.13736  -10.49856 8.22551   1.000 28.12244 ?  144 GLN A CB  1 
ATOM   245  C CG  . GLN A 1 33  ? -2.97176  -12.00762 8.25007   1.000 33.40602 ?  144 GLN A CG  1 
ATOM   246  C CD  . GLN A 1 33  ? -3.20493  -12.57345 9.63063   1.000 36.86796 ?  144 GLN A CD  1 
ATOM   247  O OE1 . GLN A 1 33  ? -3.49594  -11.83061 10.56508  1.000 42.21046 ?  144 GLN A OE1 1 
ATOM   248  N NE2 . GLN A 1 33  ? -3.08165  -13.89132 9.77039   1.000 40.62014 ?  144 GLN A NE2 1 
ATOM   249  N N   . ALA A 1 34  ? -3.82950  -11.29723 5.11504   1.000 30.34190 ?  145 ALA A N   1 
ATOM   250  C CA  . ALA A 1 34  ? -4.87681  -11.81117 4.24568   1.000 32.06017 ?  145 ALA A CA  1 
ATOM   251  C C   . ALA A 1 34  ? -6.02684  -12.36860 5.07337   1.000 27.44304 ?  145 ALA A C   1 
ATOM   252  O O   . ALA A 1 34  ? -5.81847  -12.98883 6.12202   1.000 26.66292 ?  145 ALA A O   1 
ATOM   253  C CB  . ALA A 1 34  ? -4.31885  -12.89099 3.31981   1.000 32.42830 ?  145 ALA A CB  1 
ATOM   254  N N   . ASN A 1 35  ? -7.25104  -12.12481 4.60521   1.000 26.30828 ?  146 ASN A N   1 
ATOM   255  C CA  . ASN A 1 35  ? -8.46299  -12.64414 5.24250   1.000 26.76163 ?  146 ASN A CA  1 
ATOM   256  C C   . ASN A 1 35  ? -8.58478  -12.22503 6.70836   1.000 27.94094 ?  146 ASN A C   1 
ATOM   257  O O   . ASN A 1 35  ? -9.16519  -12.93684 7.52646   1.000 26.66571 ?  146 ASN A O   1 
ATOM   258  C CB  . ASN A 1 35  ? -8.52889  -14.16447 5.09934   1.000 26.19077 ?  146 ASN A CB  1 
ATOM   259  C CG  . ASN A 1 35  ? -8.70853  -14.57757 3.65998   1.000 29.02036 ?  146 ASN A CG  1 
ATOM   260  O OD1 . ASN A 1 35  ? -9.71591  -14.24007 3.04425   1.000 31.34307 ?  146 ASN A OD1 1 
ATOM   261  N ND2 . ASN A 1 35  ? -7.72218  -15.27152 3.10246   1.000 30.18701 ?  146 ASN A ND2 1 
ATOM   262  N N   . SER A 1 36  ? -8.06049  -11.06355 7.05378   1.000 24.66616 ?  147 SER A N   1 
ATOM   263  C CA  . SER A 1 36  ? -8.12017  -10.53222 8.40510   1.000 23.43124 ?  147 SER A CA  1 
ATOM   264  C C   . SER A 1 36  ? -9.23358  -9.50087  8.51825   1.000 25.98589 ?  147 SER A C   1 
ATOM   265  O O   . SER A 1 36  ? -9.77201  -9.02624  7.51222   1.000 23.95144 ?  147 SER A O   1 
ATOM   266  C CB  . SER A 1 36  ? -6.77420  -9.89798  8.76684   1.000 26.07046 ?  147 SER A CB  1 
ATOM   267  O OG  . SER A 1 36  ? -6.55403  -8.75504  7.96020   1.000 25.18982 ?  147 SER A OG  1 
ATOM   268  N N   . PRO A 1 37  ? -9.60976  -9.12194  9.74476   1.000 24.26945 ?  148 PRO A N   1 
ATOM   269  C CA  . PRO A 1 37  ? -10.53765 -7.98993  9.89838   1.000 25.41975 ?  148 PRO A CA  1 
ATOM   270  C C   . PRO A 1 37  ? -10.04533 -6.71572  9.22844   1.000 22.23013 ?  148 PRO A C   1 
ATOM   271  O O   . PRO A 1 37  ? -10.85852 -5.95008  8.69960   1.000 23.47360 ?  148 PRO A O   1 
ATOM   272  C CB  . PRO A 1 37  ? -10.63178 -7.82334  11.42226  1.000 26.70513 ?  148 PRO A CB  1 
ATOM   273  C CG  . PRO A 1 37  ? -10.28026 -9.16650  11.97355  1.000 27.51166 ?  148 PRO A CG  1 
ATOM   274  C CD  . PRO A 1 37  ? -9.26972  -9.74305  11.03858  1.000 26.47422 ?  148 PRO A CD  1 
ATOM   275  N N   . ALA A 1 38  ? -8.73385  -6.47163  9.23030   1.000 21.29167 ?  149 ALA A N   1 
ATOM   276  C CA  . ALA A 1 38  ? -8.20261  -5.28118  8.57236   1.000 18.53910 ?  149 ALA A CA  1 
ATOM   277  C C   . ALA A 1 38  ? -8.42981  -5.33737  7.06773   1.000 21.31580 ?  149 ALA A C   1 
ATOM   278  O O   . ALA A 1 38  ? -8.80051  -4.33031  6.45129   1.000 22.54135 ?  149 ALA A O   1 
ATOM   279  C CB  . ALA A 1 38  ? -6.71578  -5.13418  8.88984   1.000 22.14997 ?  149 ALA A CB  1 
ATOM   280  N N   . SER A 1 39  ? -8.20469  -6.50811  6.45960   1.000 21.98858 ?  150 SER A N   1 
ATOM   281  C CA  . SER A 1 39  ? -8.48490  -6.67793  5.03743   1.000 23.21353 ?  150 SER A CA  1 
ATOM   282  C C   . SER A 1 39  ? -9.96924  -6.51208  4.74233   1.000 24.11911 ?  150 SER A C   1 
ATOM   283  O O   . SER A 1 39  ? -10.34207 -5.93862  3.71230   1.000 26.12532 ?  150 SER A O   1 
ATOM   284  C CB  . SER A 1 39  ? -7.99846  -8.05062  4.56487   1.000 25.55387 ?  150 SER A CB  1 
ATOM   285  O OG  . SER A 1 39  ? -8.07251  -8.14712  3.14769   1.000 30.13574 ?  150 SER A OG  1 
ATOM   286  N N   . LEU A 1 40  ? -10.83125 -7.00638  5.63731   1.000 24.40893 ?  151 LEU A N   1 
ATOM   287  C CA  . LEU A 1 40  ? -12.27183 -6.94953  5.39964   1.000 27.57829 ?  151 LEU A CA  1 
ATOM   288  C C   . LEU A 1 40  ? -12.76117 -5.51397  5.26006   1.000 28.62088 ?  151 LEU A C   1 
ATOM   289  O O   . LEU A 1 40  ? -13.59967 -5.21708  4.39965   1.000 28.74496 ?  151 LEU A O   1 
ATOM   290  C CB  . LEU A 1 40  ? -13.01895 -7.65729  6.52664   1.000 26.50572 ?  151 LEU A CB  1 
ATOM   291  C CG  . LEU A 1 40  ? -14.54456 -7.65520  6.39026   1.000 31.58904 ?  151 LEU A CG  1 
ATOM   292  C CD1 . LEU A 1 40  ? -14.95945 -8.45553  5.16103   1.000 33.73530 ?  151 LEU A CD1 1 
ATOM   293  C CD2 . LEU A 1 40  ? -15.20781 -8.19493  7.64645   1.000 32.92237 ?  151 LEU A CD2 1 
ATOM   294  N N   . VAL A 1 41  ? -12.25137 -4.60269  6.09632   1.000 23.36848 ?  152 VAL A N   1 
ATOM   295  C CA  . VAL A 1 41  ? -12.66237 -3.20645  6.00648   1.000 24.31441 ?  152 VAL A CA  1 
ATOM   296  C C   . VAL A 1 41  ? -11.85913 -2.44061  4.96451   1.000 26.10583 ?  152 VAL A C   1 
ATOM   297  O O   . VAL A 1 41  ? -12.04702 -1.22420  4.82082   1.000 26.93626 ?  152 VAL A O   1 
ATOM   298  C CB  . VAL A 1 41  ? -12.56641 -2.50999  7.38247   1.000 26.06971 ?  152 VAL A CB  1 
ATOM   299  C CG1 . VAL A 1 41  ? -13.47991 -3.20423  8.38729   1.000 26.55642 ?  152 VAL A CG1 1 
ATOM   300  C CG2 . VAL A 1 41  ? -11.12701 -2.47910  7.88766   1.000 24.80303 ?  152 VAL A CG2 1 
ATOM   301  N N   . GLY A 1 42  ? -10.96246 -3.11240  4.24233   1.000 24.27819 ?  153 GLY A N   1 
ATOM   302  C CA  . GLY A 1 42  ? -10.26384 -2.50469  3.12731   1.000 28.71293 ?  153 GLY A CA  1 
ATOM   303  C C   . GLY A 1 42  ? -9.03429  -1.69239  3.46413   1.000 26.68111 ?  153 GLY A C   1 
ATOM   304  O O   . GLY A 1 42  ? -8.66139  -0.81500  2.67905   1.000 30.10117 ?  153 GLY A O   1 
ATOM   305  N N   . LEU A 1 43  ? -8.38298  -1.94737  4.59608   1.000 22.38376 ?  154 LEU A N   1 
ATOM   306  C CA  . LEU A 1 43  ? -7.13948  -1.24409  4.88261   1.000 25.21104 ?  154 LEU A CA  1 
ATOM   307  C C   . LEU A 1 43  ? -6.04527  -1.73638  3.94489   1.000 26.16481 ?  154 LEU A C   1 
ATOM   308  O O   . LEU A 1 43  ? -6.00850  -2.91062  3.57129   1.000 25.08509 ?  154 LEU A O   1 
ATOM   309  C CB  . LEU A 1 43  ? -6.72435  -1.45104  6.33531   1.000 22.55835 ?  154 LEU A CB  1 
ATOM   310  C CG  . LEU A 1 43  ? -7.66814  -0.83048  7.36438   1.000 20.63963 ?  154 LEU A CG  1 
ATOM   311  C CD1 . LEU A 1 43  ? -7.14219  -1.06235  8.76680   1.000 24.63545 ?  154 LEU A CD1 1 
ATOM   312  C CD2 . LEU A 1 43  ? -7.83218  0.65174   7.09046   1.000 25.97373 ?  154 LEU A CD2 1 
ATOM   313  N N   . ARG A 1 44  ? -5.16275  -0.82627  3.54262   1.000 23.79924 ?  155 ARG A N   1 
ATOM   314  C CA  . ARG A 1 44  ? -4.13564  -1.14463  2.56524   1.000 27.67496 ?  155 ARG A CA  1 
ATOM   315  C C   . ARG A 1 44  ? -2.81399  -0.52044  2.98519   1.000 26.51379 ?  155 ARG A C   1 
ATOM   316  O O   . ARG A 1 44  ? -2.78117  0.51429   3.66126   1.000 21.13006 ?  155 ARG A O   1 
ATOM   317  C CB  . ARG A 1 44  ? -4.52261  -0.65018  1.16153   1.000 29.09291 ?  155 ARG A CB  1 
ATOM   318  C CG  . ARG A 1 44  ? -5.79328  -1.29200  0.61701   1.000 33.22997 ?  155 ARG A CG  1 
ATOM   319  C CD  . ARG A 1 44  ? -6.48342  -0.37975  -0.36850  1.000 36.92626 ?  155 ARG A CD  1 
ATOM   320  N NE  . ARG A 1 44  ? -6.77254  0.93181   0.20586   1.000 41.66558 ?  155 ARG A NE  1 
ATOM   321  C CZ  . ARG A 1 44  ? -6.91180  2.04412   -0.50967  1.000 42.47684 ?  155 ARG A CZ  1 
ATOM   322  N NH1 . ARG A 1 44  ? -6.78531  2.00621   -1.83081  1.000 43.84234 ?  155 ARG A NH1 1 
ATOM   323  N NH2 . ARG A 1 44  ? -7.17286  3.19587   0.09518   1.000 40.14251 ?  155 ARG A NH2 1 
ATOM   324  N N   . PHE A 1 45  ? -1.72571  -1.17468  2.58024   1.000 24.58408 ?  156 PHE A N   1 
ATOM   325  C CA  . PHE A 1 45  ? -0.38691  -0.62299  2.74121   1.000 24.05333 ?  156 PHE A CA  1 
ATOM   326  C C   . PHE A 1 45  ? -0.35342  0.83739   2.30154   1.000 22.69051 ?  156 PHE A C   1 
ATOM   327  O O   . PHE A 1 45  ? -0.76201  1.18133   1.18830   1.000 24.59515 ?  156 PHE A O   1 
ATOM   328  C CB  . PHE A 1 45  ? 0.61025   -1.45583  1.92686   1.000 27.02768 ?  156 PHE A CB  1 
ATOM   329  C CG  . PHE A 1 45  ? 1.99067   -0.86072  1.83894   1.000 24.41473 ?  156 PHE A CG  1 
ATOM   330  C CD1 . PHE A 1 45  ? 2.89607   -1.02676  2.86971   1.000 24.46879 ?  156 PHE A CD1 1 
ATOM   331  C CD2 . PHE A 1 45  ? 2.38942   -0.16472  0.70820   1.000 28.26203 ?  156 PHE A CD2 1 
ATOM   332  C CE1 . PHE A 1 45  ? 4.16921   -0.49302  2.78832   1.000 28.93687 ?  156 PHE A CE1 1 
ATOM   333  C CE2 . PHE A 1 45  ? 3.66220   0.37677   0.62147   1.000 26.34517 ?  156 PHE A CE2 1 
ATOM   334  C CZ  . PHE A 1 45  ? 4.55008   0.21056   1.66374   1.000 29.02080 ?  156 PHE A CZ  1 
ATOM   335  N N   . GLY A 1 46  ? 0.10311   1.70320   3.19882   1.000 20.91190 ?  157 GLY A N   1 
ATOM   336  C CA  . GLY A 1 46  ? 0.21007   3.11886   2.90607   1.000 19.78269 ?  157 GLY A CA  1 
ATOM   337  C C   . GLY A 1 46  ? -0.94065  3.96555   3.40606   1.000 20.80432 ?  157 GLY A C   1 
ATOM   338  O O   . GLY A 1 46  ? -0.82058  5.19551   3.40256   1.000 20.88829 ?  157 GLY A O   1 
ATOM   339  N N   . ASP A 1 47  ? -2.05725  3.35416   3.80717   1.000 19.79077 ?  158 ASP A N   1 
ATOM   340  C CA  . ASP A 1 47  ? -3.13974  4.11414   4.41569   1.000 18.86856 ?  158 ASP A CA  1 
ATOM   341  C C   . ASP A 1 47  ? -2.62555  4.81477   5.66437   1.000 17.68324 ?  158 ASP A C   1 
ATOM   342  O O   . ASP A 1 47  ? -1.78671  4.27399   6.38688   1.000 17.97639 ?  158 ASP A O   1 
ATOM   343  C CB  . ASP A 1 47  ? -4.30472  3.18904   4.78387   1.000 20.45663 ?  158 ASP A CB  1 
ATOM   344  C CG  . ASP A 1 47  ? -5.19920  2.87152   3.60134   1.000 24.51935 ?  158 ASP A CG  1 
ATOM   345  O OD1 . ASP A 1 47  ? -5.14915  3.60892   2.59821   1.000 25.34417 ?  158 ASP A OD1 1 
ATOM   346  O OD2 . ASP A 1 47  ? -5.97983  1.90199   3.68806   1.000 24.04520 ?  158 ASP A OD2 1 
ATOM   347  N N   . GLN A 1 48  ? -3.12433  6.02618   5.91211   1.000 16.23078 ?  159 GLN A N   1 
ATOM   348  C CA  . GLN A 1 48  ? -2.76743  6.77838   7.10910   1.000 14.55132 ?  159 GLN A CA  1 
ATOM   349  C C   . GLN A 1 48  ? -3.84712  6.62349   8.17479   1.000 15.59658 ?  159 GLN A C   1 
ATOM   350  O O   . GLN A 1 48  ? -5.03738  6.76420   7.88500   1.000 17.81464 ?  159 GLN A O   1 
ATOM   351  C CB  . GLN A 1 48  ? -2.57099  8.26137   6.79709   1.000 16.83416 ?  159 GLN A CB  1 
ATOM   352  C CG  . GLN A 1 48  ? -2.01512  9.00980   7.99531   1.000 16.59506 ?  159 GLN A CG  1 
ATOM   353  C CD  . GLN A 1 48  ? -1.80657  10.49033  7.72481   1.000 16.99676 ?  159 GLN A CD  1 
ATOM   354  O OE1 . GLN A 1 48  ? -2.04162  10.97723  6.62200   1.000 19.26131 ?  159 GLN A OE1 1 
ATOM   355  N NE2 . GLN A 1 48  ? -1.36034  11.21324  8.74495   1.000 16.09136 ?  159 GLN A NE2 1 
ATOM   356  N N   . VAL A 1 49  ? -3.42867  6.36494   9.40697   1.000 14.68170 ?  160 VAL A N   1 
ATOM   357  C CA  . VAL A 1 49  ? -4.35152  6.18650   10.52603  1.000 14.57096 ?  160 VAL A CA  1 
ATOM   358  C C   . VAL A 1 49  ? -4.34109  7.47459   11.34097  1.000 15.29327 ?  160 VAL A C   1 
ATOM   359  O O   . VAL A 1 49  ? -3.35611  7.78012   12.01765  1.000 17.04710 ?  160 VAL A O   1 
ATOM   360  C CB  . VAL A 1 49  ? -3.96670  4.97853   11.38723  1.000 16.12011 ?  160 VAL A CB  1 
ATOM   361  C CG1 . VAL A 1 49  ? -5.01544  4.77867   12.46647  1.000 16.41336 ?  160 VAL A CG1 1 
ATOM   362  C CG2 . VAL A 1 49  ? -3.82212  3.72544   10.51986  1.000 17.00529 ?  160 VAL A CG2 1 
ATOM   363  N N   . LEU A 1 50  ? -5.44241  8.22411   11.27819  1.000 13.59339 ?  161 LEU A N   1 
ATOM   364  C CA  . LEU A 1 50  ? -5.55709  9.50417   11.97421  1.000 14.61473 ?  161 LEU A CA  1 
ATOM   365  C C   . LEU A 1 50  ? -5.97047  9.31471   13.42809  1.000 15.80478 ?  161 LEU A C   1 
ATOM   366  O O   . LEU A 1 50  ? -5.45228  10.00014  14.31767  1.000 15.04430 ?  161 LEU A O   1 
ATOM   367  C CB  . LEU A 1 50  ? -6.58170  10.39489  11.26711  1.000 14.52433 ?  161 LEU A CB  1 
ATOM   368  C CG  . LEU A 1 50  ? -6.27532  10.84438  9.83470   1.000 20.31584 ?  161 LEU A CG  1 
ATOM   369  C CD1 . LEU A 1 50  ? -7.15176  12.03165  9.43233   1.000 21.75105 ?  161 LEU A CD1 1 
ATOM   370  C CD2 . LEU A 1 50  ? -4.84096  11.19999  9.72146   1.000 19.16312 ?  161 LEU A CD2 1 
ATOM   371  N N   . GLN A 1 51  ? -6.93126  8.41871   13.67770  1.000 13.71207 ?  162 GLN A N   1 
ATOM   372  C CA  . GLN A 1 51  ? -7.40778  8.11966   15.02012  1.000 17.01126 ?  162 GLN A CA  1 
ATOM   373  C C   . GLN A 1 51  ? -7.57041  6.61573   15.17489  1.000 15.87433 ?  162 GLN A C   1 
ATOM   374  O O   . GLN A 1 51  ? -7.86282  5.89888   14.21392  1.000 15.11913 ?  162 GLN A O   1 
ATOM   375  C CB  . GLN A 1 51  ? -8.75255  8.78940   15.33269  1.000 16.12858 ?  162 GLN A CB  1 
ATOM   376  C CG  . GLN A 1 51  ? -8.65382  10.30921  15.56762  1.000 15.23919 ?  162 GLN A CG  1 
ATOM   377  C CD  . GLN A 1 51  ? -8.76183  11.13101  14.30791  1.000 20.65433 ?  162 GLN A CD  1 
ATOM   378  O OE1 . GLN A 1 51  ? -9.56186  10.83964  13.42209  1.000 20.64636 ?  162 GLN A OE1 1 
ATOM   379  N NE2 . GLN A 1 51  ? -7.95330  12.18479  14.22313  1.000 18.87752 ?  162 GLN A NE2 1 
ATOM   380  N N   . ILE A 1 52  ? -7.36923  6.14552   16.39919  1.000 14.75320 ?  163 ILE A N   1 
ATOM   381  C CA  . ILE A 1 52  ? -7.77549  4.80452   16.81094  1.000 14.29227 ?  163 ILE A CA  1 
ATOM   382  C C   . ILE A 1 52  ? -8.68351  4.98942   18.01105  1.000 15.22654 ?  163 ILE A C   1 
ATOM   383  O O   . ILE A 1 52  ? -8.27818  5.61254   19.00287  1.000 16.79615 ?  163 ILE A O   1 
ATOM   384  C CB  . ILE A 1 52  ? -6.57470  3.90964   17.15845  1.000 15.04676 ?  163 ILE A CB  1 
ATOM   385  C CG1 . ILE A 1 52  ? -5.72375  3.64070   15.90927  1.000 16.39183 ?  163 ILE A CG1 1 
ATOM   386  C CG2 . ILE A 1 52  ? -7.05863  2.58323   17.77008  1.000 17.15288 ?  163 ILE A CG2 1 
ATOM   387  C CD1 . ILE A 1 52  ? -4.40027  2.95986   16.20169  1.000 17.63661 ?  163 ILE A CD1 1 
ATOM   388  N N   . ASN A 1 53  ? -9.91873  4.48937   17.90592  1.000 16.71473 ?  164 ASN A N   1 
ATOM   389  C CA  . ASN A 1 53  ? -10.92298 4.64764   18.95969  1.000 16.94128 ?  164 ASN A CA  1 
ATOM   390  C C   . ASN A 1 53  ? -11.06612 6.11387   19.36751  1.000 18.36855 ?  164 ASN A C   1 
ATOM   391  O O   . ASN A 1 53  ? -11.21250 6.44545   20.54844  1.000 19.28693 ?  164 ASN A O   1 
ATOM   392  C CB  . ASN A 1 53  ? -10.58796 3.76542   20.16640  1.000 16.30441 ?  164 ASN A CB  1 
ATOM   393  C CG  . ASN A 1 53  ? -10.83924 2.28386   19.89627  1.000 19.49917 ?  164 ASN A CG  1 
ATOM   394  O OD1 . ASN A 1 53  ? -11.66925 1.92521   19.06719  1.000 18.56101 ?  164 ASN A OD1 1 
ATOM   395  N ND2 . ASN A 1 53  ? -10.14030 1.42556   20.62051  1.000 21.79705 ?  164 ASN A ND2 1 
ATOM   396  N N   . GLY A 1 54  ? -10.99757 7.00175   18.37006  1.000 17.01234 ?  165 GLY A N   1 
ATOM   397  C CA  . GLY A 1 54  ? -11.16921 8.42366   18.56827  1.000 17.46732 ?  165 GLY A CA  1 
ATOM   398  C C   . GLY A 1 54  ? -9.97867  9.16012   19.14886  1.000 18.60714 ?  165 GLY A C   1 
ATOM   399  O O   . GLY A 1 54  ? -10.08758 10.36785  19.39497  1.000 21.58358 ?  165 GLY A O   1 
ATOM   400  N N   . GLU A 1 55  ? -8.85994  8.48318   19.39756  1.000 17.80618 ?  166 GLU A N   1 
ATOM   401  C CA  . GLU A 1 55  ? -7.65494  9.11815   19.91810  1.000 17.50808 ?  166 GLU A CA  1 
ATOM   402  C C   . GLU A 1 55  ? -6.70270  9.42136   18.76951  1.000 17.07966 ?  166 GLU A C   1 
ATOM   403  O O   . GLU A 1 55  ? -6.40301  8.53068   17.97081  1.000 15.67486 ?  166 GLU A O   1 
ATOM   404  C CB  . GLU A 1 55  ? -6.94119  8.21519   20.92359  1.000 19.30487 ?  166 GLU A CB  1 
ATOM   405  C CG  . GLU A 1 55  ? -7.74485  7.84295   22.15016  1.000 28.04432 ?  166 GLU A CG  1 
ATOM   406  C CD  . GLU A 1 55  ? -6.87705  7.20544   23.22449  1.000 37.30710 ?  166 GLU A CD  1 
ATOM   407  O OE1 . GLU A 1 55  ? -7.09644  7.49542   24.42307  1.000 45.46779 ?  166 GLU A OE1 1 
ATOM   408  O OE2 . GLU A 1 55  ? -5.97790  6.40800   22.86813  1.000 30.98733 ?  166 GLU A OE2 1 
ATOM   409  N N   . ASN A 1 56  ? -6.19586  10.65786  18.71231  1.000 16.82262 ?  167 ASN A N   1 
ATOM   410  C CA  . ASN A 1 56  ? -5.25684  11.02860  17.65546  1.000 17.27399 ?  167 ASN A CA  1 
ATOM   411  C C   . ASN A 1 56  ? -3.97889  10.20567  17.72844  1.000 16.51307 ?  167 ASN A C   1 
ATOM   412  O O   . ASN A 1 56  ? -3.37537  10.05829  18.79739  1.000 17.95075 ?  167 ASN A O   1 
ATOM   413  C CB  . ASN A 1 56  ? -4.87011  12.50539  17.74998  1.000 15.61888 ?  167 ASN A CB  1 
ATOM   414  C CG  . ASN A 1 56  ? -6.04882  13.43238  17.59375  1.000 19.32583 ?  167 ASN A CG  1 
ATOM   415  O OD1 . ASN A 1 56  ? -7.03076  13.09327  16.94438  1.000 17.68617 ?  167 ASN A OD1 1 
ATOM   416  N ND2 . ASN A 1 56  ? -5.94915  14.62685  18.18347  1.000 18.21866 ?  167 ASN A ND2 1 
ATOM   417  N N   . CYS A 1 57  ? -3.52786  9.74117   16.56604  1.000 16.47260 ?  168 CYS A N   1 
ATOM   418  C CA  . CYS A 1 57  ? -2.28314  8.99171   16.44279  1.000 15.77446 ?  168 CYS A CA  1 
ATOM   419  C C   . CYS A 1 57  ? -1.05254  9.88260   16.31475  1.000 17.05766 ?  168 CYS A C   1 
ATOM   420  O O   . CYS A 1 57  ? 0.06647   9.36430   16.34341  1.000 17.44508 ?  168 CYS A O   1 
ATOM   421  C CB  . CYS A 1 57  ? -2.35173  8.08338   15.21201  1.000 15.92177 ?  168 CYS A CB  1 
ATOM   422  S SG  . CYS A 1 57  ? -3.60842  6.80277   15.37798  1.000 21.80020 ?  168 CYS A SG  1 
ATOM   423  N N   . ALA A 1 58  ? -1.23326  11.19141  16.13843  1.000 15.46622 ?  169 ALA A N   1 
ATOM   424  C CA  . ALA A 1 58  ? -0.12105  12.08358  15.83032  1.000 16.86254 ?  169 ALA A CA  1 
ATOM   425  C C   . ALA A 1 58  ? 1.00856   11.93010  16.84381  1.000 18.99704 ?  169 ALA A C   1 
ATOM   426  O O   . ALA A 1 58  ? 0.78875   11.99701  18.05474  1.000 19.53580 ?  169 ALA A O   1 
ATOM   427  C CB  . ALA A 1 58  ? -0.61102  13.53336  15.80454  1.000 17.36322 ?  169 ALA A CB  1 
ATOM   428  N N   . GLY A 1 59  ? 2.21951   11.71025  16.33633  1.000 17.12527 ?  170 GLY A N   1 
ATOM   429  C CA  . GLY A 1 59  ? 3.39639   11.61948  17.17577  1.000 21.78348 ?  170 GLY A CA  1 
ATOM   430  C C   . GLY A 1 59  ? 3.65777   10.26849  17.81751  1.000 20.99385 ?  170 GLY A C   1 
ATOM   431  O O   . GLY A 1 59  ? 4.70465   10.10936  18.46311  1.000 21.52115 ?  170 GLY A O   1 
ATOM   432  N N   . TRP A 1 60  ? 2.75635   9.29283   17.67412  1.000 17.29858 ?  171 TRP A N   1 
ATOM   433  C CA  . TRP A 1 60  ? 2.96231   7.98469   18.29426  1.000 18.73992 ?  171 TRP A CA  1 
ATOM   434  C C   . TRP A 1 60  ? 4.10584   7.22853   17.63067  1.000 20.91101 ?  171 TRP A C   1 
ATOM   435  O O   . TRP A 1 60  ? 4.22774   7.20406   16.40499  1.000 19.42224 ?  171 TRP A O   1 
ATOM   436  C CB  . TRP A 1 60  ? 1.70714   7.11966   18.18463  1.000 18.29263 ?  171 TRP A CB  1 
ATOM   437  C CG  . TRP A 1 60  ? 0.54766   7.53860   18.99262  1.000 18.05649 ?  171 TRP A CG  1 
ATOM   438  C CD1 . TRP A 1 60  ? 0.44550   8.62918   19.79606  1.000 20.14285 ?  171 TRP A CD1 1 
ATOM   439  C CD2 . TRP A 1 60  ? -0.70678  6.85984   19.06715  1.000 17.52386 ?  171 TRP A CD2 1 
ATOM   440  N NE1 . TRP A 1 60  ? -0.80787  8.67876   20.36667  1.000 20.99337 ?  171 TRP A NE1 1 
ATOM   441  C CE2 . TRP A 1 60  ? -1.53028  7.59765   19.93553  1.000 20.65629 ?  171 TRP A CE2 1 
ATOM   442  C CE3 . TRP A 1 60  ? -1.21245  5.69666   18.47766  1.000 19.30767 ?  171 TRP A CE3 1 
ATOM   443  C CZ2 . TRP A 1 60  ? -2.83703  7.21273   20.23129  1.000 18.82926 ?  171 TRP A CZ2 1 
ATOM   444  C CZ3 . TRP A 1 60  ? -2.51244  5.31550   18.77035  1.000 23.25707 ?  171 TRP A CZ3 1 
ATOM   445  C CH2 . TRP A 1 60  ? -3.30631  6.06940   19.63887  1.000 20.87131 ?  171 TRP A CH2 1 
ATOM   446  N N   . SER A 1 61  ? 4.91858   6.55533   18.44350  1.000 20.13720 ?  172 SER A N   1 
ATOM   447  C CA  . SER A 1 61  ? 5.91664   5.65631   17.88613  1.000 20.56572 ?  172 SER A CA  1 
ATOM   448  C C   . SER A 1 61  ? 5.24752   4.39231   17.34923  1.000 22.97478 ?  172 SER A C   1 
ATOM   449  O O   . SER A 1 61  ? 4.10270   4.08093   17.68501  1.000 21.87927 ?  172 SER A O   1 
ATOM   450  C CB  . SER A 1 61  ? 6.94332   5.27507   18.95102  1.000 24.86583 ?  172 SER A CB  1 
ATOM   451  O OG  . SER A 1 61  ? 6.32882   4.43538   19.91367  1.000 23.82544 ?  172 SER A OG  1 
ATOM   452  N N   . SER A 1 62  ? 5.98720   3.64546   16.51790  1.000 23.94366 ?  173 SER A N   1 
ATOM   453  C CA  . SER A 1 62  ? 5.48502   2.35414   16.04982  1.000 22.39014 ?  173 SER A CA  1 
ATOM   454  C C   . SER A 1 62  ? 5.17352   1.43464   17.22426  1.000 24.54512 ?  173 SER A C   1 
ATOM   455  O O   . SER A 1 62  ? 4.15469   0.73768   17.22135  1.000 23.75345 ?  173 SER A O   1 
ATOM   456  C CB  . SER A 1 62  ? 6.48971   1.68686   15.10140  1.000 24.60899 ?  173 SER A CB  1 
ATOM   457  O OG  . SER A 1 62  ? 6.84183   2.54105   14.02082  1.000 25.38064 ?  173 SER A OG  1 
ATOM   458  N N   . ASP A 1 63  ? 6.02062   1.45022   18.25693  1.000 25.31447 ?  174 ASP A N   1 
ATOM   459  C CA  . ASP A 1 63  ? 5.75622   0.61130   19.42128  1.000 27.42863 ?  174 ASP A CA  1 
ATOM   460  C C   . ASP A 1 63  ? 4.49030   1.05176   20.14985  1.000 27.04608 ?  174 ASP A C   1 
ATOM   461  O O   . ASP A 1 63  ? 3.68227   0.21172   20.55240  1.000 27.02293 ?  174 ASP A O   1 
ATOM   462  C CB  . ASP A 1 63  ? 6.96266   0.62612   20.35785  1.000 30.35069 ?  174 ASP A CB  1 
ATOM   463  C CG  . ASP A 1 63  ? 8.09811   -0.23731  19.84581  1.000 37.98024 ?  174 ASP A CG  1 
ATOM   464  O OD1 . ASP A 1 63  ? 7.84688   -1.06447  18.93950  1.000 38.58545 ?  174 ASP A OD1 1 
ATOM   465  O OD2 . ASP A 1 63  ? 9.23751   -0.09032  20.34081  1.000 40.93039 ?  174 ASP A OD2 1 
ATOM   466  N N   . LYS A 1 64  ? 4.28252   2.36244   20.30615  1.000 24.05952 ?  175 LYS A N   1 
ATOM   467  C CA  . LYS A 1 64  ? 3.08320   2.83334   20.99226  1.000 21.55474 ?  175 LYS A CA  1 
ATOM   468  C C   . LYS A 1 64  ? 1.81085   2.44249   20.24189  1.000 25.37599 ?  175 LYS A C   1 
ATOM   469  O O   . LYS A 1 64  ? 0.80705   2.06743   20.86130  1.000 23.71376 ?  175 LYS A O   1 
ATOM   470  C CB  . LYS A 1 64  ? 3.14307   4.34763   21.19170  1.000 24.69379 ?  175 LYS A CB  1 
ATOM   471  C CG  . LYS A 1 64  ? 1.86543   4.90122   21.78442  1.000 26.10492 ?  175 LYS A CG  1 
ATOM   472  C CD  . LYS A 1 64  ? 2.04165   6.31383   22.28893  1.000 27.08903 ?  175 LYS A CD  1 
ATOM   473  C CE  . LYS A 1 64  ? 0.78266   6.80101   22.98970  1.000 30.40336 ?  175 LYS A CE  1 
ATOM   474  N NZ  . LYS A 1 64  ? 0.96085   8.20709   23.45624  1.000 36.59787 ?  175 LYS A NZ  1 
ATOM   475  N N   . ALA A 1 65  ? 1.82412   2.53285   18.90859  1.000 23.42289 ?  176 ALA A N   1 
ATOM   476  C CA  . ALA A 1 65  ? 0.66007   2.10414   18.13637  1.000 22.63440 ?  176 ALA A CA  1 
ATOM   477  C C   . ALA A 1 65  ? 0.41088   0.60723   18.29852  1.000 24.93962 ?  176 ALA A C   1 
ATOM   478  O O   . ALA A 1 65  ? -0.73937  0.17535   18.42708  1.000 23.32143 ?  176 ALA A O   1 
ATOM   479  C CB  . ALA A 1 65  ? 0.84498   2.46136   16.65720  1.000 23.11301 ?  176 ALA A CB  1 
ATOM   480  N N   . HIS A 1 66  ? 1.48340   -0.19425  18.28060  1.000 25.28866 ?  177 HIS A N   1 
ATOM   481  C CA  . HIS A 1 66  ? 1.37228   -1.62844  18.54364  1.000 26.90895 ?  177 HIS A CA  1 
ATOM   482  C C   . HIS A 1 66  ? 0.72823   -1.88761  19.90207  1.000 27.56042 ?  177 HIS A C   1 
ATOM   483  O O   . HIS A 1 66  ? -0.17428  -2.72806  20.02360  1.000 27.46089 ?  177 HIS A O   1 
ATOM   484  C CB  . HIS A 1 66  ? 2.76549   -2.26208  18.45663  1.000 27.16355 ?  177 HIS A CB  1 
ATOM   485  C CG  . HIS A 1 66  ? 2.78316   -3.75599  18.59673  1.000 33.42367 ?  177 HIS A CG  1 
ATOM   486  N ND1 . HIS A 1 66  ? 2.72044   -4.39139  19.81906  1.000 37.48207 ?  177 HIS A ND1 1 
ATOM   487  C CD2 . HIS A 1 66  ? 2.90464   -4.73730  17.67119  1.000 37.17424 ?  177 HIS A CD2 1 
ATOM   488  C CE1 . HIS A 1 66  ? 2.77287   -5.69930  19.63916  1.000 36.85842 ?  177 HIS A CE1 1 
ATOM   489  N NE2 . HIS A 1 66  ? 2.88641   -5.93656  18.34467  1.000 36.11025 ?  177 HIS A NE2 1 
ATOM   490  N N   . LYS A 1 67  ? 1.14952   -1.14055  20.92737  1.000 27.04289 ?  178 LYS A N   1 
ATOM   491  C CA  . LYS A 1 67  ? 0.58692   -1.32284  22.26361  1.000 28.77965 ?  178 LYS A CA  1 
ATOM   492  C C   . LYS A 1 67  ? -0.88694  -0.93778  22.30007  1.000 28.97010 ?  178 LYS A C   1 
ATOM   493  O O   . LYS A 1 67  ? -1.71310  -1.67388  22.85595  1.000 28.04545 ?  178 LYS A O   1 
ATOM   494  C CB  . LYS A 1 67  ? 1.36371   -0.49942  23.29340  0.000 28.74599 ?  178 LYS A CB  1 
ATOM   495  C CG  . LYS A 1 67  ? 2.86525   -0.76310  23.36011  0.000 27.95091 ?  178 LYS A CG  1 
ATOM   496  C CD  . LYS A 1 67  ? 3.21434   -2.22493  23.13205  0.000 29.20804 ?  178 LYS A CD  1 
ATOM   497  C CE  . LYS A 1 67  ? 4.61662   -2.36196  22.55413  0.000 30.30370 ?  178 LYS A CE  1 
ATOM   498  N NZ  . LYS A 1 67  ? 4.61951   -2.49538  21.07143  0.000 30.95644 ?  178 LYS A NZ  1 
ATOM   499  N N   . VAL A 1 68  ? -1.23504  0.20944   21.70898  1.000 26.26072 ?  179 VAL A N   1 
ATOM   500  C CA  . VAL A 1 68  ? -2.62699  0.65338   21.70068  1.000 22.72520 ?  179 VAL A CA  1 
ATOM   501  C C   . VAL A 1 68  ? -3.52244  -0.40534  21.07077  1.000 26.65087 ?  179 VAL A C   1 
ATOM   502  O O   . VAL A 1 68  ? -4.61889  -0.68594  21.56990  1.000 28.58191 ?  179 VAL A O   1 
ATOM   503  C CB  . VAL A 1 68  ? -2.75130  2.00621   20.97168  1.000 24.49011 ?  179 VAL A CB  1 
ATOM   504  C CG1 . VAL A 1 68  ? -4.20828  2.29718   20.64053  1.000 26.30556 ?  179 VAL A CG1 1 
ATOM   505  C CG2 . VAL A 1 68  ? -2.15696  3.13169   21.82627  1.000 25.66766 ?  179 VAL A CG2 1 
ATOM   506  N N   . LEU A 1 69  ? -3.07026  -1.01648  19.97174  1.000 26.23224 ?  180 LEU A N   1 
ATOM   507  C CA  . LEU A 1 69  ? -3.86105  -2.05955  19.31929  1.000 23.84634 ?  180 LEU A CA  1 
ATOM   508  C C   . LEU A 1 69  ? -4.01500  -3.28563  20.21232  1.000 30.62099 ?  180 LEU A C   1 
ATOM   509  O O   . LEU A 1 69  ? -5.10884  -3.84690  20.32731  1.000 28.36649 ?  180 LEU A O   1 
ATOM   510  C CB  . LEU A 1 69  ? -3.21757  -2.46058  17.99378  1.000 28.43134 ?  180 LEU A CB  1 
ATOM   511  C CG  . LEU A 1 69  ? -3.28114  -1.44200  16.84949  1.000 25.09283 ?  180 LEU A CG  1 
ATOM   512  C CD1 . LEU A 1 69  ? -2.75682  -2.06495  15.56724  1.000 26.97375 ?  180 LEU A CD1 1 
ATOM   513  C CD2 . LEU A 1 69  ? -4.70873  -0.95962  16.67165  1.000 25.23184 ?  180 LEU A CD2 1 
ATOM   514  N N   . LYS A 1 70  ? -2.92284  -3.72374  20.83998  1.000 30.89144 ?  181 LYS A N   1 
ATOM   515  C CA  . LYS A 1 70  ? -2.97649  -4.94642  21.63637  1.000 32.27019 ?  181 LYS A CA  1 
ATOM   516  C C   . LYS A 1 70  ? -3.80394  -4.74068  22.89639  1.000 34.15510 ?  181 LYS A C   1 
ATOM   517  O O   . LYS A 1 70  ? -4.54631  -5.63535  23.31357  1.000 37.44779 ?  181 LYS A O   1 
ATOM   518  C CB  . LYS A 1 70  ? -1.55563  -5.40793  21.98239  1.000 34.18628 ?  181 LYS A CB  1 
ATOM   519  C CG  . LYS A 1 70  ? -1.45101  -6.87159  22.45098  1.000 36.95382 ?  181 LYS A CG  1 
ATOM   520  C CD  . LYS A 1 70  ? -1.65620  -7.02797  23.95470  1.000 44.75153 ?  181 LYS A CD  1 
ATOM   521  C CE  . LYS A 1 70  ? -2.12103  -8.43581  24.31584  1.000 45.89809 ?  181 LYS A CE  1 
ATOM   522  N NZ  . LYS A 1 70  ? -3.07333  -8.42063  25.46588  1.000 48.68083 ?  181 LYS A NZ  1 
ATOM   523  N N   . GLN A 1 71  ? -3.69116  -3.57484  23.52123  1.000 30.18171 ?  182 GLN A N   1 
ATOM   524  C CA  . GLN A 1 71  ? -4.34049  -3.32556  24.79894  1.000 32.89323 ?  182 GLN A CA  1 
ATOM   525  C C   . GLN A 1 71  ? -5.69587  -2.65014  24.65202  1.000 32.27642 ?  182 GLN A C   1 
ATOM   526  O O   . GLN A 1 71  ? -6.31100  -2.29872  25.66253  1.000 35.58033 ?  182 GLN A O   1 
ATOM   527  C CB  . GLN A 1 71  ? -3.41674  -2.49929  25.69771  1.000 35.32663 ?  182 GLN A CB  1 
ATOM   528  C CG  . GLN A 1 71  ? -2.08079  -3.19817  25.93657  1.000 38.67035 ?  182 GLN A CG  1 
ATOM   529  C CD  . GLN A 1 71  ? -1.10220  -2.36762  26.74546  1.000 47.00047 ?  182 GLN A CD  1 
ATOM   530  O OE1 . GLN A 1 71  ? -1.39979  -1.23853  27.13637  1.000 48.95847 ?  182 GLN A OE1 1 
ATOM   531  N NE2 . GLN A 1 71  ? 0.07626   -2.92836  27.00296  1.000 47.42231 ?  182 GLN A NE2 1 
ATOM   532  N N   . ALA A 1 72  ? -6.18602  -2.48369  23.42379  1.000 31.97213 ?  183 ALA A N   1 
ATOM   533  C CA  . ALA A 1 72  ? -7.49054  -1.86663  23.22046  1.000 32.87162 ?  183 ALA A CA  1 
ATOM   534  C C   . ALA A 1 72  ? -8.58484  -2.67554  23.90729  1.000 33.49849 ?  183 ALA A C   1 
ATOM   535  O O   . ALA A 1 72  ? -8.68649  -3.89149  23.72357  1.000 34.78534 ?  183 ALA A O   1 
ATOM   536  C CB  . ALA A 1 72  ? -7.78918  -1.74155  21.72720  1.000 35.12245 ?  183 ALA A CB  1 
ATOM   537  N N   . PHE A 1 73  ? -9.40118  -1.99238  24.70425  1.000 35.56099 ?  184 PHE A N   1 
ATOM   538  C CA  . PHE A 1 73  ? -10.52894 -2.61848  25.38128  1.000 37.16345 ?  184 PHE A CA  1 
ATOM   539  C C   . PHE A 1 73  ? -11.73617 -2.64934  24.45396  1.000 35.82110 ?  184 PHE A C   1 
ATOM   540  O O   . PHE A 1 73  ? -12.02386 -1.67068  23.75694  1.000 38.81324 ?  184 PHE A O   1 
ATOM   541  C CB  . PHE A 1 73  ? -10.87504 -1.86216  26.66731  1.000 36.56951 ?  184 PHE A CB  1 
ATOM   542  C CG  . PHE A 1 73  ? -11.78244 -2.62113  27.59327  0.000 36.56640 ?  184 PHE A CG  1 
ATOM   543  C CD1 . PHE A 1 73  ? -12.95232 -2.04789  28.06191  0.000 36.72651 ?  184 PHE A CD1 1 
ATOM   544  C CD2 . PHE A 1 73  ? -11.46175 -3.90492  28.00080  0.000 36.65546 ?  184 PHE A CD2 1 
ATOM   545  C CE1 . PHE A 1 73  ? -13.78987 -2.74361  28.91250  0.000 36.48865 ?  184 PHE A CE1 1 
ATOM   546  C CE2 . PHE A 1 73  ? -12.29470 -4.60638  28.85187  0.000 36.67326 ?  184 PHE A CE2 1 
ATOM   547  C CZ  . PHE A 1 73  ? -13.45944 -4.02432  29.30969  0.000 36.35971 ?  184 PHE A CZ  1 
ATOM   548  N N   . GLY A 1 74  ? -12.43598 -3.77225  24.45013  1.000 36.19091 ?  185 GLY A N   1 
ATOM   549  C CA  . GLY A 1 74  ? -13.62667 -3.92891  23.64236  1.000 33.86338 ?  185 GLY A CA  1 
ATOM   550  C C   . GLY A 1 74  ? -13.44017 -4.97350  22.55009  1.000 33.10763 ?  185 GLY A C   1 
ATOM   551  O O   . GLY A 1 74  ? -12.32677 -5.37888  22.20491  1.000 33.38988 ?  185 GLY A O   1 
ATOM   552  N N   . GLU A 1 75  ? -14.57068 -5.41202  21.99543  1.000 26.71633 ?  186 GLU A N   1 
ATOM   553  C CA  . GLU A 1 75  ? -14.54699 -6.36023  20.89273  1.000 27.09042 ?  186 GLU A CA  1 
ATOM   554  C C   . GLU A 1 75  ? -14.30535 -5.68052  19.55188  1.000 27.23393 ?  186 GLU A C   1 
ATOM   555  O O   . GLU A 1 75  ? -13.92959 -6.34830  18.58543  1.000 28.17668 ?  186 GLU A O   1 
ATOM   556  C CB  . GLU A 1 75  ? -15.86241 -7.14277  20.85559  1.000 33.28651 ?  186 GLU A CB  1 
ATOM   557  C CG  . GLU A 1 75  ? -16.26412 -7.71143  22.21963  1.000 36.44724 ?  186 GLU A CG  1 
ATOM   558  C CD  . GLU A 1 75  ? -17.39568 -8.72072  22.13992  1.000 38.45862 ?  186 GLU A CD  1 
ATOM   559  O OE1 . GLU A 1 75  ? -18.03162 -8.84095  21.06349  1.000 36.79740 ?  186 GLU A OE1 1 
ATOM   560  O OE2 . GLU A 1 75  ? -17.65324 -9.39479  23.16448  1.000 38.85078 ?  186 GLU A OE2 1 
ATOM   561  N N   . LYS A 1 76  ? -14.50843 -4.37460  19.46952  1.000 25.34247 ?  187 LYS A N   1 
ATOM   562  C CA  . LYS A 1 76  ? -14.32682 -3.65435  18.22226  1.000 25.55789 ?  187 LYS A CA  1 
ATOM   563  C C   . LYS A 1 76  ? -13.26491 -2.57963  18.40261  1.000 22.52389 ?  187 LYS A C   1 
ATOM   564  O O   . LYS A 1 76  ? -13.04050 -2.09020  19.51055  1.000 24.82361 ?  187 LYS A O   1 
ATOM   565  C CB  . LYS A 1 76  ? -15.64508 -3.03387  17.75018  1.000 27.74082 ?  187 LYS A CB  1 
ATOM   566  C CG  . LYS A 1 76  ? -16.74236 -4.06326  17.48675  1.000 29.17369 ?  187 LYS A CG  1 
ATOM   567  C CD  . LYS A 1 76  ? -18.06895 -3.39026  17.18615  1.000 33.36600 ?  187 LYS A CD  1 
ATOM   568  C CE  . LYS A 1 76  ? -18.58119 -2.59316  18.38232  1.000 37.92414 ?  187 LYS A CE  1 
ATOM   569  N NZ  . LYS A 1 76  ? -18.86936 -3.46460  19.55839  1.000 39.83624 ?  187 LYS A NZ  1 
ATOM   570  N N   . ILE A 1 77  ? -12.59579 -2.24580  17.30079  1.000 22.85341 ?  188 ILE A N   1 
ATOM   571  C CA  . ILE A 1 77  ? -11.63738 -1.14534  17.23206  1.000 20.37768 ?  188 ILE A CA  1 
ATOM   572  C C   . ILE A 1 77  ? -12.04267 -0.26266  16.06066  1.000 20.87739 ?  188 ILE A C   1 
ATOM   573  O O   . ILE A 1 77  ? -12.23582 -0.75855  14.94487  1.000 21.70762 ?  188 ILE A O   1 
ATOM   574  C CB  . ILE A 1 77  ? -10.19238 -1.64662  17.03949  1.000 24.29216 ?  188 ILE A CB  1 
ATOM   575  C CG1 . ILE A 1 77  ? -9.79398  -2.61897  18.14778  1.000 26.22735 ?  188 ILE A CG1 1 
ATOM   576  C CG2 . ILE A 1 77  ? -9.21388  -0.46293  16.96092  1.000 21.63295 ?  188 ILE A CG2 1 
ATOM   577  C CD1 . ILE A 1 77  ? -8.43451  -3.26463  17.92323  1.000 30.09039 ?  188 ILE A CD1 1 
ATOM   578  N N   . THR A 1 78  ? -12.17588 1.03736   16.30023  1.000 19.37401 ?  189 THR A N   1 
ATOM   579  C CA  . THR A 1 78  ? -12.48375 1.93690   15.20137  1.000 19.11832 ?  189 THR A CA  1 
ATOM   580  C C   . THR A 1 78  ? -11.23378 2.70825   14.80592  1.000 18.27421 ?  189 THR A C   1 
ATOM   581  O O   . THR A 1 78  ? -10.32676 2.91790   15.61686  1.000 18.13612 ?  189 THR A O   1 
ATOM   582  C CB  . THR A 1 78  ? -13.59900 2.92537   15.54803  1.000 19.79641 ?  189 THR A CB  1 
ATOM   583  O OG1 . THR A 1 78  ? -13.05523 4.00486   16.32600  1.000 22.66249 ?  189 THR A OG1 1 
ATOM   584  C CG2 . THR A 1 78  ? -14.72669 2.22778   16.30503  1.000 19.48227 ?  189 THR A CG2 1 
ATOM   585  N N   . MET A 1 79  ? -11.17914 3.10125   13.53678  1.000 16.47668 ?  190 MET A N   1 
ATOM   586  C CA  . MET A 1 79  ? -10.09886 3.95549   13.06519  1.000 15.14465 ?  190 MET A CA  1 
ATOM   587  C C   . MET A 1 79  ? -10.64193 4.97704   12.08656  1.000 17.69109 ?  190 MET A C   1 
ATOM   588  O O   . MET A 1 79  ? -11.61926 4.72575   11.37674  1.000 17.38183 ?  190 MET A O   1 
ATOM   589  C CB  . MET A 1 79  ? -8.97915  3.15765   12.38370  1.000 17.63636 ?  190 MET A CB  1 
ATOM   590  C CG  . MET A 1 79  ? -8.29997  2.15956   13.28921  1.000 21.93270 ?  190 MET A CG  1 
ATOM   591  S SD  . MET A 1 79  ? -7.09045  1.17236   12.39384  1.000 27.35456 ?  190 MET A SD  1 
ATOM   592  C CE  . MET A 1 79  ? -6.67737  -0.03496  13.65512  1.000 31.20639 ?  190 MET A CE  1 
ATOM   593  N N   . THR A 1 80  ? -10.00158 6.14563   12.08135  1.000 17.05650 ?  191 THR A N   1 
ATOM   594  C CA  . THR A 1 80  ? -10.16348 7.13488   11.02778  1.000 18.38632 ?  191 THR A CA  1 
ATOM   595  C C   . THR A 1 80  ? -8.99303  6.98429   10.07026  1.000 19.33575 ?  191 THR A C   1 
ATOM   596  O O   . THR A 1 80  ? -7.83318  7.01056   10.49792  1.000 19.27761 ?  191 THR A O   1 
ATOM   597  C CB  . THR A 1 80  ? -10.18665 8.55557   11.59064  1.000 17.78427 ?  191 THR A CB  1 
ATOM   598  O OG1 . THR A 1 80  ? -11.24190 8.68050   12.54651  1.000 25.24059 ?  191 THR A OG1 1 
ATOM   599  C CG2 . THR A 1 80  ? -10.36282 9.59105   10.45322  1.000 19.04387 ?  191 THR A CG2 1 
ATOM   600  N N   . ILE A 1 81  ? -9.29419  6.85359   8.78159   1.000 16.08007 ?  192 ILE A N   1 
ATOM   601  C CA  . ILE A 1 81  ? -8.30578  6.51500   7.76124   1.000 18.15618 ?  192 ILE A CA  1 
ATOM   602  C C   . ILE A 1 81  ? -8.26420  7.62415   6.72313   1.000 19.22378 ?  192 ILE A C   1 
ATOM   603  O O   . ILE A 1 81  ? -9.31515  8.07473   6.25300   1.000 22.25585 ?  192 ILE A O   1 
ATOM   604  C CB  . ILE A 1 81  ? -8.63535  5.17592   7.07304   1.000 18.66931 ?  192 ILE A CB  1 
ATOM   605  C CG1 . ILE A 1 81  ? -8.76802  4.04363   8.10451   1.000 22.18978 ?  192 ILE A CG1 1 
ATOM   606  C CG2 . ILE A 1 81  ? -7.58654  4.85521   5.98083   1.000 20.89726 ?  192 ILE A CG2 1 
ATOM   607  C CD1 . ILE A 1 81  ? -7.49900  3.76413   8.89985   1.000 21.90381 ?  192 ILE A CD1 1 
ATOM   608  N N   . ARG A 1 82  ? -7.05205  8.04801   6.35216   1.000 17.70335 ?  193 ARG A N   1 
ATOM   609  C CA  . ARG A 1 82  ? -6.83369  8.80357   5.12040   1.000 19.96884 ?  193 ARG A CA  1 
ATOM   610  C C   . ARG A 1 82  ? -6.22320  7.85908   4.08830   1.000 22.55968 ?  193 ARG A C   1 
ATOM   611  O O   . ARG A 1 82  ? -5.18349  7.24354   4.34159   1.000 20.53487 ?  193 ARG A O   1 
ATOM   612  C CB  . ARG A 1 82  ? -5.93327  10.01576  5.35194   1.000 19.46689 ?  193 ARG A CB  1 
ATOM   613  C CG  . ARG A 1 82  ? -5.76060  10.88587  4.08380   1.000 24.83805 ?  193 ARG A CG  1 
ATOM   614  C CD  . ARG A 1 82  ? -4.77591  12.05382  4.26845   1.000 24.83486 ?  193 ARG A CD  1 
ATOM   615  N NE  . ARG A 1 82  ? -5.13695  13.02438  5.31213   1.000 26.45125 ?  193 ARG A NE  1 
ATOM   616  C CZ  . ARG A 1 82  ? -6.03241  13.99513  5.17463   1.000 31.07790 ?  193 ARG A CZ  1 
ATOM   617  N NH1 . ARG A 1 82  ? -6.69868  14.14357  4.03272   1.000 34.20466 ?  193 ARG A NH1 1 
ATOM   618  N NH2 . ARG A 1 82  ? -6.25485  14.83168  6.18000   1.000 23.46317 ?  193 ARG A NH2 1 
ATOM   619  N N   . ASP A 1 83  ? -6.86933  7.74039   2.93243   1.000 24.40268 ?  194 ASP A N   1 
ATOM   620  C CA  . ASP A 1 83  ? -6.45516  6.75170   1.94341   1.000 30.85947 ?  194 ASP A CA  1 
ATOM   621  C C   . ASP A 1 83  ? -5.09559  7.10430   1.34673   1.000 26.92742 ?  194 ASP A C   1 
ATOM   622  O O   . ASP A 1 83  ? -4.89551  8.21667   0.84873   1.000 30.80635 ?  194 ASP A O   1 
ATOM   623  C CB  . ASP A 1 83  ? -7.50707  6.63614   0.83962   1.000 35.04834 ?  194 ASP A CB  1 
ATOM   624  C CG  . ASP A 1 83  ? -8.80835  6.02124   1.33429   1.000 37.97953 ?  194 ASP A CG  1 
ATOM   625  O OD1 . ASP A 1 83  ? -8.76958  5.17245   2.25961   1.000 39.93649 ?  194 ASP A OD1 1 
ATOM   626  O OD2 . ASP A 1 83  ? -9.87746  6.39319   0.80075   1.000 44.84912 ?  194 ASP A OD2 1 
ATOM   627  N N   . ARG A 1 84  ? -4.16029  6.13610   1.41207   1.000 25.41725 ?  195 ARG A N   1 
ATOM   628  C CA  . ARG A 1 84  ? -2.78633  6.15364   0.91121   1.000 24.67797 ?  195 ARG A CA  1 
ATOM   629  C C   . ARG A 1 84  ? -2.32889  7.53178   0.44427   1.000 26.75198 ?  195 ARG A C   1 
ATOM   630  O O   . ARG A 1 84  ? -2.30474  7.80401   -0.76197  1.000 25.75944 ?  195 ARG A O   1 
ATOM   631  C CB  . ARG A 1 84  ? -2.63878  5.14765   -0.23488  1.000 26.38784 ?  195 ARG A CB  1 
ATOM   632  C CG  . ARG A 1 84  ? -3.57575  3.95455   -0.12979  1.000 33.04630 ?  195 ARG A CG  1 
ATOM   633  C CD  . ARG A 1 84  ? -3.39873  2.99829   -1.29598  1.000 34.00828 ?  195 ARG A CD  1 
ATOM   634  N NE  . ARG A 1 84  ? -2.44470  1.94372   -0.96196  1.000 42.87946 ?  195 ARG A NE  1 
ATOM   635  C CZ  . ARG A 1 84  ? -2.04118  0.99595   -1.80354  1.000 39.83227 ?  195 ARG A CZ  1 
ATOM   636  N NH1 . ARG A 1 84  ? -2.49946  0.97612   -3.05486  1.000 35.88045 ?  195 ARG A NH1 1 
ATOM   637  N NH2 . ARG A 1 84  ? -1.16356  0.08603   -1.39680  1.000 29.76069 ?  195 ARG A NH2 1 
ATOM   638  N N   . PRO A 1 85  ? -1.97621  8.43838   1.35548   1.000 20.93772 ?  196 PRO A N   1 
ATOM   639  C CA  . PRO A 1 85  ? -1.64718  9.80526   0.91732   1.000 25.09273 ?  196 PRO A CA  1 
ATOM   640  C C   . PRO A 1 85  ? -0.35758  9.90080   0.11403   1.000 24.58293 ?  196 PRO A C   1 
ATOM   641  O O   . PRO A 1 85  ? -0.19570  10.86764  -0.63833  1.000 25.87958 ?  196 PRO A O   1 
ATOM   642  C CB  . PRO A 1 85  ? -1.56066  10.59381  2.23212   1.000 27.52059 ?  196 PRO A CB  1 
ATOM   643  C CG  . PRO A 1 85  ? -1.46000  9.57419   3.31483   1.000 24.27817 ?  196 PRO A CG  1 
ATOM   644  C CD  . PRO A 1 85  ? -2.11598  8.33073   2.81632   1.000 21.62185 ?  196 PRO A CD  1 
ATOM   645  N N   . PHE A 1 86  ? 0.54819   8.93228   0.21279   1.000 24.69495 ?  197 PHE A N   1 
ATOM   646  C CA  . PHE A 1 86  ? 1.79578   8.99334   -0.53607  1.000 23.09277 ?  197 PHE A CA  1 
ATOM   647  C C   . PHE A 1 86  ? 1.68576   8.38956   -1.93460  1.000 23.71206 ?  197 PHE A C   1 
ATOM   648  O O   . PHE A 1 86  ? 2.69747   8.34500   -2.64446  1.000 26.77019 ?  197 PHE A O   1 
ATOM   649  C CB  . PHE A 1 86  ? 2.91427   8.28769   0.23565   1.000 28.24332 ?  197 PHE A CB  1 
ATOM   650  C CG  . PHE A 1 86  ? 3.14679   8.84327   1.61703   1.000 31.02926 ?  197 PHE A CG  1 
ATOM   651  C CD1 . PHE A 1 86  ? 3.00675   10.19704  1.86736   1.000 34.91630 ?  197 PHE A CD1 1 
ATOM   652  C CD2 . PHE A 1 86  ? 3.50668   8.00704   2.65835   1.000 29.01077 ?  197 PHE A CD2 1 
ATOM   653  C CE1 . PHE A 1 86  ? 3.22338   10.70609  3.13981   1.000 32.42347 ?  197 PHE A CE1 1 
ATOM   654  C CE2 . PHE A 1 86  ? 3.72208   8.50891   3.92719   1.000 28.60703 ?  197 PHE A CE2 1 
ATOM   655  C CZ  . PHE A 1 86  ? 3.58372   9.85838   4.16645   1.000 29.41299 ?  197 PHE A CZ  1 
ATOM   656  N N   . GLU A 1 87  ? 0.49557   7.94230   -2.34652  1.000 24.15476 ?  198 GLU A N   1 
ATOM   657  C CA  . GLU A 1 87  ? 0.30308   7.23504   -3.60887  1.000 23.21614 ?  198 GLU A CA  1 
ATOM   658  C C   . GLU A 1 87  ? 0.08475   8.18765   -4.77859  1.000 27.77998 ?  198 GLU A C   1 
ATOM   659  O O   . GLU A 1 87  ? -0.54452  9.24276   -4.65406  1.000 30.39516 ?  198 GLU A O   1 
ATOM   660  C CB  . GLU A 1 87  ? -0.88778  6.27074   -3.53612  1.000 31.24258 ?  198 GLU A CB  1 
ATOM   661  C CG  . GLU A 1 87  ? -2.25836  6.95316   -3.64479  1.000 35.78502 ?  198 GLU A CG  1 
ATOM   662  C CD  . GLU A 1 87  ? -3.28794  6.14375   -4.42097  1.000 43.07199 ?  198 GLU A CD  1 
ATOM   663  O OE1 . GLU A 1 87  ? -3.41589  6.37704   -5.64438  1.000 45.55320 ?  198 GLU A OE1 1 
ATOM   664  O OE2 . GLU A 1 87  ? -3.97513  5.29006   -3.81168  1.000 40.43554 ?  198 GLU A OE2 1 
ATOM   665  N N   . ARG A 1 88  ? 0.59420   7.76947   -5.93441  1.000 23.26189 ?  199 ARG A N   1 
ATOM   666  C CA  . ARG A 1 88  ? 0.51384   8.48605   -7.19874  1.000 27.44748 ?  199 ARG A CA  1 
ATOM   667  C C   . ARG A 1 88  ? 0.34417   7.45582   -8.29996  1.000 23.14069 ?  199 ARG A C   1 
ATOM   668  O O   . ARG A 1 88  ? 0.79982   6.32155   -8.15746  1.000 21.25067 ?  199 ARG A O   1 
ATOM   669  C CB  . ARG A 1 88  ? 1.80390   9.25691   -7.49399  1.000 26.43078 ?  199 ARG A CB  1 
ATOM   670  C CG  . ARG A 1 88  ? 1.91340   10.62790  -6.96779  1.000 35.72019 ?  199 ARG A CG  1 
ATOM   671  C CD  . ARG A 1 88  ? 2.80267   11.39534  -7.92636  1.000 32.32810 ?  199 ARG A CD  1 
ATOM   672  N NE  . ARG A 1 88  ? 4.17234   10.88576  -8.01009  1.000 33.75223 ?  199 ARG A NE  1 
ATOM   673  C CZ  . ARG A 1 88  ? 4.81794   10.65700  -9.15583  1.000 29.81602 ?  199 ARG A CZ  1 
ATOM   674  N NH1 . ARG A 1 88  ? 4.21855   10.87302  -10.32173 1.000 29.06597 ?  199 ARG A NH1 1 
ATOM   675  N NH2 . ARG A 1 88  ? 6.06751   10.21352  -9.13958  1.000 33.53883 ?  199 ARG A NH2 1 
ATOM   676  N N   . THR A 1 89  ? -0.24743  7.85334   -9.43025  1.000 22.41671 ?  200 THR A N   1 
ATOM   677  C CA  . THR A 1 89  ? -0.26016  6.98547   -10.60636 1.000 18.65065 ?  200 THR A CA  1 
ATOM   678  C C   . THR A 1 89  ? 0.59241   7.57052   -11.72971 1.000 18.94457 ?  200 THR A C   1 
ATOM   679  O O   . THR A 1 89  ? 0.66185   8.79434   -11.91608 1.000 23.31050 ?  200 THR A O   1 
ATOM   680  C CB  . THR A 1 89  ? -1.67752  6.72682   -11.13631 1.000 20.81239 ?  200 THR A CB  1 
ATOM   681  O OG1 . THR A 1 89  ? -2.30856  7.96615   -11.48445 1.000 25.97279 ?  200 THR A OG1 1 
ATOM   682  C CG2 . THR A 1 89  ? -2.51970  5.98545   -10.08806 1.000 22.54573 ?  200 THR A CG2 1 
ATOM   683  N N   . VAL A 1 90  ? 1.23860   6.68222   -12.48164 1.000 15.50719 ?  201 VAL A N   1 
ATOM   684  C CA  . VAL A 1 90  ? 1.93607   7.03446   -13.71578 1.000 15.05308 ?  201 VAL A CA  1 
ATOM   685  C C   . VAL A 1 90  ? 1.38943   6.12335   -14.80096 1.000 15.03413 ?  201 VAL A C   1 
ATOM   686  O O   . VAL A 1 90  ? 1.41756   4.89507   -14.65167 1.000 14.69414 ?  201 VAL A O   1 
ATOM   687  C CB  . VAL A 1 90  ? 3.46173   6.86888   -13.59283 1.000 14.72603 ?  201 VAL A CB  1 
ATOM   688  C CG1 . VAL A 1 90  ? 4.14161   7.12510   -14.93478 1.000 18.00389 ?  201 VAL A CG1 1 
ATOM   689  C CG2 . VAL A 1 90  ? 4.03016   7.81203   -12.51625 1.000 20.47080 ?  201 VAL A CG2 1 
ATOM   690  N N   . THR A 1 91  ? 0.89389   6.71161   -15.88718 1.000 15.93908 ?  202 THR A N   1 
ATOM   691  C CA  . THR A 1 91  ? 0.33232   5.93720   -16.98682 1.000 15.04987 ?  202 THR A CA  1 
ATOM   692  C C   . THR A 1 91  ? 1.34760   5.83069   -18.11494 1.000 15.29421 ?  202 THR A C   1 
ATOM   693  O O   . THR A 1 91  ? 1.87323   6.85005   -18.58878 1.000 17.30082 ?  202 THR A O   1 
ATOM   694  C CB  . THR A 1 91  ? -0.96753  6.56281   -17.49159 1.000 18.99693 ?  202 THR A CB  1 
ATOM   695  O OG1 . THR A 1 91  ? -1.94267  6.50750   -16.44114 1.000 19.44286 ?  202 THR A OG1 1 
ATOM   696  C CG2 . THR A 1 91  ? -1.50784  5.78846   -18.69902 1.000 20.05824 ?  202 THR A CG2 1 
ATOM   697  N N   . MET A 1 92  ? 1.61332   4.60323   -18.53543 1.000 17.02395 ?  203 MET A N   1 
ATOM   698  C CA  . MET A 1 92  ? 2.51268   4.30164   -19.63790 1.000 16.36361 ?  203 MET A CA  1 
ATOM   699  C C   . MET A 1 92  ? 1.78434   3.46053   -20.67929 1.000 18.59029 ?  203 MET A C   1 
ATOM   700  O O   . MET A 1 92  ? 0.65566   2.99975   -20.46424 1.000 17.60046 ?  203 MET A O   1 
ATOM   701  C CB  . MET A 1 92  ? 3.75499   3.57079   -19.12607 1.000 18.81709 ?  203 MET A CB  1 
ATOM   702  C CG  . MET A 1 92  ? 4.55431   4.41979   -18.16044 1.000 18.42443 ?  203 MET A CG  1 
ATOM   703  S SD  . MET A 1 92  ? 5.53180   3.45545   -17.00803 1.000 20.68820 ?  203 MET A SD  1 
ATOM   704  C CE  . MET A 1 92  ? 4.25542   2.77363   -15.93456 1.000 16.97633 ?  203 MET A CE  1 
ATOM   705  N N   . HIS A 1 93  ? 2.44599   3.25202   -21.82217 1.000 16.44201 ?  204 HIS A N   1 
ATOM   706  C CA  . HIS A 1 93  ? 1.87421   2.47380   -22.91453 1.000 16.16677 ?  204 HIS A CA  1 
ATOM   707  C C   . HIS A 1 93  ? 2.88303   1.44872   -23.40475 1.000 17.76745 ?  204 HIS A C   1 
ATOM   708  O O   . HIS A 1 93  ? 4.04411   1.78628   -23.65793 1.000 19.28985 ?  204 HIS A O   1 
ATOM   709  C CB  . HIS A 1 93  ? 1.43161   3.40324   -24.05719 1.000 16.43292 ?  204 HIS A CB  1 
ATOM   710  C CG  . HIS A 1 93  ? 0.45915   4.44782   -23.61386 1.000 15.24147 ?  204 HIS A CG  1 
ATOM   711  N ND1 . HIS A 1 93  ? 0.84363   5.71185   -23.22435 1.000 23.46861 ?  204 HIS A ND1 1 
ATOM   712  C CD2 . HIS A 1 93  ? -0.88032  4.38594   -23.42316 1.000 21.99620 ?  204 HIS A CD2 1 
ATOM   713  C CE1 . HIS A 1 93  ? -0.22447  6.39988   -22.85931 1.000 25.56296 ?  204 HIS A CE1 1 
ATOM   714  N NE2 . HIS A 1 93  ? -1.28157  5.61257   -22.95958 1.000 22.35357 ?  204 HIS A NE2 1 
ATOM   715  N N   . LYS A 1 94  ? 2.44794   0.19236   -23.51949 1.000 17.45357 ?  205 LYS A N   1 
ATOM   716  C CA  . LYS A 1 94  ? 3.34089   -0.83911  -24.02919 1.000 16.32005 ?  205 LYS A CA  1 
ATOM   717  C C   . LYS A 1 94  ? 3.74911   -0.52374  -25.46145 1.000 19.89319 ?  205 LYS A C   1 
ATOM   718  O O   . LYS A 1 94  ? 2.92693   -0.10676  -26.28319 1.000 19.26882 ?  205 LYS A O   1 
ATOM   719  C CB  . LYS A 1 94  ? 2.67111   -2.21427  -23.97800 1.000 16.43800 ?  205 LYS A CB  1 
ATOM   720  C CG  . LYS A 1 94  ? 2.47136   -2.73465  -22.56000 1.000 14.83028 ?  205 LYS A CG  1 
ATOM   721  C CD  . LYS A 1 94  ? 1.81150   -4.12153  -22.57476 1.000 19.05010 ?  205 LYS A CD  1 
ATOM   722  C CE  . LYS A 1 94  ? 1.73825   -4.68094  -21.18095 1.000 17.30372 ?  205 LYS A CE  1 
ATOM   723  N NZ  . LYS A 1 94  ? 1.26387   -6.11011  -21.19241 1.000 17.01321 ?  205 LYS A NZ  1 
ATOM   724  N N   . ASP A 1 95  ? 5.02674   -0.72797  -25.76235 1.000 20.73019 ?  206 ASP A N   1 
ATOM   725  C CA  . ASP A 1 95  ? 5.48312   -0.55664  -27.13367 1.000 21.45901 ?  206 ASP A CA  1 
ATOM   726  C C   . ASP A 1 95  ? 5.17355   -1.82647  -27.92995 1.000 25.21449 ?  206 ASP A C   1 
ATOM   727  O O   . ASP A 1 95  ? 4.52616   -2.76070  -27.44088 1.000 19.92180 ?  206 ASP A O   1 
ATOM   728  C CB  . ASP A 1 95  ? 6.96060   -0.15862  -27.16025 1.000 22.62755 ?  206 ASP A CB  1 
ATOM   729  C CG  . ASP A 1 95  ? 7.91570   -1.28877  -26.77331 1.000 25.95130 ?  206 ASP A CG  1 
ATOM   730  O OD1 . ASP A 1 95  ? 7.51008   -2.44452  -26.48416 1.000 24.47129 ?  206 ASP A OD1 1 
ATOM   731  O OD2 . ASP A 1 95  ? 9.13181   -0.99938  -26.76610 1.000 30.83989 ?  206 ASP A OD2 1 
ATOM   732  N N   . SER A 1 96  ? 5.64259   -1.86948  -29.18088 1.000 25.29892 ?  207 SER A N   1 
ATOM   733  C CA  . SER A 1 96  ? 5.31684   -2.97743  -30.07339 1.000 24.46556 ?  207 SER A CA  1 
ATOM   734  C C   . SER A 1 96  ? 5.90300   -4.30831  -29.62013 1.000 23.70220 ?  207 SER A C   1 
ATOM   735  O O   . SER A 1 96  ? 5.41057   -5.35720  -30.05143 1.000 27.69264 ?  207 SER A O   1 
ATOM   736  C CB  . SER A 1 96  ? 5.80453   -2.65578  -31.48949 1.000 26.30839 ?  207 SER A CB  1 
ATOM   737  O OG  . SER A 1 96  ? 7.21565   -2.54588  -31.50132 1.000 30.51119 ?  207 SER A OG  1 
ATOM   738  N N   . SER A 1 97  ? 6.94431   -4.30317  -28.78665 1.000 23.73199 ?  208 SER A N   1 
ATOM   739  C CA  . SER A 1 97  ? 7.46432   -5.52754  -28.19218 1.000 24.83648 ?  208 SER A CA  1 
ATOM   740  C C   . SER A 1 97  ? 6.78210   -5.88268  -26.88001 1.000 22.65401 ?  208 SER A C   1 
ATOM   741  O O   . SER A 1 97  ? 7.17524   -6.86638  -26.24003 1.000 26.17502 ?  208 SER A O   1 
ATOM   742  C CB  . SER A 1 97  ? 8.97649   -5.42435  -27.96157 1.000 29.84107 ?  208 SER A CB  1 
ATOM   743  O OG  . SER A 1 97  ? 9.66014   -5.24552  -29.18782 1.000 35.38495 ?  208 SER A OG  1 
ATOM   744  N N   . GLY A 1 98  ? 5.78261   -5.10689  -26.46140 1.000 21.28580 ?  209 GLY A N   1 
ATOM   745  C CA  . GLY A 1 98  ? 5.06622   -5.39868  -25.23138 1.000 21.63124 ?  209 GLY A CA  1 
ATOM   746  C C   . GLY A 1 98  ? 5.68425   -4.84124  -23.96995 1.000 18.48973 ?  209 GLY A C   1 
ATOM   747  O O   . GLY A 1 98  ? 5.29623   -5.26006  -22.87219 1.000 20.32258 ?  209 GLY A O   1 
ATOM   748  N N   . HIS A 1 99  ? 6.62363   -3.90021  -24.08217 1.000 20.35898 ?  210 HIS A N   1 
ATOM   749  C CA  . HIS A 1 99  ? 7.38706   -3.41261  -22.93944 1.000 22.49145 ?  210 HIS A CA  1 
ATOM   750  C C   . HIS A 1 99  ? 6.96584   -2.00201  -22.54870 1.000 17.67536 ?  210 HIS A C   1 
ATOM   751  O O   . HIS A 1 99  ? 6.74943   -1.14140  -23.41533 1.000 18.05898 ?  210 HIS A O   1 
ATOM   752  C CB  . HIS A 1 99  ? 8.88740   -3.39163  -23.24071 1.000 26.27636 ?  210 HIS A CB  1 
ATOM   753  C CG  . HIS A 1 99  ? 9.42410   -4.69096  -23.74224 1.000 27.30651 ?  210 HIS A CG  1 
ATOM   754  N ND1 . HIS A 1 99  ? 10.30188  -4.77137  -24.80305 1.000 28.90960 ?  210 HIS A ND1 1 
ATOM   755  C CD2 . HIS A 1 99  ? 9.21487   -5.96040  -23.32606 1.000 27.52239 ?  210 HIS A CD2 1 
ATOM   756  C CE1 . HIS A 1 99  ? 10.61205  -6.03816  -25.01639 1.000 29.94828 ?  210 HIS A CE1 1 
ATOM   757  N NE2 . HIS A 1 99  ? 9.96248   -6.77959  -24.13705 1.000 29.13048 ?  210 HIS A NE2 1 
ATOM   758  N N   . VAL A 1 100 ? 6.92100   -1.74431  -21.23938 1.000 19.29723 ?  211 VAL A N   1 
ATOM   759  C CA  . VAL A 1 100 ? 6.72486   -0.37097  -20.77420 1.000 17.88330 ?  211 VAL A CA  1 
ATOM   760  C C   . VAL A 1 100 ? 8.05280   0.28956   -20.42343 1.000 16.92900 ?  211 VAL A C   1 
ATOM   761  O O   . VAL A 1 100 ? 8.17955   1.51338   -20.54108 1.000 17.25410 ?  211 VAL A O   1 
ATOM   762  C CB  . VAL A 1 100 ? 5.75407   -0.28819  -19.58349 1.000 24.11255 ?  211 VAL A CB  1 
ATOM   763  C CG1 . VAL A 1 100 ? 4.31330   -0.39079  -20.08197 1.000 25.64717 ?  211 VAL A CG1 1 
ATOM   764  C CG2 . VAL A 1 100 ? 6.05178   -1.35735  -18.57136 1.000 24.54441 ?  211 VAL A CG2 1 
ATOM   765  N N   . GLY A 1 101 ? 9.04429   -0.49133  -19.97843 1.000 16.71364 ?  212 GLY A N   1 
ATOM   766  C CA  . GLY A 1 101 ? 10.39318  0.04460   -19.83086 1.000 18.96546 ?  212 GLY A CA  1 
ATOM   767  C C   . GLY A 1 101 ? 10.97005  0.23075   -18.43726 1.000 17.87893 ?  212 GLY A C   1 
ATOM   768  O O   . GLY A 1 101 ? 11.62261  1.24675   -18.17460 1.000 18.61258 ?  212 GLY A O   1 
ATOM   769  N N   . PHE A 1 102 ? 10.76065  -0.71444  -17.52251 1.000 18.21600 ?  213 PHE A N   1 
ATOM   770  C CA  . PHE A 1 102 ? 11.41994  -0.57151  -16.23009 1.000 16.13262 ?  213 PHE A CA  1 
ATOM   771  C C   . PHE A 1 102 ? 11.79858  -1.93616  -15.68612 1.000 18.70417 ?  213 PHE A C   1 
ATOM   772  O O   . PHE A 1 102 ? 11.21940  -2.96201  -16.05262 1.000 19.05960 ?  213 PHE A O   1 
ATOM   773  C CB  . PHE A 1 102 ? 10.56211  0.19314   -15.20908 1.000 16.80312 ?  213 PHE A CB  1 
ATOM   774  C CG  . PHE A 1 102 ? 9.26358   -0.50212  -14.83182 1.000 17.07630 ?  213 PHE A CG  1 
ATOM   775  C CD1 . PHE A 1 102 ? 8.10605   -0.27931  -15.56014 1.000 18.91660 ?  213 PHE A CD1 1 
ATOM   776  C CD2 . PHE A 1 102 ? 9.20798   -1.33272  -13.72099 1.000 18.51999 ?  213 PHE A CD2 1 
ATOM   777  C CE1 . PHE A 1 102 ? 6.90900   -0.89543  -15.19959 1.000 19.76584 ?  213 PHE A CE1 1 
ATOM   778  C CE2 . PHE A 1 102 ? 8.02110   -1.95930  -13.35656 1.000 18.44138 ?  213 PHE A CE2 1 
ATOM   779  C CZ  . PHE A 1 102 ? 6.86797   -1.73781  -14.09570 1.000 19.05465 ?  213 PHE A CZ  1 
ATOM   780  N N   . ILE A 1 103 ? 12.79559  -1.91369  -14.80881 1.000 16.52070 ?  214 ILE A N   1 
ATOM   781  C CA  . ILE A 1 103 ? 13.27082  -3.08101  -14.07273 1.000 18.60495 ?  214 ILE A CA  1 
ATOM   782  C C   . ILE A 1 103 ? 12.86043  -2.90490  -12.61998 1.000 18.49151 ?  214 ILE A C   1 
ATOM   783  O O   . ILE A 1 103 ? 12.88547  -1.79129  -12.09187 1.000 18.61201 ?  214 ILE A O   1 
ATOM   784  C CB  . ILE A 1 103 ? 14.80292  -3.21509  -14.20082 1.000 21.78739 ?  214 ILE A CB  1 
ATOM   785  C CG1 . ILE A 1 103 ? 15.20807  -3.28493  -15.67567 1.000 22.71176 ?  214 ILE A CG1 1 
ATOM   786  C CG2 . ILE A 1 103 ? 15.32841  -4.40493  -13.39632 1.000 20.82204 ?  214 ILE A CG2 1 
ATOM   787  C CD1 . ILE A 1 103 ? 14.69430  -4.50216  -16.40606 1.000 27.46340 ?  214 ILE A CD1 1 
ATOM   788  N N   . PHE A 1 104 ? 12.47459  -3.99854  -11.96742 1.000 17.42273 ?  215 PHE A N   1 
ATOM   789  C CA  . PHE A 1 104 ? 12.12341  -3.91207  -10.56196 1.000 18.66919 ?  215 PHE A CA  1 
ATOM   790  C C   . PHE A 1 104 ? 12.67200  -5.12625  -9.83776  1.000 18.16772 ?  215 PHE A C   1 
ATOM   791  O O   . PHE A 1 104 ? 12.95671  -6.15841  -10.44733 1.000 20.51946 ?  215 PHE A O   1 
ATOM   792  C CB  . PHE A 1 104 ? 10.60138  -3.79699  -10.34594 1.000 18.79267 ?  215 PHE A CB  1 
ATOM   793  C CG  . PHE A 1 104 ? 9.82539   -5.01832  -10.75177 1.000 18.44018 ?  215 PHE A CG  1 
ATOM   794  C CD1 . PHE A 1 104 ? 9.40815   -5.18649  -12.06761 1.000 19.04583 ?  215 PHE A CD1 1 
ATOM   795  C CD2 . PHE A 1 104 ? 9.48351   -5.98362  -9.81249  1.000 20.73908 ?  215 PHE A CD2 1 
ATOM   796  C CE1 . PHE A 1 104 ? 8.68718   -6.29281  -12.44719 1.000 20.71809 ?  215 PHE A CE1 1 
ATOM   797  C CE2 . PHE A 1 104 ? 8.75439   -7.09550  -10.18233 1.000 21.23030 ?  215 PHE A CE2 1 
ATOM   798  C CZ  . PHE A 1 104 ? 8.35505   -7.25338  -11.50381 1.000 20.29695 ?  215 PHE A CZ  1 
ATOM   799  N N   . LYS A 1 105 ? 12.83384  -4.97276  -8.52797  1.000 17.43386 ?  216 LYS A N   1 
ATOM   800  C CA  . LYS A 1 105 ? 13.30744  -6.05745  -7.67485  1.000 21.88180 ?  216 LYS A CA  1 
ATOM   801  C C   . LYS A 1 105 ? 12.63955  -5.93604  -6.31461  1.000 21.81889 ?  216 LYS A C   1 
ATOM   802  O O   . LYS A 1 105 ? 12.61165  -4.85142  -5.73079  1.000 21.12747 ?  216 LYS A O   1 
ATOM   803  C CB  . LYS A 1 105 ? 14.83251  -6.01538  -7.53710  1.000 25.79486 ?  216 LYS A CB  1 
ATOM   804  C CG  . LYS A 1 105 ? 15.39620  -7.00544  -6.53122  1.000 32.55087 ?  216 LYS A CG  1 
ATOM   805  C CD  . LYS A 1 105 ? 16.37369  -7.96185  -7.19534  1.000 40.16660 ?  216 LYS A CD  1 
ATOM   806  C CE  . LYS A 1 105 ? 16.75953  -9.09703  -6.25668  1.000 38.97709 ?  216 LYS A CE  1 
ATOM   807  N NZ  . LYS A 1 105 ? 15.56292  -9.71730  -5.61798  1.000 43.14521 ?  216 LYS A NZ  1 
ATOM   808  N N   . SER A 1 106 ? 12.10900  -7.05148  -5.80561  1.000 21.74262 ?  217 SER A N   1 
ATOM   809  C CA  . SER A 1 106 ? 11.37023  -7.03975  -4.54445  1.000 24.66070 ?  217 SER A CA  1 
ATOM   810  C C   . SER A 1 106 ? 10.27973  -5.96851  -4.55527  1.000 21.36399 ?  217 SER A C   1 
ATOM   811  O O   . SER A 1 106 ? 10.09472  -5.22710  -3.58801  1.000 21.49232 ?  217 SER A O   1 
ATOM   812  C CB  . SER A 1 106 ? 12.30933  -6.84944  -3.34995  1.000 30.87128 ?  217 SER A CB  1 
ATOM   813  O OG  . SER A 1 106 ? 13.35247  -7.80420  -3.36539  1.000 33.10263 ?  217 SER A OG  1 
ATOM   814  N N   . GLY A 1 107 ? 9.55440   -5.88795  -5.67189  1.000 20.99847 ?  218 GLY A N   1 
ATOM   815  C CA  . GLY A 1 107 ? 8.44197   -4.96412  -5.77844  1.000 22.46838 ?  218 GLY A CA  1 
ATOM   816  C C   . GLY A 1 107 ? 8.80789   -3.49690  -5.83298  1.000 22.20393 ?  218 GLY A C   1 
ATOM   817  O O   . GLY A 1 107 ? 7.91576   -2.65643  -5.68734  1.000 22.53331 ?  218 GLY A O   1 
ATOM   818  N N   . LYS A 1 108 ? 10.08280  -3.16203  -6.04277  1.000 20.29985 ?  219 LYS A N   1 
ATOM   819  C CA  . LYS A 1 108 ? 10.55591  -1.77965  -6.08245  1.000 19.78442 ?  219 LYS A CA  1 
ATOM   820  C C   . LYS A 1 108 ? 11.18140  -1.49693  -7.44404  1.000 18.02015 ?  219 LYS A C   1 
ATOM   821  O O   . LYS A 1 108 ? 12.02570  -2.26381  -7.90963  1.000 18.35543 ?  219 LYS A O   1 
ATOM   822  C CB  . LYS A 1 108 ? 11.57598  -1.53169  -4.95207  1.000 20.68146 ?  219 LYS A CB  1 
ATOM   823  C CG  . LYS A 1 108 ? 12.08305  -0.09202  -4.83455  1.000 27.44276 ?  219 LYS A CG  1 
ATOM   824  C CD  . LYS A 1 108 ? 13.59023  -0.00235  -5.07615  1.000 31.73646 ?  219 LYS A CD  1 
ATOM   825  C CE  . LYS A 1 108 ? 14.38119  -0.64296  -3.94655  0.000 27.71268 ?  219 LYS A CE  1 
ATOM   826  N NZ  . LYS A 1 108 ? 15.83161  -0.74668  -4.27359  0.000 29.51938 ?  219 LYS A NZ  1 
ATOM   827  N N   . ILE A 1 109 ? 10.77070  -0.39882  -8.08379  1.000 19.00052 ?  220 ILE A N   1 
ATOM   828  C CA  . ILE A 1 109 ? 11.35621  -0.01379  -9.36462  1.000 17.63741 ?  220 ILE A CA  1 
ATOM   829  C C   . ILE A 1 109 ? 12.81338  0.36914   -9.15355  1.000 17.90272 ?  220 ILE A C   1 
ATOM   830  O O   . ILE A 1 109 ? 13.12992  1.19046   -8.28650  1.000 19.36697 ?  220 ILE A O   1 
ATOM   831  C CB  . ILE A 1 109 ? 10.56673  1.14714   -9.98686  1.000 16.16665 ?  220 ILE A CB  1 
ATOM   832  C CG1 . ILE A 1 109 ? 9.10699   0.74212   -10.20465 1.000 16.56809 ?  220 ILE A CG1 1 
ATOM   833  C CG2 . ILE A 1 109 ? 11.20851  1.60138   -11.30675 1.000 18.76695 ?  220 ILE A CG2 1 
ATOM   834  C CD1 . ILE A 1 109 ? 8.12936   1.92757   -10.23645 1.000 18.05741 ?  220 ILE A CD1 1 
ATOM   835  N N   . THR A 1 110 ? 13.70840  -0.23072  -9.93708  1.000 18.24774 ?  221 THR A N   1 
ATOM   836  C CA  . THR A 1 110 ? 15.13909  -0.01161  -9.75574  1.000 20.48653 ?  221 THR A CA  1 
ATOM   837  C C   . THR A 1 110 ? 15.82191  0.67458   -10.93008 1.000 20.83610 ?  221 THR A C   1 
ATOM   838  O O   . THR A 1 110 ? 16.85856  1.31601   -10.72814 1.000 20.99046 ?  221 THR A O   1 
ATOM   839  C CB  . THR A 1 110 ? 15.85868  -1.34756  -9.47684  1.000 23.53364 ?  221 THR A CB  1 
ATOM   840  O OG1 . THR A 1 110 ? 15.54784  -2.30021  -10.50068 1.000 21.19137 ?  221 THR A OG1 1 
ATOM   841  C CG2 . THR A 1 110 ? 15.44572  -1.89820  -8.11893  1.000 24.09250 ?  221 THR A CG2 1 
ATOM   842  N N   . SER A 1 111 ? 15.28085  0.56496   -12.14080 1.000 19.28392 ?  222 SER A N   1 
ATOM   843  C CA  . SER A 1 111 ? 15.91952  1.16712   -13.30559 1.000 18.69589 ?  222 SER A CA  1 
ATOM   844  C C   . SER A 1 111 ? 14.86378  1.53075   -14.33717 1.000 21.68412 ?  222 SER A C   1 
ATOM   845  O O   . SER A 1 111 ? 13.87012  0.82201   -14.51077 1.000 19.06326 ?  222 SER A O   1 
ATOM   846  C CB  . SER A 1 111 ? 16.94516  0.21565   -13.94038 1.000 22.45412 ?  222 SER A CB  1 
ATOM   847  O OG  . SER A 1 111 ? 17.52098  0.79245   -15.09775 1.000 35.52167 ?  222 SER A OG  1 
ATOM   848  N N   . ILE A 1 112 ? 15.09871  2.63255   -15.03784 1.000 17.04012 ?  223 ILE A N   1 
ATOM   849  C CA  . ILE A 1 112 ? 14.23214  3.07611   -16.12473 1.000 18.64599 ?  223 ILE A CA  1 
ATOM   850  C C   . ILE A 1 112 ? 14.97280  2.83331   -17.43176 1.000 19.39809 ?  223 ILE A C   1 
ATOM   851  O O   . ILE A 1 112 ? 16.12613  3.25501   -17.58076 1.000 22.12892 ?  223 ILE A O   1 
ATOM   852  C CB  . ILE A 1 112 ? 13.85477  4.56122   -15.97891 1.000 16.45992 ?  223 ILE A CB  1 
ATOM   853  C CG1 . ILE A 1 112 ? 13.27610  4.86856   -14.59218 1.000 16.74482 ?  223 ILE A CG1 1 
ATOM   854  C CG2 . ILE A 1 112 ? 12.90322  4.98149   -17.09053 1.000 17.20076 ?  223 ILE A CG2 1 
ATOM   855  C CD1 . ILE A 1 112 ? 12.07007  4.00649   -14.23088 1.000 17.62756 ?  223 ILE A CD1 1 
ATOM   856  N N   . VAL A 1 113 ? 14.31395  2.17556   -18.37723 1.000 17.05936 ?  224 VAL A N   1 
ATOM   857  C CA  . VAL A 1 113 ? 14.93776  1.84028   -19.65415 1.000 15.92949 ?  224 VAL A CA  1 
ATOM   858  C C   . VAL A 1 113 ? 14.95107  3.08053   -20.54492 1.000 17.22203 ?  224 VAL A C   1 
ATOM   859  O O   . VAL A 1 113 ? 13.93663  3.77946   -20.67734 1.000 16.73325 ?  224 VAL A O   1 
ATOM   860  C CB  . VAL A 1 113 ? 14.19751  0.67352   -20.32725 1.000 17.55909 ?  224 VAL A CB  1 
ATOM   861  C CG1 . VAL A 1 113 ? 14.76415  0.39579   -21.71309 1.000 19.23894 ?  224 VAL A CG1 1 
ATOM   862  C CG2 . VAL A 1 113 ? 14.27302  -0.58484  -19.44280 1.000 18.25955 ?  224 VAL A CG2 1 
ATOM   863  N N   . LYS A 1 114 ? 16.09988  3.34796   -21.16801 1.000 16.59920 ?  225 LYS A N   1 
ATOM   864  C CA  . LYS A 1 114 ? 16.23569  4.52737   -22.01506 1.000 16.56441 ?  225 LYS A CA  1 
ATOM   865  C C   . LYS A 1 114 ? 15.23223  4.50926   -23.16646 1.000 15.84456 ?  225 LYS A C   1 
ATOM   866  O O   . LYS A 1 114 ? 15.03639  3.48473   -23.83065 1.000 17.42237 ?  225 LYS A O   1 
ATOM   867  C CB  . LYS A 1 114 ? 17.66254  4.60500   -22.57102 1.000 17.23513 ?  225 LYS A CB  1 
ATOM   868  C CG  . LYS A 1 114 ? 17.98682  5.89929   -23.29793 1.000 23.51266 ?  225 LYS A CG  1 
ATOM   869  C CD  . LYS A 1 114 ? 19.41878  5.89013   -23.79539 1.000 24.57589 ?  225 LYS A CD  1 
ATOM   870  C CE  . LYS A 1 114 ? 19.83084  7.28187   -24.25631 1.000 31.44584 ?  225 LYS A CE  1 
ATOM   871  N NZ  . LYS A 1 114 ? 18.99204  7.70470   -25.39884 1.000 36.37968 ?  225 LYS A NZ  1 
ATOM   872  N N   . ASP A 1 115 ? 14.60029  5.66644   -23.39079 1.000 15.11939 ?  226 ASP A N   1 
ATOM   873  C CA  . ASP A 1 115 ? 13.69130  5.90831   -24.51670 1.000 19.38752 ?  226 ASP A CA  1 
ATOM   874  C C   . ASP A 1 115 ? 12.52325  4.92599   -24.54996 1.000 18.94601 ?  226 ASP A C   1 
ATOM   875  O O   . ASP A 1 115 ? 12.00247  4.57750   -25.61695 1.000 17.87883 ?  226 ASP A O   1 
ATOM   876  C CB  . ASP A 1 115 ? 14.45559  5.91147   -25.83663 1.000 22.05547 ?  226 ASP A CB  1 
ATOM   877  C CG  . ASP A 1 115 ? 15.14401  7.23332   -26.07650 1.000 23.85365 ?  226 ASP A CG  1 
ATOM   878  O OD1 . ASP A 1 115 ? 14.47894  8.28396   -25.91485 1.000 21.67823 ?  226 ASP A OD1 1 
ATOM   879  O OD2 . ASP A 1 115 ? 16.34752  7.22101   -26.39533 1.000 25.09695 ?  226 ASP A OD2 1 
ATOM   880  N N   . SER A 1 116 ? 12.08543  4.51033   -23.37025 1.000 15.85291 ?  227 SER A N   1 
ATOM   881  C CA  . SER A 1 116 ? 10.90678  3.67653   -23.19736 1.000 12.17172 ?  227 SER A CA  1 
ATOM   882  C C   . SER A 1 116 ? 9.70948   4.54170   -22.80184 1.000 14.79703 ?  227 SER A C   1 
ATOM   883  O O   . SER A 1 116 ? 9.82854   5.73946   -22.54888 1.000 13.94461 ?  227 SER A O   1 
ATOM   884  C CB  . SER A 1 116 ? 11.15536  2.63119   -22.11319 1.000 15.23886 ?  227 SER A CB  1 
ATOM   885  O OG  . SER A 1 116 ? 11.31624  3.32876   -20.88224 1.000 15.88121 ?  227 SER A OG  1 
ATOM   886  N N   . SER A 1 117 ? 8.54343   3.90253   -22.67072 1.000 14.38688 ?  228 SER A N   1 
ATOM   887  C CA  . SER A 1 117 ? 7.37769   4.64551   -22.19744 1.000 14.25561 ?  228 SER A CA  1 
ATOM   888  C C   . SER A 1 117 ? 7.55125   5.08307   -20.74787 1.000 14.09455 ?  228 SER A C   1 
ATOM   889  O O   . SER A 1 117 ? 7.09846   6.16626   -20.36142 1.000 15.22602 ?  228 SER A O   1 
ATOM   890  C CB  . SER A 1 117 ? 6.11311   3.80095   -22.35251 1.000 16.20942 ?  228 SER A CB  1 
ATOM   891  O OG  . SER A 1 117 ? 4.97561   4.57839   -22.06225 1.000 16.99204 ?  228 SER A OG  1 
ATOM   892  N N   . ALA A 1 118 ? 8.21795   4.26322   -19.93342 1.000 11.82572 ?  229 ALA A N   1 
ATOM   893  C CA  . ALA A 1 118 ? 8.51083   4.66038   -18.55856 1.000 12.84982 ?  229 ALA A CA  1 
ATOM   894  C C   . ALA A 1 118 ? 9.37903   5.90715   -18.52047 1.000 13.98189 ?  229 ALA A C   1 
ATOM   895  O O   . ALA A 1 118 ? 9.16994   6.79544   -17.68417 1.000 14.31748 ?  229 ALA A O   1 
ATOM   896  C CB  . ALA A 1 118 ? 9.20410   3.51883   -17.82849 1.000 14.86313 ?  229 ALA A CB  1 
ATOM   897  N N   . ALA A 1 119 ? 10.35432  5.98953   -19.43092 1.000 11.82754 ?  230 ALA A N   1 
ATOM   898  C CA  . ALA A 1 119 ? 11.18238  7.18760   -19.51743 1.000 13.80134 ?  230 ALA A CA  1 
ATOM   899  C C   . ALA A 1 119 ? 10.36384  8.38868   -19.96982 1.000 14.05616 ?  230 ALA A C   1 
ATOM   900  O O   . ALA A 1 119 ? 10.43206  9.46350   -19.36248 1.000 15.33075 ?  230 ALA A O   1 
ATOM   901  C CB  . ALA A 1 119 ? 12.35782  6.94522   -20.46934 1.000 15.34807 ?  230 ALA A CB  1 
ATOM   902  N N   . ARG A 1 120 ? 9.57728   8.22746   -21.03413 1.000 14.94989 ?  231 ARG A N   1 
ATOM   903  C CA  . ARG A 1 120 ? 8.81992   9.36385   -21.54647 1.000 14.57519 ?  231 ARG A CA  1 
ATOM   904  C C   . ARG A 1 120 ? 7.82777   9.88699   -20.51908 1.000 14.97487 ?  231 ARG A C   1 
ATOM   905  O O   . ARG A 1 120 ? 7.56243   11.09468  -20.46919 1.000 16.28585 ?  231 ARG A O   1 
ATOM   906  C CB  . ARG A 1 120 ? 8.09171   8.97648   -22.83385 1.000 16.37308 ?  231 ARG A CB  1 
ATOM   907  C CG  . ARG A 1 120 ? 9.00878   8.79881   -24.03420 1.000 16.55393 ?  231 ARG A CG  1 
ATOM   908  C CD  . ARG A 1 120 ? 8.21717   8.55851   -25.31899 1.000 21.12648 ?  231 ARG A CD  1 
ATOM   909  N NE  . ARG A 1 120 ? 7.52178   7.27792   -25.31481 1.000 20.02429 ?  231 ARG A NE  1 
ATOM   910  C CZ  . ARG A 1 120 ? 8.09698   6.11141   -25.59550 1.000 19.39561 ?  231 ARG A CZ  1 
ATOM   911  N NH1 . ARG A 1 120 ? 9.38780   6.06423   -25.90021 1.000 20.19400 ?  231 ARG A NH1 1 
ATOM   912  N NH2 . ARG A 1 120 ? 7.38581   4.98814   -25.56329 1.000 19.11922 ?  231 ARG A NH2 1 
ATOM   913  N N   . ASN A 1 121 ? 7.26712   9.00210   -19.69013 1.000 13.20622 ?  232 ASN A N   1 
ATOM   914  C CA  . ASN A 1 121 ? 6.24281   9.42044   -18.74513 1.000 14.64368 ?  232 ASN A CA  1 
ATOM   915  C C   . ASN A 1 121 ? 6.79430   9.68148   -17.35186 1.000 13.53037 ?  232 ASN A C   1 
ATOM   916  O O   . ASN A 1 121 ? 6.02187   9.99360   -16.44114 1.000 17.28476 ?  232 ASN A O   1 
ATOM   917  C CB  . ASN A 1 121 ? 5.11544   8.39473   -18.72234 1.000 15.32551 ?  232 ASN A CB  1 
ATOM   918  C CG  . ASN A 1 121 ? 4.30154   8.43895   -19.99946 1.000 16.12626 ?  232 ASN A CG  1 
ATOM   919  O OD1 . ASN A 1 121 ? 3.46996   9.33239   -20.18787 1.000 17.92182 ?  232 ASN A OD1 1 
ATOM   920  N ND2 . ASN A 1 121 ? 4.56794   7.50510   -20.90423 1.000 15.95683 ?  232 ASN A ND2 1 
ATOM   921  N N   . GLY A 1 122 ? 8.11355   9.62236   -17.18119 1.000 14.33445 ?  233 GLY A N   1 
ATOM   922  C CA  . GLY A 1 122 ? 8.72830   10.08503  -15.94943 1.000 15.56912 ?  233 GLY A CA  1 
ATOM   923  C C   . GLY A 1 122 ? 8.54288   9.16370   -14.76359 1.000 13.95979 ?  233 GLY A C   1 
ATOM   924  O O   . GLY A 1 122 ? 8.44869   9.63897   -13.62786 1.000 16.33058 ?  233 GLY A O   1 
ATOM   925  N N   . LEU A 1 123 ? 8.48406   7.85319   -14.99642 1.000 13.83296 ?  234 LEU A N   1 
ATOM   926  C CA  . LEU A 1 123 ? 8.46427   6.90510   -13.89179 1.000 14.52689 ?  234 LEU A CA  1 
ATOM   927  C C   . LEU A 1 123 ? 9.74288   7.03416   -13.06890 1.000 16.00081 ?  234 LEU A C   1 
ATOM   928  O O   . LEU A 1 123 ? 10.82698  7.24998   -13.61432 1.000 17.25834 ?  234 LEU A O   1 
ATOM   929  C CB  . LEU A 1 123 ? 8.31556   5.48011   -14.43847 1.000 14.40400 ?  234 LEU A CB  1 
ATOM   930  C CG  . LEU A 1 123 ? 7.99963   4.35929   -13.43664 1.000 14.39013 ?  234 LEU A CG  1 
ATOM   931  C CD1 . LEU A 1 123 ? 6.59372   4.50056   -12.85036 1.000 14.81456 ?  234 LEU A CD1 1 
ATOM   932  C CD2 . LEU A 1 123 ? 8.15704   3.00535   -14.10450 1.000 14.72002 ?  234 LEU A CD2 1 
ATOM   933  N N   . LEU A 1 124 ? 9.61504   6.87556   -11.75193 1.000 15.92509 ?  235 LEU A N   1 
ATOM   934  C CA  . LEU A 1 124 ? 10.70760  7.07892   -10.81083 1.000 15.39233 ?  235 LEU A CA  1 
ATOM   935  C C   . LEU A 1 124 ? 11.17498  5.75264   -10.21884 1.000 15.57699 ?  235 LEU A C   1 
ATOM   936  O O   . LEU A 1 124 ? 10.39046  4.80576   -10.06927 1.000 17.33610 ?  235 LEU A O   1 
ATOM   937  C CB  . LEU A 1 124 ? 10.28020  8.01681   -9.67914  1.000 17.11622 ?  235 LEU A CB  1 
ATOM   938  C CG  . LEU A 1 124 ? 9.85700   9.41373   -10.15694 1.000 17.48790 ?  235 LEU A CG  1 
ATOM   939  C CD1 . LEU A 1 124 ? 9.40713   10.23990  -8.96446  1.000 22.26376 ?  235 LEU A CD1 1 
ATOM   940  C CD2 . LEU A 1 124 ? 10.99143  10.12430  -10.92080 1.000 16.90969 ?  235 LEU A CD2 1 
ATOM   941  N N   . THR A 1 125 ? 12.46343  5.69861   -9.87595  1.000 15.22204 ?  236 THR A N   1 
ATOM   942  C CA  . THR A 1 125 ? 13.03419  4.56373   -9.16225  1.000 17.24239 ?  236 THR A CA  1 
ATOM   943  C C   . THR A 1 125 ? 12.83659  4.74973   -7.65955  1.000 18.76070 ?  236 THR A C   1 
ATOM   944  O O   . THR A 1 125 ? 12.35927  5.78774   -7.18710  1.000 19.32982 ?  236 THR A O   1 
ATOM   945  C CB  . THR A 1 125 ? 14.52206  4.39868   -9.48548  1.000 18.92715 ?  236 THR A CB  1 
ATOM   946  O OG1 . THR A 1 125 ? 15.22106  5.59687   -9.12615  1.000 18.01368 ?  236 THR A OG1 1 
ATOM   947  C CG2 . THR A 1 125 ? 14.71733  4.11561   -10.96058 1.000 20.39998 ?  236 THR A CG2 1 
ATOM   948  N N   . ASP A 1 126 ? 13.24422  3.73280   -6.89854  1.000 18.53431 ?  237 ASP A N   1 
ATOM   949  C CA  . ASP A 1 126 ? 13.09792  3.71134   -5.44122  1.000 21.70408 ?  237 ASP A CA  1 
ATOM   950  C C   . ASP A 1 126 ? 11.65378  3.97987   -5.02820  1.000 22.10377 ?  237 ASP A C   1 
ATOM   951  O O   . ASP A 1 126 ? 11.38126  4.73019   -4.09025  1.000 22.12792 ?  237 ASP A O   1 
ATOM   952  C CB  . ASP A 1 126 ? 14.05350  4.70093   -4.76815  1.000 25.60435 ?  237 ASP A CB  1 
ATOM   953  C CG  . ASP A 1 126 ? 14.30423  4.35963   -3.30478  1.000 32.19745 ?  237 ASP A CG  1 
ATOM   954  O OD1 . ASP A 1 126 ? 14.21081  3.16113   -2.94902  1.000 34.26897 ?  237 ASP A OD1 1 
ATOM   955  O OD2 . ASP A 1 126 ? 14.59248  5.28140   -2.51527  1.000 36.60507 ?  237 ASP A OD2 1 
ATOM   956  N N   . HIS A 1 127 ? 10.71996  3.35115   -5.74348  1.000 20.92916 ?  238 HIS A N   1 
ATOM   957  C CA  . HIS A 1 127 ? 9.29456   3.46945   -5.48285  1.000 18.42376 ?  238 HIS A CA  1 
ATOM   958  C C   . HIS A 1 127 ? 8.67047   2.08259   -5.43555  1.000 18.16999 ?  238 HIS A C   1 
ATOM   959  O O   . HIS A 1 127 ? 8.99646   1.22657   -6.26333  1.000 17.92737 ?  238 HIS A O   1 
ATOM   960  C CB  . HIS A 1 127 ? 8.58920   4.28882   -6.57562  1.000 19.05616 ?  238 HIS A CB  1 
ATOM   961  C CG  . HIS A 1 127 ? 8.56699   5.76172   -6.31070  1.000 18.54054 ?  238 HIS A CG  1 
ATOM   962  N ND1 . HIS A 1 127 ? 9.71221   6.52866   -6.29129  1.000 18.65752 ?  238 HIS A ND1 1 
ATOM   963  C CD2 . HIS A 1 127 ? 7.53917   6.60782   -6.05909  1.000 17.80163 ?  238 HIS A CD2 1 
ATOM   964  C CE1 . HIS A 1 127 ? 9.39055   7.78545   -6.03030  1.000 19.42666 ?  238 HIS A CE1 1 
ATOM   965  N NE2 . HIS A 1 127 ? 8.07862   7.86118   -5.88973  1.000 21.51935 ?  238 HIS A NE2 1 
ATOM   966  N N   . HIS A 1 128 ? 7.74453   1.88711   -4.49044  1.000 19.15679 ?  239 HIS A N   1 
ATOM   967  C CA  . HIS A 1 128 ? 6.98065   0.64585   -4.41468  1.000 21.39850 ?  239 HIS A CA  1 
ATOM   968  C C   . HIS A 1 128 ? 5.97603   0.55555   -5.55079  1.000 18.16217 ?  239 HIS A C   1 
ATOM   969  O O   . HIS A 1 128 ? 5.28951   1.53148   -5.86788  1.000 20.83523 ?  239 HIS A O   1 
ATOM   970  C CB  . HIS A 1 128 ? 6.20524   0.55348   -3.09624  1.000 22.28045 ?  239 HIS A CB  1 
ATOM   971  C CG  . HIS A 1 128 ? 7.06451   0.46763   -1.87646  1.000 30.06087 ?  239 HIS A CG  1 
ATOM   972  N ND1 . HIS A 1 128 ? 7.82713   -0.64144  -1.57855  1.000 32.82021 ?  239 HIS A ND1 1 
ATOM   973  C CD2 . HIS A 1 128 ? 7.25462   1.34165   -0.85886  1.000 28.40158 ?  239 HIS A CD2 1 
ATOM   974  C CE1 . HIS A 1 128 ? 8.46458   -0.43970  -0.43862  1.000 32.89657 ?  239 HIS A CE1 1 
ATOM   975  N NE2 . HIS A 1 128 ? 8.13332   0.75455   0.01910   1.000 29.75397 ?  239 HIS A NE2 1 
ATOM   976  N N   . ILE A 1 129 ? 5.88914   -0.62270  -6.16171  1.000 16.35068 ?  240 ILE A N   1 
ATOM   977  C CA  . ILE A 1 129 ? 4.80847   -0.92938  -7.09374  1.000 16.28220 ?  240 ILE A CA  1 
ATOM   978  C C   . ILE A 1 129 ? 3.60448   -1.37850  -6.26283  1.000 17.81026 ?  240 ILE A C   1 
ATOM   979  O O   . ILE A 1 129 ? 3.62287   -2.45088  -5.65907  1.000 20.64907 ?  240 ILE A O   1 
ATOM   980  C CB  . ILE A 1 129 ? 5.21969   -2.01143  -8.09645  1.000 17.92948 ?  240 ILE A CB  1 
ATOM   981  C CG1 . ILE A 1 129 ? 6.48468   -1.59761  -8.86259  1.000 16.44610 ?  240 ILE A CG1 1 
ATOM   982  C CG2 . ILE A 1 129 ? 4.07492   -2.31268  -9.05991  1.000 17.95670 ?  240 ILE A CG2 1 
ATOM   983  C CD1 . ILE A 1 129 ? 7.02363   -2.70376  -9.76608  1.000 18.89796 ?  240 ILE A CD1 1 
ATOM   984  N N   . CYS A 1 130 ? 2.56165   -0.55554  -6.21875  1.000 16.53814 ?  241 CYS A N   1 
ATOM   985  C CA  . CYS A 1 130 ? 1.41396   -0.82499  -5.35807  1.000 16.59562 ?  241 CYS A CA  1 
ATOM   986  C C   . CYS A 1 130 ? 0.26185   -1.47912  -6.11110  1.000 16.62304 ?  241 CYS A C   1 
ATOM   987  O O   . CYS A 1 130 ? -0.35274  -2.43482  -5.61402  1.000 17.30077 ?  241 CYS A O   1 
ATOM   988  C CB  . CYS A 1 130 ? 0.91978   0.47851   -4.72536  1.000 16.58361 ?  241 CYS A CB  1 
ATOM   989  S SG  . CYS A 1 130 ? 2.11435   1.31809   -3.66872  1.000 23.27880 ?  241 CYS A SG  1 
ATOM   990  N N   . GLU A 1 131 ? -0.07306  -0.95417  -7.28635  1.000 16.12543 ?  242 GLU A N   1 
ATOM   991  C CA  . GLU A 1 131 ? -1.13791  -1.49650  -8.11744  1.000 15.40999 ?  242 GLU A CA  1 
ATOM   992  C C   . GLU A 1 131 ? -0.72800  -1.42965  -9.58093  1.000 17.71059 ?  242 GLU A C   1 
ATOM   993  O O   . GLU A 1 131 ? 0.04869   -0.55982  -9.98856  1.000 16.91999 ?  242 GLU A O   1 
ATOM   994  C CB  . GLU A 1 131 ? -2.45726  -0.72616  -7.96463  1.000 17.21064 ?  242 GLU A CB  1 
ATOM   995  C CG  . GLU A 1 131 ? -2.96677  -0.55778  -6.54694  1.000 21.31969 ?  242 GLU A CG  1 
ATOM   996  C CD  . GLU A 1 131 ? -4.13396  0.41603   -6.47734  1.000 23.41245 ?  242 GLU A CD  1 
ATOM   997  O OE1 . GLU A 1 131 ? -4.21475  1.31557   -7.34189  1.000 26.37800 ?  242 GLU A OE1 1 
ATOM   998  O OE2 . GLU A 1 131 ? -4.98009  0.27232   -5.56782  1.000 27.81558 ?  242 GLU A OE2 1 
ATOM   999  N N   . ILE A 1 132 ? -1.28171  -2.34384  -10.36810 1.000 16.32291 ?  243 ILE A N   1 
ATOM   1000 C CA  . ILE A 1 132 ? -1.16605  -2.34097  -11.82252 1.000 14.70518 ?  243 ILE A CA  1 
ATOM   1001 C C   . ILE A 1 132 ? -2.58849  -2.25074  -12.36054 1.000 15.02391 ?  243 ILE A C   1 
ATOM   1002 O O   . ILE A 1 132 ? -3.37684  -3.18765  -12.18371 1.000 17.08695 ?  243 ILE A O   1 
ATOM   1003 C CB  . ILE A 1 132 ? -0.44755  -3.59337  -12.34478 1.000 17.88210 ?  243 ILE A CB  1 
ATOM   1004 C CG1 . ILE A 1 132 ? 0.98128   -3.63860  -11.79747 1.000 18.85925 ?  243 ILE A CG1 1 
ATOM   1005 C CG2 . ILE A 1 132 ? -0.47346  -3.62759  -13.87767 1.000 17.15559 ?  243 ILE A CG2 1 
ATOM   1006 C CD1 . ILE A 1 132 ? 1.69314   -4.96665  -11.97239 1.000 20.70389 ?  243 ILE A CD1 1 
ATOM   1007 N N   . ASN A 1 133 ? -2.93002  -1.11342  -12.98553 1.000 16.05908 ?  244 ASN A N   1 
ATOM   1008 C CA  . ASN A 1 133 ? -4.29890  -0.85460  -13.44754 1.000 15.96395 ?  244 ASN A CA  1 
ATOM   1009 C C   . ASN A 1 133 ? -5.31760  -1.14068  -12.34087 1.000 19.04901 ?  244 ASN A C   1 
ATOM   1010 O O   . ASN A 1 133 ? -6.37125  -1.74906  -12.56244 1.000 17.64383 ?  244 ASN A O   1 
ATOM   1011 C CB  . ASN A 1 133 ? -4.59847  -1.65206  -14.72346 1.000 16.11501 ?  244 ASN A CB  1 
ATOM   1012 C CG  . ASN A 1 133 ? -3.89117  -1.06044  -15.94232 1.000 18.20824 ?  244 ASN A CG  1 
ATOM   1013 O OD1 . ASN A 1 133 ? -3.54890  0.11602   -15.94509 1.000 18.08294 ?  244 ASN A OD1 1 
ATOM   1014 N ND2 . ASN A 1 133 ? -3.67320  -1.87217  -16.97300 1.000 19.42180 ?  244 ASN A ND2 1 
ATOM   1015 N N   . GLY A 1 134 ? -4.98583  -0.69863  -11.12524 1.000 15.82399 ?  245 GLY A N   1 
ATOM   1016 C CA  . GLY A 1 134 ? -5.86779  -0.81614  -9.98602  1.000 18.07639 ?  245 GLY A CA  1 
ATOM   1017 C C   . GLY A 1 134 ? -5.74881  -2.11543  -9.21861  1.000 19.49578 ?  245 GLY A C   1 
ATOM   1018 O O   . GLY A 1 134 ? -6.21326  -2.18606  -8.07148  1.000 19.69158 ?  245 GLY A O   1 
ATOM   1019 N N   . GLN A 1 135 ? -5.14647  -3.14267  -9.80927  1.000 16.37151 ?  246 GLN A N   1 
ATOM   1020 C CA  . GLN A 1 135 ? -5.01464  -4.42666  -9.12639  1.000 15.90056 ?  246 GLN A CA  1 
ATOM   1021 C C   . GLN A 1 135 ? -3.88442  -4.37184  -8.10328  1.000 19.17155 ?  246 GLN A C   1 
ATOM   1022 O O   . GLN A 1 135 ? -2.74116  -4.05497  -8.44025  1.000 17.21254 ?  246 GLN A O   1 
ATOM   1023 C CB  . GLN A 1 135 ? -4.76155  -5.55834  -10.12406 1.000 16.16402 ?  246 GLN A CB  1 
ATOM   1024 C CG  . GLN A 1 135 ? -4.51551  -6.89869  -9.43526  1.000 18.33715 ?  246 GLN A CG  1 
ATOM   1025 C CD  . GLN A 1 135 ? -4.39714  -8.04917  -10.40693 1.000 18.74408 ?  246 GLN A CD  1 
ATOM   1026 O OE1 . GLN A 1 135 ? -4.47787  -7.85876  -11.61589 1.000 19.12824 ?  246 GLN A OE1 1 
ATOM   1027 N NE2 . GLN A 1 135 ? -4.23338  -9.26521  -9.87686  1.000 18.05781 ?  246 GLN A NE2 1 
ATOM   1028 N N   . ASN A 1 136 ? -4.20258  -4.71163  -6.85755  1.000 18.96911 ?  247 ASN A N   1 
ATOM   1029 C CA  . ASN A 1 136 ? -3.21537  -4.63378  -5.78744  1.000 20.30417 ?  247 ASN A CA  1 
ATOM   1030 C C   . ASN A 1 136 ? -2.14092  -5.70341  -5.97488  1.000 19.11618 ?  247 ASN A C   1 
ATOM   1031 O O   . ASN A 1 136 ? -2.45115  -6.88872  -6.14325  1.000 20.26005 ?  247 ASN A O   1 
ATOM   1032 C CB  . ASN A 1 136 ? -3.92619  -4.79223  -4.44037  1.000 24.60710 ?  247 ASN A CB  1 
ATOM   1033 C CG  . ASN A 1 136 ? -2.97360  -5.02020  -3.28507  1.000 27.96068 ?  247 ASN A CG  1 
ATOM   1034 O OD1 . ASN A 1 136 ? -1.88921  -4.45635  -3.23766  1.000 25.12001 ?  247 ASN A OD1 1 
ATOM   1035 N ND2 . ASN A 1 136 ? -3.39790  -5.84280  -2.32600  1.000 31.98683 ?  247 ASN A ND2 1 
ATOM   1036 N N   . VAL A 1 137 ? -0.86958  -5.29429  -5.94391  1.000 17.72609 ?  248 VAL A N   1 
ATOM   1037 C CA  . VAL A 1 137 ? 0.23528   -6.24147  -6.03907  1.000 17.17794 ?  248 VAL A CA  1 
ATOM   1038 C C   . VAL A 1 137 ? 1.19547   -6.13721  -4.86424  1.000 19.72406 ?  248 VAL A C   1 
ATOM   1039 O O   . VAL A 1 137 ? 2.27677   -6.72066  -4.90712  1.000 21.17668 ?  248 VAL A O   1 
ATOM   1040 C CB  . VAL A 1 137 ? 1.00254   -6.09669  -7.36774  1.000 15.16029 ?  248 VAL A CB  1 
ATOM   1041 C CG1 . VAL A 1 137 ? 0.08949   -6.38778  -8.53777  1.000 19.62291 ?  248 VAL A CG1 1 
ATOM   1042 C CG2 . VAL A 1 137 ? 1.63001   -4.69089  -7.47956  1.000 16.72282 ?  248 VAL A CG2 1 
ATOM   1043 N N   . ILE A 1 138 ? 0.82032   -5.41324  -3.80739  1.000 19.55442 ?  249 ILE A N   1 
ATOM   1044 C CA  . ILE A 1 138 ? 1.64856   -5.36304  -2.60353  1.000 21.48641 ?  249 ILE A CA  1 
ATOM   1045 C C   . ILE A 1 138 ? 1.76456   -6.75569  -1.99740  1.000 23.06603 ?  249 ILE A C   1 
ATOM   1046 O O   . ILE A 1 138 ? 0.76374   -7.45930  -1.81519  1.000 24.85103 ?  249 ILE A O   1 
ATOM   1047 C CB  . ILE A 1 138 ? 1.05303   -4.36736  -1.59570  1.000 22.49425 ?  249 ILE A CB  1 
ATOM   1048 C CG1 . ILE A 1 138 ? 1.19032   -2.94182  -2.12285  1.000 21.10068 ?  249 ILE A CG1 1 
ATOM   1049 C CG2 . ILE A 1 138 ? 1.73744   -4.48762  -0.22624  1.000 23.68048 ?  249 ILE A CG2 1 
ATOM   1050 C CD1 . ILE A 1 138 ? 2.63294   -2.46942  -2.21547  1.000 23.38713 ?  249 ILE A CD1 1 
ATOM   1051 N N   . GLY A 1 139 ? 2.99652   -7.16318  -1.68683  1.000 24.79507 ?  250 GLY A N   1 
ATOM   1052 C CA  . GLY A 1 139 ? 3.24074   -8.45469  -1.07718  1.000 25.93668 ?  250 GLY A CA  1 
ATOM   1053 C C   . GLY A 1 139 ? 3.35609   -9.62667  -2.02741  1.000 27.75976 ?  250 GLY A C   1 
ATOM   1054 O O   . GLY A 1 139 ? 3.61084   -10.74910 -1.56605  1.000 27.30923 ?  250 GLY A O   1 
ATOM   1055 N N   . LEU A 1 140 ? 3.15232   -9.42493  -3.32554  1.000 21.10080 ?  251 LEU A N   1 
ATOM   1056 C CA  . LEU A 1 140 ? 3.34236   -10.50466 -4.28202  1.000 20.98553 ?  251 LEU A CA  1 
ATOM   1057 C C   . LEU A 1 140 ? 4.82512   -10.70485 -4.59265  1.000 23.07056 ?  251 LEU A C   1 
ATOM   1058 O O   . LEU A 1 140 ? 5.64979   -9.79597  -4.44539  1.000 25.60614 ?  251 LEU A O   1 
ATOM   1059 C CB  . LEU A 1 140 ? 2.58970   -10.22269 -5.58566  1.000 18.64953 ?  251 LEU A CB  1 
ATOM   1060 C CG  . LEU A 1 140 ? 1.06888   -10.14924 -5.49869  1.000 19.48649 ?  251 LEU A CG  1 
ATOM   1061 C CD1 . LEU A 1 140 ? 0.49010   -10.01811 -6.88303  1.000 20.80155 ?  251 LEU A CD1 1 
ATOM   1062 C CD2 . LEU A 1 140 ? 0.53870   -11.40901 -4.80877  1.000 23.57011 ?  251 LEU A CD2 1 
ATOM   1063 N N   . LYS A 1 141 ? 5.15436   -11.91339 -5.04912  1.000 22.55727 ?  252 LYS A N   1 
ATOM   1064 C CA  . LYS A 1 141 ? 6.49447   -12.19380 -5.54436  1.000 23.89969 ?  252 LYS A CA  1 
ATOM   1065 C C   . LYS A 1 141 ? 6.73646   -11.47595 -6.87140  1.000 19.80920 ?  252 LYS A C   1 
ATOM   1066 O O   . LYS A 1 141 ? 5.80587   -11.17523 -7.62110  1.000 20.25027 ?  252 LYS A O   1 
ATOM   1067 C CB  . LYS A 1 141 ? 6.69342   -13.69458 -5.74509  1.000 26.94075 ?  252 LYS A CB  1 
ATOM   1068 C CG  . LYS A 1 141 ? 6.36313   -14.53583 -4.53345  1.000 27.23247 ?  252 LYS A CG  1 
ATOM   1069 C CD  . LYS A 1 141 ? 7.34540   -14.27749 -3.40583  1.000 32.20730 ?  252 LYS A CD  1 
ATOM   1070 C CE  . LYS A 1 141 ? 7.37399   -15.44275 -2.42350  1.000 40.46171 ?  252 LYS A CE  1 
ATOM   1071 N NZ  . LYS A 1 141 ? 6.00203   -15.81510 -1.96507  1.000 45.53885 ?  252 LYS A NZ  1 
ATOM   1072 N N   . ASP A 1 142 ? 8.01506   -11.24886 -7.17955  1.000 23.73371 ?  253 ASP A N   1 
ATOM   1073 C CA  . ASP A 1 142 ? 8.36021   -10.52863 -8.40567  1.000 22.84995 ?  253 ASP A CA  1 
ATOM   1074 C C   . ASP A 1 142 ? 7.81831   -11.22930 -9.64908  1.000 22.44643 ?  253 ASP A C   1 
ATOM   1075 O O   . ASP A 1 142 ? 7.34096   -10.56964 -10.58081 1.000 21.36354 ?  253 ASP A O   1 
ATOM   1076 C CB  . ASP A 1 142 ? 9.87527   -10.35999 -8.50729  1.000 24.34755 ?  253 ASP A CB  1 
ATOM   1077 C CG  . ASP A 1 142 ? 10.39939  -9.26634  -7.60887  1.000 23.80629 ?  253 ASP A CG  1 
ATOM   1078 O OD1 . ASP A 1 142 ? 9.59830   -8.44528  -7.10004  1.000 22.61065 ?  253 ASP A OD1 1 
ATOM   1079 O OD2 . ASP A 1 142 ? 11.62609  -9.22665  -7.40144  1.000 27.90965 ?  253 ASP A OD2 1 
ATOM   1080 N N   . ALA A 1 143 ? 7.88585   -12.56524 -9.69069  1.000 20.85577 ?  254 ALA A N   1 
ATOM   1081 C CA  . ALA A 1 143 ? 7.34441   -13.28062 -10.84321 1.000 20.67540 ?  254 ALA A CA  1 
ATOM   1082 C C   . ALA A 1 143 ? 5.83925   -13.07416 -10.97500 1.000 18.03463 ?  254 ALA A C   1 
ATOM   1083 O O   . ALA A 1 143 ? 5.31350   -13.04854 -12.09197 1.000 19.14608 ?  254 ALA A O   1 
ATOM   1084 C CB  . ALA A 1 143 ? 7.67273   -14.77575 -10.74492 1.000 22.53105 ?  254 ALA A CB  1 
ATOM   1085 N N   . GLN A 1 144 ? 5.13155   -12.92732 -9.85375  1.000 19.64106 ?  255 GLN A N   1 
ATOM   1086 C CA  . GLN A 1 144 ? 3.69385   -12.67886 -9.92015  1.000 17.54815 ?  255 GLN A CA  1 
ATOM   1087 C C   . GLN A 1 144 ? 3.41021   -11.27437 -10.43192 1.000 19.73784 ?  255 GLN A C   1 
ATOM   1088 O O   . GLN A 1 144 ? 2.49529   -11.07855 -11.23959 1.000 18.87510 ?  255 GLN A O   1 
ATOM   1089 C CB  . GLN A 1 144 ? 3.06254   -12.88462 -8.54844  1.000 20.02874 ?  255 GLN A CB  1 
ATOM   1090 C CG  . GLN A 1 144 ? 3.13692   -14.33421 -8.05079  1.000 22.54092 ?  255 GLN A CG  1 
ATOM   1091 C CD  . GLN A 1 144 ? 2.64735   -14.47833 -6.62808  1.000 24.25873 ?  255 GLN A CD  1 
ATOM   1092 O OE1 . GLN A 1 144 ? 3.15800   -13.83060 -5.70812  1.000 23.57434 ?  255 GLN A OE1 1 
ATOM   1093 N NE2 . GLN A 1 144 ? 1.65833   -15.35198 -6.43016  1.000 33.72366 ?  255 GLN A NE2 1 
ATOM   1094 N N   . ILE A 1 145 ? 4.18790   -10.29155 -9.97178  1.000 18.36626 ?  256 ILE A N   1 
ATOM   1095 C CA  . ILE A 1 145 ? 4.05766   -8.93016  -10.49808 1.000 18.69223 ?  256 ILE A CA  1 
ATOM   1096 C C   . ILE A 1 145 ? 4.33411   -8.91988  -11.99580 1.000 17.85777 ?  256 ILE A C   1 
ATOM   1097 O O   . ILE A 1 145 ? 3.60566   -8.30327  -12.78477 1.000 18.80441 ?  256 ILE A O   1 
ATOM   1098 C CB  . ILE A 1 145 ? 4.99749   -7.97448  -9.73843  1.000 17.60618 ?  256 ILE A CB  1 
ATOM   1099 C CG1 . ILE A 1 145 ? 4.62954   -7.91856  -8.25315  1.000 19.37756 ?  256 ILE A CG1 1 
ATOM   1100 C CG2 . ILE A 1 145 ? 4.93904   -6.57199  -10.33696 1.000 16.31201 ?  256 ILE A CG2 1 
ATOM   1101 C CD1 . ILE A 1 145 ? 5.71552   -7.29942  -7.38071  1.000 21.08400 ?  256 ILE A CD1 1 
ATOM   1102 N N   . ALA A 1 146 ? 5.39489   -9.61117  -12.40990 1.000 16.92836 ?  257 ALA A N   1 
ATOM   1103 C CA  . ALA A 1 146 ? 5.76238   -9.63381  -13.81948 1.000 23.15679 ?  257 ALA A CA  1 
ATOM   1104 C C   . ALA A 1 146 ? 4.65488   -10.25308 -14.65734 1.000 19.33441 ?  257 ALA A C   1 
ATOM   1105 O O   . ALA A 1 146 ? 4.38359   -9.80297  -15.77682 1.000 20.09995 ?  257 ALA A O   1 
ATOM   1106 C CB  . ALA A 1 146 ? 7.08002   -10.39044 -13.99816 1.000 20.80764 ?  257 ALA A CB  1 
ATOM   1107 N N   . ASP A 1 147 ? 3.99294   -11.28417 -14.12179 1.000 18.32198 ?  258 ASP A N   1 
ATOM   1108 C CA  . ASP A 1 147 ? 2.90422   -11.92302 -14.84735 1.000 18.06285 ?  258 ASP A CA  1 
ATOM   1109 C C   . ASP A 1 147 ? 1.73878   -10.96600 -15.03511 1.000 19.64967 ?  258 ASP A C   1 
ATOM   1110 O O   . ASP A 1 147 ? 1.16956   -10.87844 -16.12861 1.000 19.22577 ?  258 ASP A O   1 
ATOM   1111 C CB  . ASP A 1 147 ? 2.46112   -13.18436 -14.09073 1.000 19.91439 ?  258 ASP A CB  1 
ATOM   1112 C CG  . ASP A 1 147 ? 1.14063   -13.74739 -14.59399 1.000 26.44966 ?  258 ASP A CG  1 
ATOM   1113 O OD1 . ASP A 1 147 ? 1.05837   -14.13727 -15.77648 1.000 30.33487 ?  258 ASP A OD1 1 
ATOM   1114 O OD2 . ASP A 1 147 ? 0.18362   -13.81055 -13.79943 1.000 36.54991 ?  258 ASP A OD2 1 
ATOM   1115 N N   . ILE A 1 148 ? 1.37401   -10.23522 -13.97895 1.000 18.25360 ?  259 ILE A N   1 
ATOM   1116 C CA  . ILE A 1 148 ? 0.26126   -9.29299  -14.06989 1.000 18.93528 ?  259 ILE A CA  1 
ATOM   1117 C C   . ILE A 1 148 ? 0.58678   -8.18080  -15.06052 1.000 17.56246 ?  259 ILE A C   1 
ATOM   1118 O O   . ILE A 1 148 ? -0.26462  -7.78178  -15.86461 1.000 19.05345 ?  259 ILE A O   1 
ATOM   1119 C CB  . ILE A 1 148 ? -0.08028  -8.74732  -12.66914 1.000 17.32802 ?  259 ILE A CB  1 
ATOM   1120 C CG1 . ILE A 1 148 ? -0.65227  -9.87774  -11.79716 1.000 20.44048 ?  259 ILE A CG1 1 
ATOM   1121 C CG2 . ILE A 1 148 ? -1.05759  -7.57551  -12.73863 1.000 17.91643 ?  259 ILE A CG2 1 
ATOM   1122 C CD1 . ILE A 1 148 ? -0.66206  -9.55490  -10.33633 1.000 19.22193 ?  259 ILE A CD1 1 
ATOM   1123 N N   . LEU A 1 149 ? 1.82838   -7.67290  -15.02666 1.000 18.65197 ?  260 LEU A N   1 
ATOM   1124 C CA  . LEU A 1 149 ? 2.26736   -6.69742  -16.02052 1.000 20.46262 ?  260 LEU A CA  1 
ATOM   1125 C C   . LEU A 1 149 ? 2.16287   -7.26090  -17.42938 1.000 19.01066 ?  260 LEU A C   1 
ATOM   1126 O O   . LEU A 1 149 ? 1.67603   -6.58757  -18.34505 1.000 19.97057 ?  260 LEU A O   1 
ATOM   1127 C CB  . LEU A 1 149 ? 3.71102   -6.27025  -15.74473 1.000 22.47041 ?  260 LEU A CB  1 
ATOM   1128 C CG  . LEU A 1 149 ? 4.00373   -5.21099  -14.68999 1.000 25.66995 ?  260 LEU A CG  1 
ATOM   1129 C CD1 . LEU A 1 149 ? 5.50183   -5.16058  -14.39429 1.000 26.30772 ?  260 LEU A CD1 1 
ATOM   1130 C CD2 . LEU A 1 149 ? 3.49092   -3.83993  -15.13603 1.000 27.62373 ?  260 LEU A CD2 1 
ATOM   1131 N N   . SER A 1 150 ? 2.61709   -8.50150  -17.61962 1.000 18.19606 ?  261 SER A N   1 
ATOM   1132 C CA  . SER A 1 150 ? 2.70624   -9.07322  -18.95590 1.000 18.61841 ?  261 SER A CA  1 
ATOM   1133 C C   . SER A 1 150 ? 1.33389   -9.27584  -19.58451 1.000 21.11646 ?  261 SER A C   1 
ATOM   1134 O O   . SER A 1 150 ? 1.18206   -9.11414  -20.80241 1.000 21.34122 ?  261 SER A O   1 
ATOM   1135 C CB  . SER A 1 150 ? 3.47722   -10.39679 -18.90225 1.000 22.94819 ?  261 SER A CB  1 
ATOM   1136 O OG  . SER A 1 150 ? 3.46957   -11.04802 -20.15858 1.000 28.45172 ?  261 SER A OG  1 
ATOM   1137 N N   . THR A 1 151 ? 0.32203   -9.61497  -18.78510 1.000 19.25815 ?  262 THR A N   1 
ATOM   1138 C CA  . THR A 1 151 ? -1.00157  -9.87154  -19.32556 1.000 20.80705 ?  262 THR A CA  1 
ATOM   1139 C C   . THR A 1 151 ? -1.89689  -8.63852  -19.32637 1.000 23.39833 ?  262 THR A C   1 
ATOM   1140 O O   . THR A 1 151 ? -3.05046  -8.73223  -19.75296 1.000 22.92217 ?  262 THR A O   1 
ATOM   1141 C CB  . THR A 1 151 ? -1.67493  -11.01332 -18.54955 1.000 23.97799 ?  262 THR A CB  1 
ATOM   1142 O OG1 . THR A 1 151 ? -1.87359  -10.62329 -17.18603 1.000 23.48953 ?  262 THR A OG1 1 
ATOM   1143 C CG2 . THR A 1 151 ? -0.80046  -12.25153 -18.58313 1.000 26.35747 ?  262 THR A CG2 1 
ATOM   1144 N N   . ALA A 1 152 ? -1.39618  -7.48984  -18.87355 1.000 19.61258 ?  263 ALA A N   1 
ATOM   1145 C CA  . ALA A 1 152 ? -2.14995  -6.25420  -18.98098 1.000 21.97080 ?  263 ALA A CA  1 
ATOM   1146 C C   . ALA A 1 152 ? -2.27133  -5.84301  -20.44759 1.000 23.09688 ?  263 ALA A C   1 
ATOM   1147 O O   . ALA A 1 152 ? -1.51469  -6.29346  -21.31468 1.000 23.54060 ?  263 ALA A O   1 
ATOM   1148 C CB  . ALA A 1 152 ? -1.47374  -5.14624  -18.17003 1.000 22.61350 ?  263 ALA A CB  1 
ATOM   1149 N N   . GLY A 1 153 ? -3.24760  -4.98830  -20.72250 1.000 21.56583 ?  264 GLY A N   1 
ATOM   1150 C CA  . GLY A 1 153 ? -3.37912  -4.40822  -22.03994 1.000 19.16257 ?  264 GLY A CA  1 
ATOM   1151 C C   . GLY A 1 153 ? -2.31847  -3.34569  -22.27625 1.000 20.10768 ?  264 GLY A C   1 
ATOM   1152 O O   . GLY A 1 153 ? -1.37294  -3.16723  -21.50583 1.000 18.76426 ?  264 GLY A O   1 
ATOM   1153 N N   . THR A 1 154 ? -2.51610  -2.60280  -23.36771 1.000 17.84037 ?  265 THR A N   1 
ATOM   1154 C CA  . THR A 1 154 ? -1.52541  -1.62617  -23.81116 1.000 17.03685 ?  265 THR A CA  1 
ATOM   1155 C C   . THR A 1 154 ? -1.33871  -0.50300  -22.79225 1.000 19.38439 ?  265 THR A C   1 
ATOM   1156 O O   . THR A 1 154 ? -0.20456  -0.08129  -22.51833 1.000 18.26207 ?  265 THR A O   1 
ATOM   1157 C CB  . THR A 1 154 ? -1.94388  -1.06085  -25.16692 1.000 18.21960 ?  265 THR A CB  1 
ATOM   1158 O OG1 . THR A 1 154 ? -2.03660  -2.12707  -26.12048 1.000 21.61147 ?  265 THR A OG1 1 
ATOM   1159 C CG2 . THR A 1 154 ? -0.93160  -0.01785  -25.65429 1.000 20.70425 ?  265 THR A CG2 1 
ATOM   1160 N N   . VAL A 1 155 ? -2.43253  0.00400   -22.22884 1.000 19.84399 ?  266 VAL A N   1 
ATOM   1161 C CA  . VAL A 1 155 ? -2.35414  1.05763   -21.21934 1.000 17.53667 ?  266 VAL A CA  1 
ATOM   1162 C C   . VAL A 1 155 ? -1.98483  0.42081   -19.88342 1.000 17.50131 ?  266 VAL A C   1 
ATOM   1163 O O   . VAL A 1 155 ? -2.68322  -0.47733  -19.39607 1.000 17.05653 ?  266 VAL A O   1 
ATOM   1164 C CB  . VAL A 1 155 ? -3.67847  1.83180   -21.10906 1.000 17.64541 ?  266 VAL A CB  1 
ATOM   1165 C CG1 . VAL A 1 155 ? -3.59840  2.86945   -19.99713 1.000 22.85703 ?  266 VAL A CG1 1 
ATOM   1166 C CG2 . VAL A 1 155 ? -4.04236  2.49598   -22.42773 1.000 20.29356 ?  266 VAL A CG2 1 
ATOM   1167 N N   . VAL A 1 156 ? -0.88698  0.88406   -19.28260 1.000 16.34290 ?  267 VAL A N   1 
ATOM   1168 C CA  . VAL A 1 156 ? -0.39995  0.33681   -18.00806 1.000 17.08727 ?  267 VAL A CA  1 
ATOM   1169 C C   . VAL A 1 156 ? -0.26182  1.50482   -17.03874 1.000 17.02979 ?  267 VAL A C   1 
ATOM   1170 O O   . VAL A 1 156 ? 0.68682   2.29300   -17.13006 1.000 17.19812 ?  267 VAL A O   1 
ATOM   1171 C CB  . VAL A 1 156 ? 0.92920   -0.41172  -18.15426 1.000 15.91291 ?  267 VAL A CB  1 
ATOM   1172 C CG1 . VAL A 1 156 ? 1.39050   -0.96291  -16.80718 1.000 18.49758 ?  267 VAL A CG1 1 
ATOM   1173 C CG2 . VAL A 1 156 ? 0.79549   -1.53731  -19.17756 1.000 19.14939 ?  267 VAL A CG2 1 
ATOM   1174 N N   . THR A 1 157 ? -1.20817  1.63564   -16.12260 1.000 16.16492 ?  268 THR A N   1 
ATOM   1175 C CA  . THR A 1 157 ? -1.13729  2.65561   -15.08817 1.000 15.02657 ?  268 THR A CA  1 
ATOM   1176 C C   . THR A 1 157 ? -0.63841  2.00183   -13.80864 1.000 17.03542 ?  268 THR A C   1 
ATOM   1177 O O   . THR A 1 157 ? -1.26921  1.06739   -13.29925 1.000 17.81121 ?  268 THR A O   1 
ATOM   1178 C CB  . THR A 1 157 ? -2.50190  3.30022   -14.87001 1.000 18.73489 ?  268 THR A CB  1 
ATOM   1179 O OG1 . THR A 1 157 ? -2.90568  3.96101   -16.07460 1.000 18.03701 ?  268 THR A OG1 1 
ATOM   1180 C CG2 . THR A 1 157 ? -2.42414  4.31480   -13.74623 1.000 19.39379 ?  268 THR A CG2 1 
ATOM   1181 N N   . ILE A 1 158 ? 0.50018   2.46309   -13.30320 1.000 13.32462 ?  269 ILE A N   1 
ATOM   1182 C CA  . ILE A 1 158 ? 1.08980   1.89781   -12.09537 1.000 15.11620 ?  269 ILE A CA  1 
ATOM   1183 C C   . ILE A 1 158 ? 0.87639   2.88250   -10.95886 1.000 14.87680 ?  269 ILE A C   1 
ATOM   1184 O O   . ILE A 1 158 ? 1.19728   4.07032   -11.08817 1.000 15.00593 ?  269 ILE A O   1 
ATOM   1185 C CB  . ILE A 1 158 ? 2.58272   1.57842   -12.28181 1.000 16.61437 ?  269 ILE A CB  1 
ATOM   1186 C CG1 . ILE A 1 158 ? 2.78258   0.69682   -13.51629 1.000 20.04185 ?  269 ILE A CG1 1 
ATOM   1187 C CG2 . ILE A 1 158 ? 3.13945   0.87042   -11.04195 1.000 17.11355 ?  269 ILE A CG2 1 
ATOM   1188 C CD1 . ILE A 1 158 ? 2.33845   -0.70611  -13.33882 1.000 25.48377 ?  269 ILE A CD1 1 
ATOM   1189 N N   . THR A 1 159 ? 0.30114   2.38967   -9.86123  1.000 14.66171 ?  270 THR A N   1 
ATOM   1190 C CA  . THR A 1 159 ? 0.24216   3.14771   -8.62433  1.000 15.33274 ?  270 THR A CA  1 
ATOM   1191 C C   . THR A 1 159 ? 1.54301   2.92503   -7.86130  1.000 15.99547 ?  270 THR A C   1 
ATOM   1192 O O   . THR A 1 159 ? 1.94702   1.78039   -7.63562  1.000 17.19902 ?  270 THR A O   1 
ATOM   1193 C CB  . THR A 1 159 ? -0.96553  2.69783   -7.79919  1.000 16.97196 ?  270 THR A CB  1 
ATOM   1194 O OG1 . THR A 1 159 ? -2.14638  2.78532   -8.61168  1.000 19.28417 ?  270 THR A OG1 1 
ATOM   1195 C CG2 . THR A 1 159 ? -1.13771  3.56669   -6.55367  1.000 18.34094 ?  270 THR A CG2 1 
ATOM   1196 N N   . ILE A 1 160 ? 2.23128   4.01792   -7.51206  1.000 16.09039 ?  271 ILE A N   1 
ATOM   1197 C CA  . ILE A 1 160 ? 3.52966   3.91072   -6.86636  1.000 18.01235 ?  271 ILE A CA  1 
ATOM   1198 C C   . ILE A 1 160 ? 3.52567   4.67063   -5.55048  1.000 16.59821 ?  271 ILE A C   1 
ATOM   1199 O O   . ILE A 1 160 ? 2.70012   5.55449   -5.31134  1.000 19.57872 ?  271 ILE A O   1 
ATOM   1200 C CB  . ILE A 1 160 ? 4.67271   4.42202   -7.77129  1.000 17.36643 ?  271 ILE A CB  1 
ATOM   1201 C CG1 . ILE A 1 160 ? 4.37852   5.84042   -8.23967  1.000 20.07042 ?  271 ILE A CG1 1 
ATOM   1202 C CG2 . ILE A 1 160 ? 4.87634   3.46677   -8.94602  1.000 19.19220 ?  271 ILE A CG2 1 
ATOM   1203 C CD1 . ILE A 1 160 ? 5.53413   6.47100   -9.01574  1.000 22.48638 ?  271 ILE A CD1 1 
ATOM   1204 N N   . MET A 1 161 ? 4.48677   4.31591   -4.70064  1.000 19.66565 ?  272 MET A N   1 
ATOM   1205 C CA  . MET A 1 161 ? 4.71075   4.98741   -3.43988  1.000 22.26960 ?  272 MET A CA  1 
ATOM   1206 C C   . MET A 1 161 ? 6.21255   5.06445   -3.19351  1.000 19.83446 ?  272 MET A C   1 
ATOM   1207 O O   . MET A 1 161 ? 6.91084   4.05065   -3.35171  1.000 22.46511 ?  272 MET A O   1 
ATOM   1208 C CB  . MET A 1 161 ? 4.02653   4.23126   -2.30354  1.000 25.38666 ?  272 MET A CB  1 
ATOM   1209 C CG  . MET A 1 161 ? 3.94624   5.00971   -1.03016  1.000 29.43148 ?  272 MET A CG  1 
ATOM   1210 S SD  . MET A 1 161 ? 3.03434   4.02839   0.16173   1.000 40.54488 ?  272 MET A SD  1 
ATOM   1211 C CE  . MET A 1 161 ? 1.47334   3.89568   -0.68198  1.000 23.33477 ?  272 MET A CE  1 
ATOM   1212 N N   . PRO A 1 162 ? 6.74004   6.22226   -2.78629  1.000 22.85780 ?  273 PRO A N   1 
ATOM   1213 C CA  . PRO A 1 162 ? 8.17045   6.29672   -2.45682  1.000 22.79208 ?  273 PRO A CA  1 
ATOM   1214 C C   . PRO A 1 162 ? 8.55029   5.26872   -1.39783  1.000 25.47045 ?  273 PRO A C   1 
ATOM   1215 O O   . PRO A 1 162 ? 7.82344   5.05308   -0.42443  1.000 26.94669 ?  273 PRO A O   1 
ATOM   1216 C CB  . PRO A 1 162 ? 8.34118   7.72713   -1.93128  1.000 27.77217 ?  273 PRO A CB  1 
ATOM   1217 C CG  . PRO A 1 162 ? 7.18329   8.48304   -2.49196  1.000 26.70078 ?  273 PRO A CG  1 
ATOM   1218 C CD  . PRO A 1 162 ? 6.05202   7.50225   -2.55722  1.000 24.98479 ?  273 PRO A CD  1 
ATOM   1219 N N   . ALA A 1 163 ? 9.70490   4.63932   -1.59163  1.000 24.13927 ?  274 ALA A N   1 
ATOM   1220 C CA  . ALA A 1 163 ? 10.19101  3.61860   -0.66214  1.000 26.67230 ?  274 ALA A CA  1 
ATOM   1221 C C   . ALA A 1 163 ? 11.17639  4.21349   0.34082   1.000 34.46635 ?  274 ALA A C   1 
ATOM   1222 O O   . ALA A 1 163 ? 11.44208  5.42059   0.31759   1.000 38.22463 ?  274 ALA A O   1 
ATOM   1223 C CB  . ALA A 1 163 ? 10.83782  2.47402   -1.42451  1.000 28.65765 ?  274 ALA A CB  1 
HETATM 1224 C C10 . M8R B 2 .   ? 8.64570   -3.99787  -19.19793 1.000 21.72974 ?  301 M8R A C10 1 
HETATM 1225 C C17 . M8R B 2 .   ? 13.11603  -6.93172  -20.50413 1.000 31.76286 ?  301 M8R A C17 1 
HETATM 1226 C C20 . M8R B 2 .   ? 12.34114  -3.99721  -21.85290 1.000 28.43373 ?  301 M8R A C20 1 
HETATM 1227 C C21 . M8R B 2 .   ? 12.65303  -2.80671  -22.50961 1.000 29.73814 ?  301 M8R A C21 1 
HETATM 1228 C C22 . M8R B 2 .   ? 13.41474  -2.83295  -23.70333 1.000 26.84170 ?  301 M8R A C22 1 
HETATM 1229 C C24 . M8R B 2 .   ? 13.31849  -7.51230  -22.90012 1.000 29.26845 ?  301 M8R A C24 1 
HETATM 1230 C C26 . M8R B 2 .   ? 13.53808  -5.25564  -23.56454 1.000 28.86925 ?  301 M8R A C26 1 
HETATM 1231 C C28 . M8R B 2 .   ? 14.21061  -9.44865  -24.04321 1.000 33.06934 ?  301 M8R A C28 1 
HETATM 1232 C C02 . M8R B 2 .   ? 11.26409  -6.65443  -14.70723 1.000 22.74481 ?  301 M8R A C02 1 
HETATM 1233 C C04 . M8R B 2 .   ? 10.84049  -7.98252  -14.66395 1.000 21.03931 ?  301 M8R A C04 1 
HETATM 1234 C C05 . M8R B 2 .   ? 9.70742   -8.31173  -15.39344 1.000 23.39555 ?  301 M8R A C05 1 
HETATM 1235 C C07 . M8R B 2 .   ? 9.51388   -6.13516  -16.11028 1.000 21.56118 ?  301 M8R A C07 1 
HETATM 1236 C C08 . M8R B 2 .   ? 8.76315   -5.09129  -16.93286 1.000 19.87920 ?  301 M8R A C08 1 
HETATM 1237 C C09 . M8R B 2 .   ? 9.16624   -5.18513  -18.40573 1.000 24.72345 ?  301 M8R A C09 1 
HETATM 1238 C C14 . M8R B 2 .   ? 11.28452  -6.20316  -19.21583 1.000 27.85826 ?  301 M8R A C14 1 
HETATM 1239 C C18 . M8R B 2 .   ? 12.60735  -6.64710  -21.92237 1.000 27.77561 ?  301 M8R A C18 1 
HETATM 1240 C C19 . M8R B 2 .   ? 12.77913  -5.22842  -22.36911 1.000 27.52037 ?  301 M8R A C19 1 
HETATM 1241 C C23 . M8R B 2 .   ? 13.85708  -4.05399  -24.22255 1.000 25.95054 ?  301 M8R A C23 1 
HETATM 1242 C C25 . M8R B 2 .   ? 13.86572  -6.67778  -23.87855 1.000 29.77524 ?  301 M8R A C25 1 
HETATM 1243 C C27 . M8R B 2 .   ? 13.48751  -8.89641  -22.98423 1.000 32.85493 ?  301 M8R A C27 1 
HETATM 1244 C C29 . M8R B 2 .   ? 14.76851  -8.61045  -25.02461 1.000 28.19193 ?  301 M8R A C29 1 
HETATM 1245 C C30 . M8R B 2 .   ? 14.58768  -7.23281  -24.94259 1.000 31.08150 ?  301 M8R A C30 1 
HETATM 1246 N N01 . M8R B 2 .   ? 10.58826  -5.77589  -15.43186 1.000 20.39554 ?  301 M8R A N01 1 
HETATM 1247 N N06 . M8R B 2 .   ? 9.07297   -7.39002  -16.09206 1.000 22.44827 ?  301 M8R A N06 1 
HETATM 1248 N N13 . M8R B 2 .   ? 10.60560  -5.16596  -18.47346 1.000 24.91846 ?  301 M8R A N13 1 
HETATM 1249 O O03 . M8R B 2 .   ? 12.22914  -6.31177  -14.10005 1.000 22.03413 ?  301 M8R A O03 1 
HETATM 1250 O O11 . M8R B 2 .   ? 9.35033   -2.96133  -19.29875 1.000 27.10787 -1 301 M8R A O11 1 
HETATM 1251 O O12 . M8R B 2 .   ? 7.52254   -4.06884  -19.76210 1.000 24.69343 ?  301 M8R A O12 1 
HETATM 1252 O O15 . M8R B 2 .   ? 10.72394  -7.21402  -19.47657 1.000 30.84280 ?  301 M8R A O15 1 
HETATM 1253 O O16 . M8R B 2 .   ? 12.59945  -5.98252  -19.61383 1.000 34.40247 ?  301 M8R A O16 1 
HETATM 1254 O O   . HOH C 3 .   ? 11.09849  -2.05534  -26.02891 1.000 32.28853 ?  401 HOH A O   1 
HETATM 1255 O O   . HOH C 3 .   ? -2.14167  10.02939  -12.59953 1.000 36.73415 ?  402 HOH A O   1 
HETATM 1256 O O   . HOH C 3 .   ? -12.90490 7.74199   14.06103  1.000 27.42476 ?  403 HOH A O   1 
HETATM 1257 O O   . HOH C 3 .   ? 3.87635   -7.16005  -22.10844 1.000 30.17663 ?  404 HOH A O   1 
HETATM 1258 O O   . HOH C 3 .   ? -8.24773  2.31950   2.68773   1.000 36.41610 ?  405 HOH A O   1 
HETATM 1259 O O   . HOH C 3 .   ? 1.83196   11.05953  -11.09274 1.000 31.62964 ?  406 HOH A O   1 
HETATM 1260 O O   . HOH C 3 .   ? 6.10370   -3.05613  19.11652  1.000 41.85587 ?  407 HOH A O   1 
HETATM 1261 O O   . HOH C 3 .   ? -6.12422  -7.09683  1.94059   1.000 36.99390 ?  408 HOH A O   1 
HETATM 1262 O O   . HOH C 3 .   ? -4.62694  -15.02025 7.04604   1.000 40.31666 ?  409 HOH A O   1 
HETATM 1263 O O   . HOH C 3 .   ? 15.27956  7.70838   -2.86307  1.000 40.11463 ?  410 HOH A O   1 
HETATM 1264 O O   . HOH C 3 .   ? -6.97830  -5.04495  21.60011  1.000 40.58172 ?  411 HOH A O   1 
HETATM 1265 O O   . HOH C 3 .   ? -11.19128 -1.29938  21.12269  1.000 24.15879 ?  412 HOH A O   1 
HETATM 1266 O O   . HOH C 3 .   ? -11.84541 8.37723   22.14535  1.000 26.42515 ?  413 HOH A O   1 
HETATM 1267 O O   . HOH C 3 .   ? -4.82459  -1.48745  -20.48018 1.000 23.09476 ?  414 HOH A O   1 
HETATM 1268 O O   . HOH C 3 .   ? -1.94518  8.14662   -14.39760 1.000 30.84914 ?  415 HOH A O   1 
HETATM 1269 O O   . HOH C 3 .   ? -4.80025  -1.49340  -3.63119  1.000 29.67224 ?  416 HOH A O   1 
HETATM 1270 O O   . HOH C 3 .   ? 0.58300   6.31763   1.48195   1.000 26.63326 ?  417 HOH A O   1 
HETATM 1271 O O   . HOH C 3 .   ? -1.21872  13.37256  5.89103   1.000 25.38627 ?  418 HOH A O   1 
HETATM 1272 O O   . HOH C 3 .   ? -1.37717  12.51142  19.47089  1.000 25.55731 ?  419 HOH A O   1 
HETATM 1273 O O   . HOH C 3 .   ? -14.65913 6.10937   16.24252  1.000 23.69271 ?  420 HOH A O   1 
HETATM 1274 O O   . HOH C 3 .   ? -6.85999  4.66293   21.03361  1.000 25.62356 ?  421 HOH A O   1 
HETATM 1275 O O   . HOH C 3 .   ? -7.44838  -0.54240  -6.11562  1.000 30.85029 ?  422 HOH A O   1 
HETATM 1276 O O   . HOH C 3 .   ? -11.90742 7.82920   1.74744   1.000 44.10116 ?  423 HOH A O   1 
HETATM 1277 O O   . HOH C 3 .   ? 18.66844  2.59941   -17.10936 1.000 35.13940 ?  424 HOH A O   1 
HETATM 1278 O O   . HOH C 3 .   ? -3.02541  -8.49859  -16.05602 1.000 23.86658 ?  425 HOH A O   1 
HETATM 1279 O O   . HOH C 3 .   ? 4.24751   9.05474   14.47892  1.000 21.46533 ?  426 HOH A O   1 
HETATM 1280 O O   . HOH C 3 .   ? -0.95109  3.16183   -3.28105  1.000 39.92537 ?  427 HOH A O   1 
HETATM 1281 O O   . HOH C 3 .   ? 3.19407   -9.86411  -22.55623 1.000 32.00208 ?  428 HOH A O   1 
HETATM 1282 O O   . HOH C 3 .   ? -6.40062  -6.07407  18.32060  1.000 38.35368 ?  429 HOH A O   1 
HETATM 1283 O O   . HOH C 3 .   ? 12.05992  11.54828  -18.84442 1.000 15.60823 ?  430 HOH A O   1 
HETATM 1284 O O   . HOH C 3 .   ? -13.38860 -10.69551 13.11887  1.000 36.22121 ?  431 HOH A O   1 
HETATM 1285 O O   . HOH C 3 .   ? 7.11801   13.83506  18.04031  1.000 37.77424 ?  432 HOH A O   1 
HETATM 1286 O O   . HOH C 3 .   ? 5.86589   12.04906  19.93794  1.000 38.31078 ?  433 HOH A O   1 
HETATM 1287 O O   . HOH C 3 .   ? -7.59235  -10.62578 2.18351   1.000 28.10005 ?  434 HOH A O   1 
HETATM 1288 O O   . HOH C 3 .   ? 1.66454   9.51269   -22.19847 1.000 26.52134 ?  435 HOH A O   1 
HETATM 1289 O O   . HOH C 3 .   ? 14.87676  -3.70870  -4.77037  1.000 34.05643 ?  436 HOH A O   1 
HETATM 1290 O O   . HOH C 3 .   ? -3.75326  -9.16200  -6.86033  1.000 21.94594 ?  437 HOH A O   1 
HETATM 1291 O O   . HOH C 3 .   ? -9.55717  12.74214  17.90267  1.000 28.99205 ?  438 HOH A O   1 
HETATM 1292 O O   . HOH C 3 .   ? 17.66270  9.39634   -27.40303 1.000 36.33368 ?  439 HOH A O   1 
HETATM 1293 O O   . HOH C 3 .   ? -6.83053  -8.00674  21.84255  1.000 42.85041 ?  440 HOH A O   1 
HETATM 1294 O O   . HOH C 3 .   ? -15.12625 3.10110   5.67717   1.000 33.42073 ?  441 HOH A O   1 
HETATM 1295 O O   . HOH C 3 .   ? 12.44789  9.01688   -14.95702 1.000 19.82769 ?  442 HOH A O   1 
HETATM 1296 O O   . HOH C 3 .   ? 12.45515  3.34564   -28.03414 1.000 23.52696 ?  443 HOH A O   1 
HETATM 1297 O O   . HOH C 3 .   ? -5.05906  -4.85284  1.86898   1.000 36.22283 ?  444 HOH A O   1 
HETATM 1298 O O   . HOH C 3 .   ? 2.05405   -3.96217  -27.57827 1.000 30.70792 ?  445 HOH A O   1 
HETATM 1299 O O   . HOH C 3 .   ? 8.15965   -8.67700  -4.61890  1.000 26.08897 ?  446 HOH A O   1 
HETATM 1300 O O   . HOH C 3 .   ? -6.88595  -4.25625  -13.58428 1.000 27.17971 ?  447 HOH A O   1 
HETATM 1301 O O   . HOH C 3 .   ? 1.67977   2.03843   -27.49767 1.000 31.06811 ?  448 HOH A O   1 
HETATM 1302 O O   . HOH C 3 .   ? -1.87356  -12.52422 -15.18010 1.000 30.59686 ?  449 HOH A O   1 
HETATM 1303 O O   . HOH C 3 .   ? 17.24465  -4.38252  -9.84194  1.000 36.34854 ?  450 HOH A O   1 
HETATM 1304 O O   . HOH C 3 .   ? -2.90375  1.42396   -10.90275 1.000 16.28453 ?  451 HOH A O   1 
HETATM 1305 O O   . HOH C 3 .   ? 6.02302   9.71065   -6.06830  1.000 32.74331 ?  452 HOH A O   1 
HETATM 1306 O O   . HOH C 3 .   ? -3.86971  10.75374  21.43530  1.000 26.52743 ?  453 HOH A O   1 
HETATM 1307 O O   . HOH C 3 .   ? -4.17399  -12.03280 -9.66693  1.000 36.06691 ?  454 HOH A O   1 
HETATM 1308 O O   . HOH C 3 .   ? -1.35716  9.53313   11.18936  1.000 16.45672 ?  455 HOH A O   1 
HETATM 1309 O O   . HOH C 3 .   ? -18.58032 4.26615   10.58331  1.000 35.81140 ?  456 HOH A O   1 
HETATM 1310 O O   . HOH C 3 .   ? 11.68849  8.24251   -26.00673 1.000 20.47609 ?  457 HOH A O   1 
HETATM 1311 O O   . HOH C 3 .   ? 4.79353   -4.82249  -4.75663  1.000 32.12648 ?  458 HOH A O   1 
HETATM 1312 O O   . HOH C 3 .   ? 7.82565   9.98828   13.09400  1.000 30.47549 ?  459 HOH A O   1 
HETATM 1313 O O   . HOH C 3 .   ? 14.36905  -7.94660  -13.33952 1.000 38.44899 ?  460 HOH A O   1 
HETATM 1314 O O   . HOH C 3 .   ? 1.58342   9.54682   -17.89978 1.000 33.33993 ?  461 HOH A O   1 
HETATM 1315 O O   . HOH C 3 .   ? 2.52079   -14.43637 -3.05102  1.000 38.94685 ?  462 HOH A O   1 
HETATM 1316 O O   . HOH C 3 .   ? 9.77044   9.57420   9.68968   1.000 28.55662 ?  463 HOH A O   1 
HETATM 1317 O O   . HOH C 3 .   ? 6.67443   -8.79657  -24.27328 1.000 37.28777 ?  464 HOH A O   1 
HETATM 1318 O O   . HOH C 3 .   ? -17.50633 2.53449   9.27167   1.000 39.02615 ?  465 HOH A O   1 
HETATM 1319 O O   . HOH C 3 .   ? -0.49529  -2.09731  -28.46131 1.000 33.87555 ?  466 HOH A O   1 
HETATM 1320 O O   . HOH C 3 .   ? 9.07513   2.90254   -26.38134 1.000 25.56881 ?  467 HOH A O   1 
HETATM 1321 O O   . HOH C 3 .   ? 15.31442  8.21749   -22.46062 1.000 19.04877 ?  468 HOH A O   1 
HETATM 1322 O O   . HOH C 3 .   ? -5.81139  0.95709   23.51397  1.000 29.86103 ?  469 HOH A O   1 
HETATM 1323 O O   . HOH C 3 .   ? 17.81506  1.85586   -8.13571  1.000 36.83573 ?  470 HOH A O   1 
HETATM 1324 O O   . HOH C 3 .   ? 9.21107   4.12844   12.09054  1.000 36.92499 ?  471 HOH A O   1 
HETATM 1325 O O   . HOH C 3 .   ? 0.12304   -5.56011  3.46657   1.000 32.14723 ?  472 HOH A O   1 
HETATM 1326 O O   . HOH C 3 .   ? 4.92315   3.19917   -25.96053 1.000 25.62849 ?  473 HOH A O   1 
HETATM 1327 O O   . HOH C 3 .   ? -11.49484 -6.05371  25.86739  1.000 40.40127 ?  474 HOH A O   1 
HETATM 1328 O O   . HOH C 3 .   ? -3.96129  6.28432   -22.27139 1.000 26.38474 ?  475 HOH A O   1 
HETATM 1329 O O   . HOH C 3 .   ? -13.12604 12.63317  2.53303   1.000 42.25149 ?  476 HOH A O   1 
HETATM 1330 O O   . HOH C 3 .   ? 18.69645  3.02729   -12.07448 1.000 30.82548 ?  477 HOH A O   1 
HETATM 1331 O O   . HOH C 3 .   ? 7.62183   4.71368   22.44178  1.000 42.46682 ?  478 HOH A O   1 
HETATM 1332 O O   . HOH C 3 .   ? -6.21273  10.72977  0.52148   1.000 41.05873 ?  479 HOH A O   1 
HETATM 1333 O O   . HOH C 3 .   ? -4.40843  -5.50216  -13.50709 1.000 21.10721 ?  480 HOH A O   1 
HETATM 1334 O O   . HOH C 3 .   ? 17.21500  4.34050   -14.15586 1.000 26.29663 ?  481 HOH A O   1 
HETATM 1335 O O   . HOH C 3 .   ? 6.36792   -14.28439 -14.45124 1.000 33.51248 ?  482 HOH A O   1 
HETATM 1336 O O   . HOH C 3 .   ? 9.58478   14.66666  15.75855  1.000 33.74440 ?  483 HOH A O   1 
HETATM 1337 O O   . HOH C 3 .   ? -4.41714  -9.70807  -13.82762 1.000 23.57407 ?  484 HOH A O   1 
HETATM 1338 O O   . HOH C 3 .   ? -1.25165  -12.59800 4.99893   1.000 36.94024 ?  485 HOH A O   1 
HETATM 1339 O O   . HOH C 3 .   ? -4.92364  -10.17623 24.10321  1.000 52.27462 ?  486 HOH A O   1 
HETATM 1340 O O   . HOH C 3 .   ? 2.76171   -4.78968  3.16808   1.000 33.95487 ?  487 HOH A O   1 
HETATM 1341 O O   . HOH C 3 .   ? 17.04948  -3.26795  -5.08599  1.000 41.10768 ?  488 HOH A O   1 
HETATM 1342 O O   . HOH C 3 .   ? 8.42752   1.22316   -23.82044 1.000 16.98503 ?  489 HOH A O   1 
HETATM 1343 O O   . HOH C 3 .   ? -7.99574  2.40934   22.35211  1.000 28.84169 ?  490 HOH A O   1 
HETATM 1344 O O   . HOH C 3 .   ? -7.16004  12.58864  20.69888  1.000 21.02046 ?  491 HOH A O   1 
HETATM 1345 O O   . HOH C 3 .   ? 16.96156  9.45297   -24.18023 1.000 28.93572 ?  492 HOH A O   1 
HETATM 1346 O O   . HOH C 3 .   ? 10.05541  -11.81739 -5.13415  1.000 29.48995 ?  493 HOH A O   1 
HETATM 1347 O O   . HOH C 3 .   ? -14.33838 0.83478   19.69243  1.000 32.81160 ?  494 HOH A O   1 
HETATM 1348 O O   . HOH C 3 .   ? 12.16748  7.23962   -2.74210  1.000 37.81522 ?  495 HOH A O   1 
HETATM 1349 O O   . HOH C 3 .   ? 4.36277   10.54301  -3.72840  1.000 34.26381 ?  496 HOH A O   1 
HETATM 1350 O O   . HOH C 3 .   ? -15.63835 -5.36599  10.46839  1.000 34.12373 ?  497 HOH A O   1 
HETATM 1351 O O   . HOH C 3 .   ? 5.05347   7.56860   21.23309  1.000 28.86823 ?  498 HOH A O   1 
HETATM 1352 O O   . HOH C 3 .   ? 18.52428  1.67139   -20.79514 1.000 26.73229 ?  499 HOH A O   1 
HETATM 1353 O O   . HOH C 3 .   ? -11.26846 6.26960   15.50271  1.000 18.06109 ?  500 HOH A O   1 
HETATM 1354 O O   . HOH C 3 .   ? -16.83426 6.99911   7.01469   1.000 30.93379 ?  501 HOH A O   1 
HETATM 1355 O O   . HOH C 3 .   ? 20.73061  10.07462  -25.91607 1.000 34.05171 ?  502 HOH A O   1 
HETATM 1356 O O   . HOH C 3 .   ? -5.19576  9.80574   24.33698  1.000 43.77678 ?  503 HOH A O   1 
HETATM 1357 O O   . HOH C 3 .   ? 17.99553  -2.23164  -12.22329 1.000 35.05986 ?  504 HOH A O   1 
HETATM 1358 O O   . HOH C 3 .   ? 2.04818   -6.88618  14.93138  1.000 45.62437 ?  505 HOH A O   1 
HETATM 1359 O O   . HOH C 3 .   ? 6.47584   -8.18418  -17.36962 1.000 26.38710 ?  506 HOH A O   1 
HETATM 1360 O O   . HOH C 3 .   ? -16.19637 -0.52026  8.65492   1.000 31.98163 ?  507 HOH A O   1 
HETATM 1361 O O   . HOH C 3 .   ? -11.12493 -12.42549 9.76002   1.000 36.18075 ?  508 HOH A O   1 
HETATM 1362 O O   . HOH C 3 .   ? 17.32798  5.78985   -18.72874 1.000 34.77417 ?  509 HOH A O   1 
HETATM 1363 O O   . HOH C 3 .   ? 9.68192   -14.15933 -7.83170  1.000 26.46422 ?  510 HOH A O   1 
HETATM 1364 O O   . HOH C 3 .   ? 6.11946   0.87305   -30.40039 1.000 26.45015 ?  511 HOH A O   1 
HETATM 1365 O O   . HOH C 3 .   ? -7.39297  17.09626  3.50441   1.000 33.89482 ?  512 HOH A O   1 
HETATM 1366 O O   . HOH C 3 .   ? -9.79275  1.05013   24.42905  1.000 42.67149 ?  513 HOH A O   1 
HETATM 1367 O O   . HOH C 3 .   ? -1.02579  -8.68810  -23.18978 1.000 38.96138 ?  514 HOH A O   1 
HETATM 1368 O O   . HOH C 3 .   ? 17.70643  5.72089   -16.59467 1.000 40.02487 ?  515 HOH A O   1 
HETATM 1369 O O   . HOH C 3 .   ? 9.77455   1.66992   -28.19769 1.000 30.91793 ?  516 HOH A O   1 
HETATM 1370 O O   . HOH C 3 .   ? -1.89228  10.46951  -9.17563  1.000 35.96602 ?  517 HOH A O   1 
HETATM 1371 O O   . HOH C 3 .   ? 13.12970  1.32494   -24.99980 1.000 26.84466 ?  518 HOH A O   1 
HETATM 1372 O O   . HOH C 3 .   ? 3.22088   9.75507   21.93245  1.000 33.48907 ?  519 HOH A O   1 
HETATM 1373 O O   . HOH C 3 .   ? -2.66596  -9.62442  14.05523  1.000 45.29263 ?  520 HOH A O   1 
HETATM 1374 O O   . HOH C 3 .   ? 8.97831   2.51427   18.25767  1.000 32.86703 ?  521 HOH A O   1 
HETATM 1375 O O   . HOH C 3 .   ? -1.69305  -6.85304  0.12390   1.000 39.47238 ?  522 HOH A O   1 
HETATM 1376 O O   . HOH C 3 .   ? 0.28812   -13.25501 -10.65713 1.000 33.08030 ?  523 HOH A O   1 
HETATM 1377 O O   . HOH C 3 .   ? 8.89388   4.52200   15.64531  1.000 29.02797 ?  524 HOH A O   1 
HETATM 1378 O O   . HOH C 3 .   ? -0.65450  -6.64983  -24.33470 1.000 37.51864 ?  525 HOH A O   1 
HETATM 1379 O O   . HOH C 3 .   ? 1.72226   -7.48537  -24.01539 1.000 32.65639 ?  526 HOH A O   1 
HETATM 1380 O O   . HOH C 3 .   ? 9.28175   7.77938   12.61288  1.000 32.05718 ?  527 HOH A O   1 
HETATM 1381 O O   . HOH C 3 .   ? -8.74453  9.35641   26.45186  1.000 41.08011 ?  528 HOH A O   1 
HETATM 1382 O O   . HOH C 3 .   ? -5.87366  -4.14266  -17.57344 1.000 30.78792 ?  529 HOH A O   1 
HETATM 1383 O O   . HOH C 3 .   ? -9.84859  10.38870  22.60546  1.000 34.44484 ?  530 HOH A O   1 
HETATM 1384 O O   . HOH C 3 .   ? 5.57541   -5.50250  -2.71121  1.000 34.21639 ?  531 HOH A O   1 
HETATM 1385 O O   . HOH C 3 .   ? -2.90870  -7.52807  14.78118  1.000 37.34826 ?  532 HOH A O   1 
HETATM 1386 O O   . HOH C 3 .   ? -13.53277 -6.44299  10.58973  1.000 33.16850 ?  533 HOH A O   1 
HETATM 1387 O O   . HOH C 3 .   ? 9.70055   3.05608   21.15497  1.000 43.42607 ?  534 HOH A O   1 
HETATM 1388 O O   . HOH C 3 .   ? -17.07065 -2.17239  22.05681  1.000 25.24078 ?  535 HOH A O   1 
HETATM 1389 O O   . HOH C 3 .   ? 6.07387   -7.11135  -19.74155 1.000 35.99112 ?  536 HOH A O   1 
HETATM 1390 O O   . HOH C 3 .   ? -3.92160  -9.00909  2.36093   1.000 42.33895 ?  537 HOH A O   1 
HETATM 1391 O O   . HOH C 3 .   ? 0.55362   -17.28263 -8.99604  1.000 41.87961 ?  538 HOH A O   1 
HETATM 1392 O O   . HOH C 3 .   ? -3.31575  4.94666   -25.61369 1.000 36.43590 ?  539 HOH A O   1 
HETATM 1393 O O   . HOH C 3 .   ? -10.59069 14.39033  3.64907   1.000 39.25599 ?  540 HOH A O   1 
HETATM 1394 O O   . HOH C 3 .   ? -0.10360  -8.06218  9.85193   1.000 35.63903 ?  541 HOH A O   1 
HETATM 1395 O O   . HOH C 3 .   ? 11.09994  -0.14739  -24.03655 1.000 31.41465 ?  542 HOH A O   1 
HETATM 1396 O O   . HOH C 3 .   ? -2.14847  -4.34264  1.16370   1.000 25.79172 ?  543 HOH A O   1 
HETATM 1397 O O   . HOH C 3 .   ? -15.43561 -0.03501  5.75835   1.000 45.16710 ?  544 HOH A O   1 
HETATM 1398 O O   . HOH C 3 .   ? -12.50000 -15.62166 4.68444   1.000 44.94946 ?  545 HOH A O   1 
HETATM 1399 O O   . HOH C 3 .   ? -20.01889 -0.24611  20.51937  1.000 29.76745 ?  546 HOH A O   1 
HETATM 1400 O O   . HOH C 3 .   ? -14.12976 -9.21971  11.02579  1.000 40.63460 ?  547 HOH A O   1 
HETATM 1401 O O   . HOH C 3 .   ? 7.02837   -7.14926  -2.44809  1.000 41.23950 ?  548 HOH A O   1 
HETATM 1402 O O   . HOH C 3 .   ? 0.68911   -12.86913 -1.01727  1.000 41.37888 ?  549 HOH A O   1 
HETATM 1403 O O   . HOH C 3 .   ? -1.55539  11.85770  12.54772  1.000 18.27320 ?  550 HOH A O   1 
HETATM 1404 O O   . HOH C 3 .   ? 0.20519   -8.35241  12.26596  1.000 40.02852 ?  551 HOH A O   1 
HETATM 1405 O O   . HOH C 3 .   ? 3.85755   2.84508   4.55164   1.000 38.70528 ?  552 HOH A O   1 
HETATM 1406 O O   . HOH C 3 .   ? -5.41376  2.92368   -11.77719 1.000 32.43505 ?  553 HOH A O   1 
HETATM 1407 O O   . HOH C 3 .   ? 7.54798   -10.88087 -17.57895 1.000 42.48910 ?  554 HOH A O   1 
HETATM 1408 O O   . HOH C 3 .   ? -8.05404  1.63257   -11.93684 1.000 31.16571 ?  555 HOH A O   1 
HETATM 1409 O O   . HOH C 3 .   ? 2.22882   -16.51000 -2.09768  1.000 52.01882 ?  556 HOH A O   1 
HETATM 1410 O O   . HOH C 3 .   ? -0.07822  -10.86296 9.08465   1.000 44.95306 ?  557 HOH A O   1 
HETATM 1411 O O   . HOH C 3 .   ? -3.05803  11.79460  -11.73317 1.000 40.48555 ?  558 HOH A O   1 
HETATM 1412 O O   . HOH C 3 .   ? 8.95199   7.40576   16.72127  1.000 35.72478 ?  559 HOH A O   1 
HETATM 1413 O O   . HOH C 3 .   ? -12.10074 3.47898   23.35457  1.000 34.96293 ?  560 HOH A O   1 
HETATM 1414 O O   . HOH C 3 .   ? -5.55392  -7.38643  -22.85388 1.000 39.96335 ?  561 HOH A O   1 
HETATM 1415 O O   . HOH C 3 .   ? 9.06424   -5.80001  -33.05423 1.000 42.27681 ?  562 HOH A O   1 
HETATM 1416 O O   . HOH C 3 .   ? -2.55336  -13.27183 -10.94711 1.000 44.29602 ?  563 HOH A O   1 
HETATM 1417 O O   . HOH C 3 .   ? -4.19130  -8.98656  -23.60419 1.000 43.09148 ?  564 HOH A O   1 
HETATM 1418 O O   . HOH C 3 .   ? -4.93726  12.88209  0.58844   1.000 42.75237 ?  565 HOH A O   1 
HETATM 1419 O O   . HOH C 3 .   ? 10.01701  11.75420  12.59505  1.000 42.15630 ?  566 HOH A O   1 
HETATM 1420 O O   . HOH C 3 .   ? -3.46164  -12.02368 -13.05774 1.000 34.79720 ?  567 HOH A O   1 
HETATM 1421 O O   . HOH C 3 .   ? -1.65545  -3.44239  -30.05186 1.000 36.24859 ?  568 HOH A O   1 
HETATM 1422 O O   . HOH C 3 .   ? -1.90448  -9.41813  0.79868   1.000 44.90922 ?  569 HOH A O   1 
HETATM 1423 O O   . HOH C 3 .   ? -4.24406  -5.89336  -15.83484 1.000 35.55730 ?  570 HOH A O   1 
HETATM 1424 O O   . HOH C 3 .   ? 5.21855   11.62255  -1.73176  0.50  38.16991 ?  571 HOH A O   1 
HETATM 1425 O O   . HOH C 3 .   ? -10.25394 16.53635  4.77697   1.000 38.57212 ?  572 HOH A O   1 
HETATM 1426 O O   . HOH C 3 .   ? 0.27054   9.35490   -25.62374 1.000 37.97914 ?  573 HOH A O   1 
HETATM 1427 O O   . HOH C 3 .   ? 6.05659   3.92684   4.36930   1.000 45.23310 ?  574 HOH A O   1 
HETATM 1428 O O   . HOH C 3 .   ? 18.33358  -4.43902  -7.74269  1.000 44.01465 ?  575 HOH A O   1 
HETATM 1429 O O   . HOH C 3 .   ? 5.04734   10.36771  24.03646  1.000 50.27118 ?  576 HOH A O   1 
HETATM 1430 O O   . HOH C 3 .   ? 2.43574   10.14791  -24.80184 1.000 29.52928 ?  577 HOH A O   1 
HETATM 1431 O O   . HOH C 3 .   ? 11.10608  8.17632   14.91717  1.000 43.89778 ?  578 HOH A O   1 
# 
